data_8EUX
#
_entry.id   8EUX
#
_cell.length_a   136.929
_cell.length_b   178.571
_cell.length_c   180.308
_cell.angle_alpha   90.000
_cell.angle_beta   90.000
_cell.angle_gamma   90.000
#
_symmetry.space_group_name_H-M   'I 2 2 2'
#
loop_
_entity.id
_entity.type
_entity.pdbx_description
1 polymer 'Chaetomium alpha glucosidase'
2 non-polymer (2R,3R,4R,5S)-2-(hydroxymethyl)-1-{5-[4-(2-methoxyethyl)phenyl]pentyl}piperidine-3,4,5-triol
3 non-polymer GLYCEROL
4 non-polymer 'SULFATE ION'
5 non-polymer 2-acetamido-2-deoxy-beta-D-glucopyranose
6 water water
#
_entity_poly.entity_id   1
_entity_poly.type   'polypeptide(L)'
_entity_poly.pdbx_seq_one_letter_code
;MGILPSPGMPALLSLVSLLSVLLMGCVAETGVEGESILHSEIGRLNNQSLLWGPYRPNIYFGTRPRIGKSLMTGLMWGKI
ESYTDFQHTVRYTCEQNEGMKGYGWDEYDPRRGGIQSIHDIQNGLDITTSFVKIPGGAHGGSWAARIKGTLNDDAPKDQK
TIVVFYVSQEGENSELEAVPSENEFGYEGDVILKGRSEALGNYKLVVTKGKGVIPQSDHDLSRLRGPGQTVVQSLTYPDE
VLWQAKPILFQQLKAGIDWLVENKYDVADPPPPWQVYLLANKPGSGNVHIVQKVFEGDFEFDILFSSESAGKEVTSKDLE
REVKQATEVFGERFARVFDLKAPFQGDNYKKFGKSMFSNLIGGIGYFYGHSLVDRSYAPEYDEENEGFWEDAAEARARHQ
EALEGPYELFTSIPSRPFFPRGFLWDEGFHLLPIADWDIDLALEIIKSWYNLMDEDGWIAREQILGAEARSKVPKEFQTQ
YPHYANPPTLFLVLDNFVERLRKNNASQPVVKDNLSLDETLSTASVDNPEVGLEYLRRLYPLLRRQFDWFRKTQAGDIKS
YDREAYSTKEAYRWRGRTVSHCLTSGLDDYPRPQPPHPGELHVDLMSWVGVMVKSLISIGSLLGATEDVEFYTKVLDAIE
HNLDDLHWSEKEGCYCDATIDEFEEHKLVCHKGYISLFPFLTGLLKPDSPKLGKLLALIGDESELWSPYGLRSLSKKDEF
YGTAENYWRSPVWININYLAIVQLYNIATQDGPYKETARDLYTRLRKNIVETVYRNWEETGFAWEQYNPETGKGQRTQHF
TGWTSLVVKIMSGHHHHHH
;
_entity_poly.pdbx_strand_id   A,B
#
# COMPACT_ATOMS: atom_id res chain seq x y z
N LEU A 38 -18.58 29.91 -1.37
CA LEU A 38 -19.82 29.34 -2.01
C LEU A 38 -19.56 27.91 -2.51
N HIS A 39 -18.30 27.57 -2.84
CA HIS A 39 -17.94 26.19 -3.13
C HIS A 39 -18.09 25.33 -1.87
N SER A 40 -17.44 25.75 -0.77
CA SER A 40 -17.51 25.12 0.54
C SER A 40 -18.96 24.96 1.00
N GLU A 41 -19.77 25.98 0.70
CA GLU A 41 -21.17 26.05 1.08
C GLU A 41 -21.95 24.91 0.41
N ILE A 42 -21.80 24.79 -0.92
CA ILE A 42 -22.49 23.82 -1.75
C ILE A 42 -22.08 22.41 -1.33
N GLY A 43 -20.77 22.22 -1.15
CA GLY A 43 -20.19 20.98 -0.63
C GLY A 43 -20.86 20.48 0.64
N ARG A 44 -21.09 21.39 1.61
CA ARG A 44 -21.70 21.05 2.89
C ARG A 44 -23.17 20.70 2.67
N LEU A 45 -23.82 21.39 1.73
CA LEU A 45 -25.24 21.17 1.46
C LEU A 45 -25.46 19.81 0.80
N ASN A 46 -24.50 19.41 -0.06
CA ASN A 46 -24.47 18.11 -0.75
C ASN A 46 -24.23 16.99 0.27
N ASN A 47 -23.23 17.18 1.15
CA ASN A 47 -22.96 16.23 2.21
C ASN A 47 -24.27 15.95 2.96
N GLN A 48 -24.91 17.04 3.41
CA GLN A 48 -26.11 16.97 4.24
C GLN A 48 -27.24 16.30 3.45
N SER A 49 -27.28 16.55 2.13
CA SER A 49 -28.34 16.00 1.29
C SER A 49 -28.17 14.50 1.09
N LEU A 50 -26.91 14.04 0.90
CA LEU A 50 -26.72 12.71 0.37
C LEU A 50 -26.40 11.73 1.49
N LEU A 51 -26.34 12.23 2.73
CA LEU A 51 -25.72 11.47 3.80
C LEU A 51 -26.47 10.16 4.03
N TRP A 52 -27.80 10.25 4.19
CA TRP A 52 -28.61 9.06 4.41
C TRP A 52 -29.13 8.52 3.09
N GLY A 53 -29.12 7.19 2.97
CA GLY A 53 -29.81 6.52 1.88
C GLY A 53 -29.92 5.04 2.18
N PRO A 54 -30.54 4.25 1.29
CA PRO A 54 -30.60 2.81 1.51
C PRO A 54 -29.42 2.23 0.76
N TYR A 55 -28.21 2.60 1.19
CA TYR A 55 -26.98 2.44 0.43
C TYR A 55 -26.36 1.06 0.60
N ARG A 56 -27.20 0.03 0.70
CA ARG A 56 -26.71 -1.33 0.82
C ARG A 56 -27.32 -2.15 -0.31
N PRO A 57 -26.99 -1.85 -1.58
CA PRO A 57 -27.56 -2.57 -2.71
C PRO A 57 -27.31 -4.08 -2.73
N ASN A 58 -26.44 -4.59 -1.84
CA ASN A 58 -26.06 -6.00 -1.83
C ASN A 58 -27.16 -6.76 -1.08
N ILE A 59 -27.97 -6.03 -0.30
CA ILE A 59 -29.06 -6.72 0.37
C ILE A 59 -30.36 -6.14 -0.18
N TYR A 60 -31.45 -6.92 -0.04
CA TYR A 60 -32.72 -6.53 -0.67
C TYR A 60 -33.15 -5.17 -0.15
N PHE A 61 -32.99 -4.96 1.17
CA PHE A 61 -33.38 -3.69 1.77
C PHE A 61 -32.66 -3.47 3.11
N GLY A 62 -32.13 -2.26 3.26
CA GLY A 62 -31.39 -1.84 4.43
C GLY A 62 -30.86 -0.43 4.25
N THR A 63 -30.43 0.19 5.34
CA THR A 63 -29.98 1.56 5.26
C THR A 63 -28.66 1.69 6.02
N ARG A 64 -27.79 2.59 5.50
CA ARG A 64 -26.59 3.09 6.15
C ARG A 64 -26.26 4.48 5.64
N PRO A 65 -25.64 5.34 6.45
CA PRO A 65 -25.26 6.68 6.01
C PRO A 65 -23.92 6.59 5.28
N ARG A 66 -23.48 7.68 4.65
CA ARG A 66 -22.16 7.71 4.07
C ARG A 66 -21.13 7.93 5.17
N ILE A 67 -21.06 7.01 6.15
CA ILE A 67 -20.07 7.05 7.21
C ILE A 67 -19.55 5.63 7.39
N GLY A 68 -18.22 5.48 7.46
CA GLY A 68 -17.62 4.17 7.51
C GLY A 68 -18.05 3.30 8.70
N LYS A 69 -17.98 3.83 9.93
CA LYS A 69 -18.35 3.07 11.11
C LYS A 69 -19.52 3.75 11.80
N SER A 70 -20.74 3.25 11.62
CA SER A 70 -21.93 3.99 12.04
C SER A 70 -23.11 3.03 12.18
N LEU A 71 -24.32 3.55 11.93
CA LEU A 71 -25.57 2.81 12.14
C LEU A 71 -26.05 2.25 10.81
N MET A 72 -26.35 0.93 10.79
CA MET A 72 -26.89 0.24 9.64
C MET A 72 -28.13 -0.57 10.02
N THR A 73 -29.05 -0.69 9.07
CA THR A 73 -30.25 -1.50 9.24
C THR A 73 -30.34 -2.53 8.11
N GLY A 74 -31.12 -3.59 8.33
CA GLY A 74 -31.34 -4.61 7.29
C GLY A 74 -32.63 -5.40 7.52
N LEU A 75 -33.32 -5.72 6.42
CA LEU A 75 -34.59 -6.43 6.45
C LEU A 75 -34.38 -7.89 6.09
N MET A 76 -35.06 -8.80 6.80
CA MET A 76 -35.05 -10.23 6.50
C MET A 76 -36.47 -10.75 6.63
N TRP A 77 -36.88 -11.70 5.75
CA TRP A 77 -38.20 -12.31 5.87
C TRP A 77 -38.14 -13.76 5.40
N GLY A 78 -39.17 -14.55 5.77
CA GLY A 78 -39.17 -15.96 5.44
C GLY A 78 -40.43 -16.70 5.90
N LYS A 79 -41.11 -17.39 4.97
CA LYS A 79 -42.25 -18.21 5.36
C LYS A 79 -41.73 -19.31 6.27
N ILE A 80 -42.56 -19.71 7.24
CA ILE A 80 -42.28 -20.86 8.09
C ILE A 80 -43.44 -21.85 8.02
N GLU A 81 -43.15 -23.03 7.50
CA GLU A 81 -44.14 -24.06 7.29
C GLU A 81 -43.77 -25.28 8.12
N SER A 82 -42.52 -25.34 8.59
CA SER A 82 -42.00 -26.56 9.18
C SER A 82 -40.91 -26.22 10.21
N TYR A 83 -40.26 -27.29 10.72
CA TYR A 83 -39.35 -27.12 11.84
C TYR A 83 -37.95 -26.81 11.33
N THR A 84 -37.74 -27.00 10.03
CA THR A 84 -36.40 -26.91 9.47
C THR A 84 -36.32 -25.93 8.29
N ASP A 85 -37.46 -25.37 7.86
CA ASP A 85 -37.59 -24.74 6.55
C ASP A 85 -37.10 -23.28 6.53
N PHE A 86 -37.25 -22.54 7.65
CA PHE A 86 -36.95 -21.11 7.70
C PHE A 86 -35.51 -20.85 7.31
N GLN A 87 -34.59 -21.70 7.78
CA GLN A 87 -33.20 -21.55 7.42
C GLN A 87 -33.03 -21.46 5.90
N HIS A 88 -33.89 -22.12 5.11
CA HIS A 88 -33.80 -22.10 3.65
C HIS A 88 -34.67 -21.01 3.02
N THR A 89 -35.72 -20.59 3.71
CA THR A 89 -36.62 -19.66 3.06
C THR A 89 -36.19 -18.23 3.36
N VAL A 90 -35.56 -17.99 4.52
CA VAL A 90 -35.22 -16.62 4.88
C VAL A 90 -34.42 -15.93 3.76
N ARG A 91 -34.76 -14.67 3.51
CA ARG A 91 -34.18 -13.79 2.49
C ARG A 91 -33.42 -12.65 3.17
N TYR A 92 -32.26 -12.26 2.59
CA TYR A 92 -31.49 -11.15 3.13
C TYR A 92 -30.57 -10.56 2.07
N THR A 93 -29.53 -11.28 1.64
CA THR A 93 -28.67 -10.75 0.60
C THR A 93 -29.27 -11.09 -0.77
N CYS A 94 -29.04 -10.22 -1.76
CA CYS A 94 -29.63 -10.41 -3.08
C CYS A 94 -29.10 -11.64 -3.80
N GLU A 95 -30.01 -12.38 -4.43
CA GLU A 95 -29.67 -13.40 -5.40
C GLU A 95 -30.69 -13.40 -6.53
N GLN A 96 -30.44 -14.23 -7.56
CA GLN A 96 -31.42 -14.41 -8.63
C GLN A 96 -31.45 -15.90 -9.01
N ASN A 97 -32.49 -16.62 -8.56
CA ASN A 97 -32.73 -18.01 -8.93
C ASN A 97 -34.20 -18.18 -9.27
N GLU A 98 -34.62 -19.44 -9.50
CA GLU A 98 -36.00 -19.76 -9.87
C GLU A 98 -36.98 -19.34 -8.76
N GLY A 99 -36.46 -19.12 -7.53
CA GLY A 99 -37.22 -18.81 -6.33
C GLY A 99 -37.81 -17.39 -6.33
N MET A 100 -37.18 -16.49 -7.09
CA MET A 100 -37.40 -15.06 -7.03
C MET A 100 -37.78 -14.62 -8.44
N LYS A 101 -38.99 -14.06 -8.62
CA LYS A 101 -39.47 -13.64 -9.93
C LYS A 101 -38.71 -12.40 -10.41
N GLY A 102 -38.58 -11.43 -9.51
CA GLY A 102 -37.80 -10.26 -9.77
C GLY A 102 -37.93 -9.29 -8.61
N TYR A 103 -37.25 -8.15 -8.75
CA TYR A 103 -37.23 -7.12 -7.73
C TYR A 103 -36.46 -5.94 -8.29
N GLY A 104 -36.77 -4.74 -7.77
CA GLY A 104 -36.01 -3.55 -8.08
C GLY A 104 -36.82 -2.30 -7.75
N TRP A 105 -36.19 -1.16 -8.00
CA TRP A 105 -36.76 0.13 -7.68
C TRP A 105 -37.65 0.55 -8.83
N ASP A 106 -38.87 1.00 -8.50
CA ASP A 106 -39.79 1.57 -9.47
C ASP A 106 -39.57 3.08 -9.59
N GLU A 107 -39.19 3.72 -8.49
CA GLU A 107 -38.74 5.10 -8.53
C GLU A 107 -37.60 5.22 -7.55
N TYR A 108 -36.66 6.12 -7.81
CA TYR A 108 -35.66 6.38 -6.80
C TYR A 108 -34.90 7.65 -7.11
N ASP A 109 -34.78 8.51 -6.10
CA ASP A 109 -33.80 9.58 -6.08
C ASP A 109 -33.06 9.48 -4.77
N PRO A 110 -31.72 9.41 -4.76
CA PRO A 110 -30.97 9.26 -3.52
C PRO A 110 -31.12 10.46 -2.57
N ARG A 111 -31.54 11.61 -3.10
CA ARG A 111 -31.86 12.75 -2.27
C ARG A 111 -33.16 12.54 -1.49
N ARG A 112 -34.17 11.90 -2.11
CA ARG A 112 -35.56 11.93 -1.63
C ARG A 112 -36.05 10.57 -1.13
N GLY A 113 -35.55 9.49 -1.76
CA GLY A 113 -35.99 8.14 -1.45
C GLY A 113 -36.63 7.48 -2.66
N GLY A 114 -37.50 6.49 -2.41
CA GLY A 114 -38.06 5.71 -3.51
C GLY A 114 -38.89 4.51 -3.04
N ILE A 115 -39.37 3.73 -4.01
CA ILE A 115 -40.24 2.59 -3.79
C ILE A 115 -39.63 1.40 -4.51
N GLN A 116 -39.40 0.32 -3.76
CA GLN A 116 -38.85 -0.92 -4.30
C GLN A 116 -39.90 -2.02 -4.19
N SER A 117 -39.98 -2.86 -5.23
CA SER A 117 -40.90 -3.98 -5.34
C SER A 117 -40.12 -5.29 -5.41
N ILE A 118 -40.55 -6.28 -4.64
CA ILE A 118 -39.85 -7.57 -4.60
C ILE A 118 -40.90 -8.67 -4.81
N HIS A 119 -40.67 -9.54 -5.81
CA HIS A 119 -41.62 -10.58 -6.17
C HIS A 119 -41.02 -11.94 -5.89
N ASP A 120 -41.44 -12.53 -4.76
CA ASP A 120 -40.77 -13.67 -4.16
C ASP A 120 -41.65 -14.91 -4.34
N ILE A 121 -41.26 -15.81 -5.25
CA ILE A 121 -42.08 -16.98 -5.55
C ILE A 121 -42.05 -17.95 -4.38
N GLN A 122 -40.84 -18.22 -3.91
CA GLN A 122 -40.59 -19.18 -2.85
C GLN A 122 -41.46 -18.86 -1.64
N ASN A 123 -41.49 -17.59 -1.25
CA ASN A 123 -42.11 -17.21 -0.01
C ASN A 123 -43.49 -16.63 -0.27
N GLY A 124 -43.97 -16.73 -1.52
CA GLY A 124 -45.36 -16.46 -1.86
C GLY A 124 -45.76 -15.02 -1.58
N LEU A 125 -44.78 -14.11 -1.70
CA LEU A 125 -44.95 -12.75 -1.23
C LEU A 125 -44.56 -11.77 -2.32
N ASP A 126 -45.32 -10.67 -2.34
CA ASP A 126 -45.01 -9.46 -3.08
C ASP A 126 -44.82 -8.35 -2.04
N ILE A 127 -43.60 -7.81 -2.02
CA ILE A 127 -43.18 -6.91 -0.98
C ILE A 127 -42.92 -5.52 -1.56
N THR A 128 -43.25 -4.52 -0.74
CA THR A 128 -43.01 -3.14 -1.07
C THR A 128 -42.11 -2.54 0.00
N THR A 129 -41.10 -1.78 -0.42
CA THR A 129 -40.26 -1.09 0.54
C THR A 129 -40.15 0.37 0.11
N SER A 130 -40.89 1.27 0.79
CA SER A 130 -40.90 2.68 0.44
C SER A 130 -39.97 3.37 1.42
N PHE A 131 -39.04 4.18 0.90
CA PHE A 131 -38.05 4.80 1.78
C PHE A 131 -38.00 6.27 1.46
N VAL A 132 -37.80 7.10 2.49
CA VAL A 132 -37.98 8.54 2.30
C VAL A 132 -37.16 9.30 3.34
N LYS A 133 -36.60 10.41 2.86
CA LYS A 133 -35.69 11.18 3.69
C LYS A 133 -36.41 12.46 4.12
N ILE A 134 -36.27 12.84 5.40
CA ILE A 134 -36.88 14.09 5.82
C ILE A 134 -35.79 15.03 6.33
N PRO A 135 -35.39 16.03 5.51
CA PRO A 135 -34.32 16.96 5.86
C PRO A 135 -34.65 17.65 7.17
N GLY A 136 -33.61 18.13 7.86
CA GLY A 136 -33.76 18.78 9.15
C GLY A 136 -32.60 18.44 10.09
N GLY A 137 -32.36 19.31 11.07
CA GLY A 137 -31.31 19.07 12.05
C GLY A 137 -29.93 19.30 11.44
N ALA A 138 -28.90 18.76 12.10
CA ALA A 138 -27.54 19.09 11.72
C ALA A 138 -26.77 17.84 11.29
N HIS A 139 -27.47 16.70 11.20
CA HIS A 139 -26.81 15.41 11.18
C HIS A 139 -27.27 14.57 9.97
N GLY A 140 -27.73 15.25 8.93
CA GLY A 140 -28.03 14.55 7.71
C GLY A 140 -29.47 14.05 7.66
N GLY A 141 -30.32 14.68 8.47
CA GLY A 141 -31.77 14.54 8.32
C GLY A 141 -32.30 13.26 8.94
N SER A 142 -33.59 13.04 8.73
CA SER A 142 -34.33 11.87 9.21
C SER A 142 -34.72 11.00 8.02
N TRP A 143 -35.34 9.84 8.31
CA TRP A 143 -35.84 8.96 7.26
C TRP A 143 -36.86 7.97 7.82
N ALA A 144 -37.60 7.37 6.90
CA ALA A 144 -38.70 6.46 7.22
C ALA A 144 -38.88 5.46 6.08
N ALA A 145 -39.35 4.28 6.47
CA ALA A 145 -39.54 3.22 5.49
C ALA A 145 -40.79 2.46 5.87
N ARG A 146 -41.54 2.03 4.85
CA ARG A 146 -42.67 1.15 5.07
C ARG A 146 -42.42 -0.16 4.34
N ILE A 147 -42.56 -1.25 5.09
CA ILE A 147 -42.47 -2.59 4.57
C ILE A 147 -43.91 -3.14 4.49
N LYS A 148 -44.42 -3.37 3.28
CA LYS A 148 -45.69 -4.03 3.10
C LYS A 148 -45.48 -5.33 2.34
N GLY A 149 -45.97 -6.43 2.91
CA GLY A 149 -45.97 -7.71 2.21
C GLY A 149 -47.38 -8.20 1.94
N THR A 150 -47.67 -8.52 0.67
CA THR A 150 -48.94 -9.09 0.28
C THR A 150 -48.70 -10.55 -0.15
N LEU A 151 -49.44 -11.51 0.43
CA LEU A 151 -49.33 -12.88 -0.08
C LEU A 151 -49.85 -12.91 -1.51
N ASN A 152 -49.19 -13.70 -2.38
CA ASN A 152 -49.66 -13.79 -3.75
C ASN A 152 -50.77 -14.83 -3.80
N ASP A 153 -51.31 -15.06 -5.01
CA ASP A 153 -52.46 -15.91 -5.21
C ASP A 153 -52.17 -17.36 -4.85
N ASP A 154 -50.91 -17.78 -4.84
CA ASP A 154 -50.59 -19.19 -4.72
C ASP A 154 -50.26 -19.52 -3.29
N ALA A 155 -50.09 -18.47 -2.47
CA ALA A 155 -49.65 -18.68 -1.10
C ALA A 155 -50.84 -19.12 -0.25
N PRO A 156 -50.64 -20.06 0.71
CA PRO A 156 -51.66 -20.36 1.72
C PRO A 156 -52.19 -19.10 2.40
N LYS A 157 -53.52 -18.95 2.42
CA LYS A 157 -54.19 -17.77 2.93
C LYS A 157 -53.72 -17.44 4.35
N ASP A 158 -53.19 -18.46 5.04
CA ASP A 158 -52.87 -18.43 6.47
C ASP A 158 -51.36 -18.61 6.68
N GLN A 159 -50.57 -18.32 5.64
CA GLN A 159 -49.12 -18.49 5.73
C GLN A 159 -48.55 -17.72 6.90
N LYS A 160 -47.54 -18.35 7.54
CA LYS A 160 -46.81 -17.72 8.62
C LYS A 160 -45.46 -17.23 8.11
N THR A 161 -45.22 -15.92 8.23
CA THR A 161 -44.03 -15.27 7.71
C THR A 161 -43.29 -14.55 8.85
N ILE A 162 -42.02 -14.93 9.06
CA ILE A 162 -41.14 -14.27 10.03
C ILE A 162 -40.47 -13.07 9.38
N VAL A 163 -40.57 -11.94 10.06
CA VAL A 163 -39.95 -10.72 9.57
C VAL A 163 -39.00 -10.22 10.65
N VAL A 164 -37.81 -9.80 10.22
CA VAL A 164 -36.80 -9.34 11.14
C VAL A 164 -36.27 -8.00 10.63
N PHE A 165 -36.18 -7.04 11.54
CA PHE A 165 -35.45 -5.82 11.26
C PHE A 165 -34.22 -5.80 12.17
N TYR A 166 -33.04 -5.83 11.55
CA TYR A 166 -31.78 -5.99 12.25
C TYR A 166 -31.02 -4.68 12.20
N VAL A 167 -30.50 -4.26 13.37
CA VAL A 167 -29.89 -2.96 13.55
C VAL A 167 -28.53 -3.14 14.22
N SER A 168 -27.48 -2.55 13.62
CA SER A 168 -26.15 -2.62 14.18
C SER A 168 -25.59 -1.21 14.33
N GLN A 169 -24.66 -1.02 15.30
CA GLN A 169 -23.88 0.21 15.39
C GLN A 169 -22.42 -0.04 15.75
N GLU A 170 -21.55 0.51 14.87
CA GLU A 170 -20.10 0.47 14.95
C GLU A 170 -19.58 1.83 15.44
N GLY A 171 -18.43 1.80 16.14
CA GLY A 171 -17.85 2.98 16.76
C GLY A 171 -17.62 2.78 18.27
N GLU A 172 -16.49 3.26 18.79
CA GLU A 172 -16.16 3.09 20.19
C GLU A 172 -17.07 3.94 21.07
N ASN A 173 -17.41 5.17 20.62
CA ASN A 173 -18.03 6.14 21.52
C ASN A 173 -19.49 6.36 21.18
N SER A 174 -20.23 5.27 20.95
CA SER A 174 -21.65 5.37 20.62
C SER A 174 -22.44 4.40 21.48
N GLU A 175 -23.76 4.64 21.54
CA GLU A 175 -24.62 3.87 22.43
C GLU A 175 -25.99 3.72 21.78
N LEU A 176 -26.63 2.55 22.02
CA LEU A 176 -27.92 2.27 21.42
C LEU A 176 -28.70 1.31 22.32
N GLU A 177 -29.93 1.71 22.70
CA GLU A 177 -30.71 0.98 23.69
C GLU A 177 -32.16 0.79 23.24
N ALA A 178 -32.69 -0.43 23.40
CA ALA A 178 -34.10 -0.72 23.21
C ALA A 178 -34.85 -0.41 24.50
N VAL A 179 -35.77 0.56 24.44
CA VAL A 179 -36.66 0.83 25.56
C VAL A 179 -37.54 -0.41 25.82
N PRO A 180 -37.47 -0.98 27.05
CA PRO A 180 -38.25 -2.18 27.41
C PRO A 180 -39.75 -1.91 27.35
N SER A 181 -40.52 -3.00 27.18
CA SER A 181 -41.95 -2.88 26.98
C SER A 181 -42.68 -2.99 28.32
N GLU A 182 -43.95 -2.55 28.35
CA GLU A 182 -44.81 -2.68 29.51
C GLU A 182 -45.13 -4.18 29.71
N ASN A 183 -45.40 -4.93 28.63
CA ASN A 183 -45.84 -6.33 28.74
C ASN A 183 -44.66 -7.26 29.01
N GLU A 184 -44.95 -8.49 29.46
CA GLU A 184 -43.98 -9.32 30.17
C GLU A 184 -42.99 -9.95 29.18
N PHE A 185 -43.49 -10.28 27.98
CA PHE A 185 -42.88 -11.25 27.09
C PHE A 185 -42.43 -10.64 25.78
N GLY A 186 -42.71 -9.34 25.58
CA GLY A 186 -42.59 -8.75 24.27
C GLY A 186 -43.36 -7.44 24.15
N TYR A 187 -43.69 -7.03 22.91
CA TYR A 187 -44.24 -5.70 22.68
C TYR A 187 -45.59 -5.80 22.01
N GLU A 188 -46.61 -5.21 22.64
CA GLU A 188 -47.94 -5.02 22.05
C GLU A 188 -47.89 -3.98 20.96
N GLY A 189 -46.97 -3.01 21.08
CA GLY A 189 -46.92 -1.81 20.23
C GLY A 189 -45.56 -1.57 19.57
N ASP A 190 -45.18 -0.29 19.50
CA ASP A 190 -43.97 0.10 18.80
C ASP A 190 -42.75 -0.27 19.62
N VAL A 191 -41.62 -0.58 18.96
CA VAL A 191 -40.32 -0.75 19.61
C VAL A 191 -39.50 0.53 19.44
N ILE A 192 -38.98 1.06 20.57
CA ILE A 192 -38.20 2.28 20.50
C ILE A 192 -36.75 1.97 20.82
N LEU A 193 -35.86 2.28 19.87
CA LEU A 193 -34.45 2.29 20.16
C LEU A 193 -34.02 3.75 20.28
N LYS A 194 -33.29 4.01 21.37
CA LYS A 194 -32.63 5.28 21.62
C LYS A 194 -31.13 5.09 21.44
N GLY A 195 -30.52 5.98 20.65
CA GLY A 195 -29.10 5.88 20.35
C GLY A 195 -28.39 7.24 20.30
N ARG A 196 -27.07 7.17 20.32
CA ARG A 196 -26.23 8.36 20.23
C ARG A 196 -24.88 7.93 19.65
N SER A 197 -24.35 8.74 18.73
CA SER A 197 -22.95 8.70 18.34
C SER A 197 -22.46 10.11 17.98
N GLU A 198 -21.11 10.30 17.93
CA GLU A 198 -20.48 11.56 17.53
C GLU A 198 -21.05 12.01 16.19
N ALA A 199 -21.11 11.06 15.22
CA ALA A 199 -21.52 11.29 13.84
C ALA A 199 -22.97 11.74 13.73
N LEU A 200 -23.89 11.02 14.41
CA LEU A 200 -25.32 11.23 14.21
C LEU A 200 -25.94 12.04 15.33
N GLY A 201 -25.13 12.43 16.33
CA GLY A 201 -25.70 13.03 17.51
C GLY A 201 -26.72 12.10 18.16
N ASN A 202 -27.81 12.69 18.67
CA ASN A 202 -28.84 11.92 19.35
C ASN A 202 -29.88 11.52 18.32
N TYR A 203 -30.38 10.28 18.38
CA TYR A 203 -31.48 9.86 17.50
C TYR A 203 -32.34 8.78 18.18
N LYS A 204 -33.54 8.58 17.60
CA LYS A 204 -34.39 7.45 17.95
C LYS A 204 -34.87 6.75 16.67
N LEU A 205 -34.84 5.41 16.72
CA LEU A 205 -35.28 4.57 15.64
C LEU A 205 -36.46 3.75 16.14
N VAL A 206 -37.62 3.89 15.48
CA VAL A 206 -38.85 3.27 15.95
C VAL A 206 -39.35 2.26 14.92
N VAL A 207 -39.56 1.03 15.39
CA VAL A 207 -40.17 0.01 14.57
C VAL A 207 -41.60 -0.16 15.05
N THR A 208 -42.55 0.32 14.22
CA THR A 208 -43.95 0.41 14.57
C THR A 208 -44.58 -0.98 14.73
N LYS A 209 -45.80 -0.98 15.27
CA LYS A 209 -46.52 -2.19 15.67
C LYS A 209 -46.97 -2.91 14.41
N GLY A 210 -47.48 -2.14 13.43
CA GLY A 210 -47.85 -2.68 12.14
C GLY A 210 -49.32 -3.09 12.08
N LYS A 211 -49.79 -3.36 10.85
CA LYS A 211 -51.05 -4.05 10.61
C LYS A 211 -50.73 -5.51 10.23
N GLY A 212 -51.64 -6.42 10.60
CA GLY A 212 -51.49 -7.84 10.31
C GLY A 212 -51.90 -8.72 11.50
N VAL A 213 -52.58 -9.83 11.19
CA VAL A 213 -52.92 -10.81 12.20
C VAL A 213 -51.61 -11.33 12.81
N ILE A 214 -51.54 -11.36 14.12
CA ILE A 214 -50.34 -11.95 14.68
C ILE A 214 -50.75 -13.29 15.32
N PRO A 215 -50.23 -14.44 14.84
CA PRO A 215 -50.66 -15.75 15.32
C PRO A 215 -50.41 -15.91 16.82
N GLN A 216 -51.26 -16.72 17.48
CA GLN A 216 -51.27 -16.90 18.92
C GLN A 216 -51.15 -18.39 19.27
N SER A 217 -50.25 -18.76 20.18
CA SER A 217 -50.00 -20.16 20.48
C SER A 217 -50.66 -20.54 21.78
N ASP A 218 -51.35 -21.68 21.75
CA ASP A 218 -52.11 -22.17 22.88
C ASP A 218 -51.21 -23.04 23.72
N HIS A 219 -49.97 -23.22 23.27
CA HIS A 219 -49.10 -24.21 23.87
C HIS A 219 -48.68 -23.83 25.30
N ASP A 220 -48.26 -24.85 26.06
CA ASP A 220 -47.65 -24.67 27.36
C ASP A 220 -46.60 -23.55 27.34
N LEU A 221 -45.82 -23.49 26.25
CA LEU A 221 -44.65 -22.65 26.18
C LEU A 221 -45.05 -21.18 26.31
N SER A 222 -46.33 -20.87 26.05
CA SER A 222 -46.78 -19.50 26.04
C SER A 222 -46.82 -18.92 27.46
N ARG A 223 -46.77 -19.81 28.45
CA ARG A 223 -46.74 -19.42 29.86
C ARG A 223 -45.33 -18.89 30.16
N LEU A 224 -44.38 -19.11 29.26
CA LEU A 224 -42.99 -18.72 29.51
C LEU A 224 -42.48 -17.78 28.42
N ARG A 225 -42.98 -17.92 27.18
CA ARG A 225 -42.53 -17.13 26.05
C ARG A 225 -43.62 -16.19 25.54
N GLY A 226 -44.81 -16.24 26.16
CA GLY A 226 -45.92 -15.44 25.68
C GLY A 226 -46.65 -16.19 24.57
N PRO A 227 -47.90 -15.80 24.23
CA PRO A 227 -48.65 -16.47 23.15
C PRO A 227 -48.21 -16.09 21.74
N GLY A 228 -47.47 -14.98 21.62
CA GLY A 228 -46.99 -14.47 20.35
C GLY A 228 -47.10 -12.95 20.29
N GLN A 229 -45.95 -12.28 20.18
CA GLN A 229 -45.84 -10.83 20.19
C GLN A 229 -44.54 -10.42 19.49
N THR A 230 -44.43 -9.16 19.08
CA THR A 230 -43.15 -8.63 18.63
C THR A 230 -42.13 -8.80 19.75
N VAL A 231 -40.87 -9.12 19.38
CA VAL A 231 -39.82 -9.28 20.36
C VAL A 231 -38.53 -8.61 19.89
N VAL A 232 -37.64 -8.32 20.86
CA VAL A 232 -36.39 -7.64 20.62
C VAL A 232 -35.29 -8.35 21.39
N GLN A 233 -34.16 -8.61 20.71
CA GLN A 233 -32.92 -8.99 21.39
C GLN A 233 -31.84 -7.95 21.13
N SER A 234 -31.20 -7.53 22.23
CA SER A 234 -30.09 -6.60 22.20
C SER A 234 -28.81 -7.38 22.53
N LEU A 235 -27.80 -7.33 21.66
CA LEU A 235 -26.56 -8.07 21.83
C LEU A 235 -25.36 -7.14 21.68
N THR A 236 -24.16 -7.60 22.08
CA THR A 236 -22.93 -6.99 21.60
CA THR A 236 -22.94 -6.99 21.59
C THR A 236 -21.98 -8.05 21.04
N TYR A 237 -21.39 -7.72 19.87
CA TYR A 237 -20.36 -8.49 19.18
C TYR A 237 -19.22 -7.52 18.87
N PRO A 238 -17.96 -7.98 18.71
CA PRO A 238 -16.90 -7.07 18.29
C PRO A 238 -17.32 -6.45 16.96
N ASP A 239 -17.22 -5.11 16.88
CA ASP A 239 -17.62 -4.23 15.80
C ASP A 239 -17.44 -4.84 14.41
N GLU A 240 -16.31 -5.52 14.16
CA GLU A 240 -16.00 -5.90 12.80
C GLU A 240 -16.88 -7.03 12.28
N VAL A 241 -17.75 -7.63 13.11
CA VAL A 241 -18.57 -8.73 12.63
C VAL A 241 -20.06 -8.38 12.66
N LEU A 242 -20.40 -7.11 12.91
CA LEU A 242 -21.80 -6.75 13.03
C LEU A 242 -22.53 -6.99 11.70
N TRP A 243 -21.79 -7.06 10.59
CA TRP A 243 -22.39 -7.08 9.27
C TRP A 243 -22.99 -8.46 9.02
N GLN A 244 -22.49 -9.48 9.74
CA GLN A 244 -22.93 -10.84 9.51
C GLN A 244 -24.27 -11.11 10.20
N ALA A 245 -25.32 -10.46 9.68
CA ALA A 245 -26.62 -10.48 10.33
C ALA A 245 -27.21 -11.90 10.39
N LYS A 246 -27.06 -12.65 9.29
CA LYS A 246 -27.74 -13.93 9.16
C LYS A 246 -27.17 -14.93 10.17
N PRO A 247 -25.83 -15.14 10.23
CA PRO A 247 -25.26 -16.03 11.26
C PRO A 247 -25.59 -15.54 12.67
N ILE A 248 -25.55 -14.21 12.89
CA ILE A 248 -25.77 -13.63 14.21
C ILE A 248 -27.18 -13.97 14.67
N LEU A 249 -28.14 -13.85 13.75
CA LEU A 249 -29.52 -14.20 13.99
C LEU A 249 -29.62 -15.68 14.31
N PHE A 250 -29.10 -16.52 13.42
CA PHE A 250 -29.28 -17.94 13.60
C PHE A 250 -28.68 -18.41 14.92
N GLN A 251 -27.63 -17.74 15.38
CA GLN A 251 -26.99 -18.17 16.60
C GLN A 251 -28.05 -18.11 17.69
N GLN A 252 -28.87 -17.05 17.67
CA GLN A 252 -29.92 -16.80 18.66
C GLN A 252 -31.09 -17.78 18.53
N LEU A 253 -31.60 -17.95 17.31
CA LEU A 253 -32.61 -18.95 17.03
C LEU A 253 -32.17 -20.30 17.59
N LYS A 254 -30.90 -20.67 17.33
CA LYS A 254 -30.39 -21.96 17.74
C LYS A 254 -30.36 -22.04 19.25
N ALA A 255 -30.06 -20.91 19.92
CA ALA A 255 -29.91 -20.89 21.37
C ALA A 255 -31.27 -21.05 22.06
N GLY A 256 -32.30 -20.44 21.44
CA GLY A 256 -33.69 -20.60 21.82
C GLY A 256 -34.13 -22.05 21.68
N ILE A 257 -33.83 -22.69 20.54
CA ILE A 257 -34.24 -24.07 20.29
C ILE A 257 -33.55 -25.00 21.29
N ASP A 258 -32.25 -24.72 21.56
CA ASP A 258 -31.48 -25.47 22.54
C ASP A 258 -32.20 -25.45 23.88
N TRP A 259 -32.70 -24.27 24.25
CA TRP A 259 -33.36 -24.04 25.51
C TRP A 259 -34.68 -24.83 25.60
N LEU A 260 -35.49 -24.80 24.53
CA LEU A 260 -36.62 -25.71 24.42
C LEU A 260 -36.16 -27.13 24.78
N VAL A 261 -35.07 -27.59 24.15
CA VAL A 261 -34.72 -28.99 24.26
C VAL A 261 -34.26 -29.28 25.69
N GLU A 262 -33.65 -28.29 26.32
CA GLU A 262 -33.11 -28.42 27.66
C GLU A 262 -34.27 -28.44 28.66
N ASN A 263 -35.33 -27.67 28.37
CA ASN A 263 -36.42 -27.45 29.31
C ASN A 263 -37.60 -28.38 29.01
N LYS A 264 -37.31 -29.58 28.49
CA LYS A 264 -38.27 -30.67 28.34
C LYS A 264 -39.36 -30.38 27.29
N TYR A 265 -39.12 -29.48 26.33
CA TYR A 265 -40.07 -29.31 25.22
C TYR A 265 -39.67 -30.24 24.07
N ASP A 266 -40.59 -31.14 23.66
CA ASP A 266 -40.25 -32.22 22.74
C ASP A 266 -41.38 -32.60 21.79
N VAL A 267 -41.22 -33.78 21.17
CA VAL A 267 -41.98 -34.17 19.99
C VAL A 267 -43.24 -34.90 20.43
N ALA A 268 -43.33 -35.18 21.74
CA ALA A 268 -44.54 -35.70 22.35
C ALA A 268 -45.65 -34.67 22.26
N ASP A 269 -45.27 -33.38 22.12
CA ASP A 269 -46.12 -32.22 22.19
C ASP A 269 -45.31 -30.96 21.86
N PRO A 270 -44.89 -30.76 20.58
CA PRO A 270 -44.03 -29.63 20.23
C PRO A 270 -44.87 -28.38 20.03
N PRO A 271 -44.35 -27.16 20.34
CA PRO A 271 -45.02 -25.92 20.00
C PRO A 271 -45.02 -25.79 18.48
N PRO A 272 -45.85 -24.88 17.93
CA PRO A 272 -45.85 -24.63 16.48
C PRO A 272 -44.49 -24.08 16.03
N PRO A 273 -44.07 -24.36 14.77
CA PRO A 273 -42.76 -23.96 14.26
C PRO A 273 -42.52 -22.46 14.48
N TRP A 274 -43.55 -21.67 14.16
CA TRP A 274 -43.42 -20.24 14.19
C TRP A 274 -43.11 -19.76 15.60
N GLN A 275 -43.47 -20.57 16.61
CA GLN A 275 -43.19 -20.20 17.97
C GLN A 275 -41.84 -20.78 18.43
N VAL A 276 -41.44 -21.90 17.84
CA VAL A 276 -40.09 -22.40 18.05
C VAL A 276 -39.07 -21.40 17.50
N TYR A 277 -39.48 -20.53 16.58
CA TYR A 277 -38.53 -19.67 15.89
C TYR A 277 -38.69 -18.23 16.31
N LEU A 278 -39.47 -17.99 17.38
CA LEU A 278 -39.64 -16.66 17.91
C LEU A 278 -38.66 -16.51 19.09
N LEU A 279 -37.90 -15.42 19.09
CA LEU A 279 -36.83 -15.28 20.06
C LEU A 279 -37.42 -14.88 21.40
N ALA A 280 -36.81 -15.40 22.47
CA ALA A 280 -37.05 -14.91 23.83
C ALA A 280 -36.74 -13.41 23.87
N ASN A 281 -37.71 -12.60 24.32
CA ASN A 281 -37.54 -11.16 24.40
C ASN A 281 -36.46 -10.83 25.42
N LYS A 282 -35.43 -10.07 25.03
CA LYS A 282 -34.46 -9.55 25.98
C LYS A 282 -33.94 -8.20 25.47
N PRO A 283 -34.73 -7.11 25.57
CA PRO A 283 -34.28 -5.82 25.08
C PRO A 283 -33.26 -5.26 26.06
N GLY A 284 -32.46 -4.31 25.61
CA GLY A 284 -31.46 -3.68 26.45
C GLY A 284 -30.52 -2.83 25.62
N SER A 285 -29.25 -2.82 26.04
CA SER A 285 -28.30 -2.05 25.26
C SER A 285 -27.27 -2.99 24.64
N GLY A 286 -26.70 -2.52 23.53
CA GLY A 286 -25.74 -3.25 22.74
C GLY A 286 -25.63 -2.64 21.34
N ASN A 287 -24.72 -3.20 20.54
CA ASN A 287 -24.40 -2.69 19.22
C ASN A 287 -25.13 -3.52 18.16
N VAL A 288 -25.92 -4.51 18.61
CA VAL A 288 -26.84 -5.20 17.72
C VAL A 288 -28.21 -5.30 18.37
N HIS A 289 -29.27 -5.04 17.58
CA HIS A 289 -30.64 -5.13 18.05
C HIS A 289 -31.50 -5.91 17.06
N ILE A 290 -32.00 -7.10 17.45
CA ILE A 290 -32.88 -7.88 16.57
C ILE A 290 -34.36 -7.60 16.91
N VAL A 291 -35.09 -7.02 15.96
CA VAL A 291 -36.53 -6.83 16.14
C VAL A 291 -37.28 -7.84 15.25
N GLN A 292 -38.11 -8.68 15.86
CA GLN A 292 -38.77 -9.81 15.20
C GLN A 292 -40.28 -9.73 15.38
N LYS A 293 -40.99 -9.90 14.27
CA LYS A 293 -42.44 -10.02 14.20
C LYS A 293 -42.78 -11.29 13.42
N VAL A 294 -43.92 -11.92 13.73
CA VAL A 294 -44.44 -13.01 12.91
C VAL A 294 -45.82 -12.56 12.43
N PHE A 295 -46.09 -12.68 11.14
CA PHE A 295 -47.43 -12.35 10.66
C PHE A 295 -48.10 -13.57 10.05
N GLU A 296 -49.42 -13.63 10.25
CA GLU A 296 -50.31 -14.51 9.51
C GLU A 296 -51.08 -13.67 8.50
N GLY A 297 -50.99 -14.05 7.22
CA GLY A 297 -51.58 -13.26 6.15
C GLY A 297 -50.71 -12.08 5.75
N ASP A 298 -51.35 -11.05 5.18
CA ASP A 298 -50.71 -9.84 4.71
C ASP A 298 -50.28 -9.02 5.91
N PHE A 299 -49.26 -8.17 5.72
CA PHE A 299 -48.70 -7.40 6.82
C PHE A 299 -48.01 -6.14 6.30
N GLU A 300 -47.83 -5.19 7.23
CA GLU A 300 -47.09 -3.96 6.97
C GLU A 300 -46.71 -3.36 8.32
N PHE A 301 -45.53 -2.73 8.34
CA PHE A 301 -45.04 -1.99 9.49
C PHE A 301 -44.08 -0.93 8.99
N ASP A 302 -43.67 -0.03 9.88
CA ASP A 302 -42.98 1.18 9.51
C ASP A 302 -41.65 1.24 10.25
N ILE A 303 -40.64 1.87 9.64
CA ILE A 303 -39.48 2.27 10.40
C ILE A 303 -39.39 3.79 10.38
N LEU A 304 -39.32 4.41 11.57
CA LEU A 304 -39.10 5.84 11.62
C LEU A 304 -37.83 6.18 12.42
N PHE A 305 -36.86 6.73 11.68
CA PHE A 305 -35.59 7.24 12.20
C PHE A 305 -35.69 8.75 12.35
N SER A 306 -35.49 9.24 13.60
CA SER A 306 -35.74 10.62 13.97
C SER A 306 -34.46 11.23 14.49
N SER A 307 -33.87 12.12 13.68
CA SER A 307 -32.70 12.88 14.13
C SER A 307 -33.17 13.85 15.21
N GLU A 308 -32.57 13.76 16.41
CA GLU A 308 -33.08 14.54 17.52
C GLU A 308 -32.87 16.03 17.25
N SER A 309 -31.78 16.36 16.54
CA SER A 309 -31.43 17.75 16.27
C SER A 309 -32.32 18.38 15.20
N ALA A 310 -33.29 17.62 14.66
CA ALA A 310 -34.26 18.14 13.70
C ALA A 310 -35.50 18.63 14.44
N GLY A 311 -36.58 18.91 13.70
CA GLY A 311 -37.83 19.33 14.30
C GLY A 311 -38.36 18.33 15.34
N LYS A 312 -39.66 18.01 15.23
CA LYS A 312 -40.22 16.94 16.05
C LYS A 312 -39.84 15.61 15.41
N GLU A 313 -40.01 14.54 16.18
CA GLU A 313 -39.84 13.18 15.71
C GLU A 313 -40.76 12.87 14.52
N VAL A 314 -40.31 11.94 13.67
CA VAL A 314 -40.99 11.55 12.44
C VAL A 314 -42.10 10.55 12.76
N THR A 315 -43.27 10.75 12.14
CA THR A 315 -44.43 9.91 12.38
C THR A 315 -44.79 9.17 11.10
N SER A 316 -45.73 8.21 11.21
CA SER A 316 -46.16 7.40 10.08
C SER A 316 -46.89 8.27 9.07
N LYS A 317 -47.62 9.29 9.54
CA LYS A 317 -48.36 10.17 8.64
C LYS A 317 -47.33 10.99 7.87
N ASP A 318 -46.20 11.27 8.53
CA ASP A 318 -45.11 11.95 7.86
C ASP A 318 -44.67 11.11 6.66
N LEU A 319 -44.45 9.81 6.92
CA LEU A 319 -43.96 8.88 5.93
C LEU A 319 -44.84 8.94 4.68
N GLU A 320 -46.15 8.81 4.90
CA GLU A 320 -47.13 8.65 3.83
C GLU A 320 -47.09 9.89 2.96
N ARG A 321 -47.03 11.07 3.60
CA ARG A 321 -47.04 12.34 2.89
C ARG A 321 -45.80 12.41 2.00
N GLU A 322 -44.63 12.15 2.59
CA GLU A 322 -43.38 12.38 1.91
C GLU A 322 -43.20 11.36 0.79
N VAL A 323 -43.84 10.20 0.91
CA VAL A 323 -43.76 9.18 -0.12
C VAL A 323 -44.46 9.72 -1.37
N LYS A 324 -45.64 10.33 -1.17
CA LYS A 324 -46.51 10.77 -2.26
C LYS A 324 -45.85 11.95 -2.96
N GLN A 325 -45.37 12.89 -2.15
CA GLN A 325 -44.63 14.07 -2.59
C GLN A 325 -43.48 13.60 -3.46
N ALA A 326 -42.75 12.56 -3.01
CA ALA A 326 -41.57 12.06 -3.69
C ALA A 326 -41.88 11.53 -5.08
N THR A 327 -43.04 10.85 -5.20
CA THR A 327 -43.45 10.36 -6.50
C THR A 327 -43.74 11.53 -7.44
N GLU A 328 -44.47 12.55 -6.95
CA GLU A 328 -44.83 13.65 -7.83
C GLU A 328 -43.54 14.23 -8.38
N VAL A 329 -42.55 14.41 -7.51
CA VAL A 329 -41.27 15.00 -7.89
C VAL A 329 -40.55 14.06 -8.85
N PHE A 330 -40.44 12.77 -8.51
CA PHE A 330 -39.81 11.82 -9.43
C PHE A 330 -40.44 11.95 -10.80
N GLY A 331 -41.78 11.82 -10.87
CA GLY A 331 -42.56 11.99 -12.09
C GLY A 331 -42.17 13.23 -12.91
N GLU A 332 -42.27 14.42 -12.28
CA GLU A 332 -42.10 15.67 -12.98
C GLU A 332 -40.68 15.78 -13.55
N ARG A 333 -39.70 15.24 -12.81
CA ARG A 333 -38.29 15.31 -13.20
C ARG A 333 -38.01 14.43 -14.42
N PHE A 334 -38.56 13.21 -14.38
CA PHE A 334 -38.36 12.22 -15.43
C PHE A 334 -38.84 12.74 -16.76
N ALA A 335 -40.00 13.43 -16.76
CA ALA A 335 -40.53 13.93 -18.01
C ALA A 335 -39.58 14.97 -18.61
N ARG A 336 -38.97 15.79 -17.75
CA ARG A 336 -38.10 16.85 -18.24
C ARG A 336 -36.76 16.25 -18.65
N VAL A 337 -36.25 15.32 -17.84
CA VAL A 337 -34.87 14.85 -18.00
C VAL A 337 -34.79 13.74 -19.05
N PHE A 338 -35.81 12.89 -19.06
CA PHE A 338 -35.90 11.74 -19.95
C PHE A 338 -37.19 11.83 -20.76
N ASP A 339 -37.18 12.78 -21.69
CA ASP A 339 -38.26 12.96 -22.64
C ASP A 339 -37.98 12.02 -23.82
N LEU A 340 -38.68 10.89 -23.83
CA LEU A 340 -38.42 9.86 -24.84
C LEU A 340 -38.94 10.36 -26.18
N LYS A 341 -38.08 10.37 -27.21
CA LYS A 341 -38.49 10.77 -28.54
C LYS A 341 -38.96 9.56 -29.36
N ALA A 342 -39.54 9.83 -30.53
CA ALA A 342 -40.18 8.79 -31.32
C ALA A 342 -39.16 7.71 -31.72
N PRO A 343 -39.58 6.43 -31.88
CA PRO A 343 -40.96 6.03 -31.60
C PRO A 343 -41.25 5.53 -30.19
N PHE A 344 -40.71 6.22 -29.18
CA PHE A 344 -40.76 5.66 -27.83
C PHE A 344 -41.54 6.56 -26.88
N GLN A 345 -42.33 7.48 -27.44
CA GLN A 345 -43.03 8.45 -26.61
C GLN A 345 -44.15 7.72 -25.89
N GLY A 346 -44.43 6.49 -26.31
CA GLY A 346 -45.53 5.70 -25.79
C GLY A 346 -45.37 5.38 -24.30
N ASP A 347 -46.51 5.13 -23.64
CA ASP A 347 -46.59 4.93 -22.19
C ASP A 347 -45.83 3.67 -21.78
N ASN A 348 -45.79 2.67 -22.67
CA ASN A 348 -45.14 1.40 -22.35
C ASN A 348 -43.64 1.65 -22.22
N TYR A 349 -43.09 2.49 -23.11
CA TYR A 349 -41.67 2.78 -23.12
C TYR A 349 -41.33 3.71 -21.96
N LYS A 350 -42.33 4.44 -21.47
CA LYS A 350 -42.13 5.36 -20.37
C LYS A 350 -41.93 4.50 -19.11
N LYS A 351 -42.79 3.49 -18.91
CA LYS A 351 -42.66 2.61 -17.76
C LYS A 351 -41.27 1.95 -17.78
N PHE A 352 -40.87 1.53 -18.98
CA PHE A 352 -39.63 0.79 -19.18
C PHE A 352 -38.44 1.68 -18.84
N GLY A 353 -38.42 2.89 -19.39
CA GLY A 353 -37.39 3.86 -19.04
C GLY A 353 -37.34 4.13 -17.54
N LYS A 354 -38.50 4.27 -16.89
CA LYS A 354 -38.56 4.57 -15.48
C LYS A 354 -37.90 3.43 -14.69
N SER A 355 -38.06 2.20 -15.19
CA SER A 355 -37.53 1.00 -14.55
C SER A 355 -36.01 0.90 -14.76
N MET A 356 -35.59 1.05 -16.01
CA MET A 356 -34.18 0.99 -16.27
C MET A 356 -33.47 2.13 -15.53
N PHE A 357 -34.12 3.28 -15.37
CA PHE A 357 -33.41 4.37 -14.74
C PHE A 357 -33.31 4.12 -13.25
N SER A 358 -34.48 3.85 -12.65
CA SER A 358 -34.57 3.71 -11.20
C SER A 358 -33.65 2.61 -10.67
N ASN A 359 -33.52 1.51 -11.42
CA ASN A 359 -32.65 0.39 -11.06
C ASN A 359 -31.17 0.75 -11.10
N LEU A 360 -30.77 1.52 -12.13
CA LEU A 360 -29.41 2.00 -12.29
C LEU A 360 -29.06 2.89 -11.09
N ILE A 361 -29.83 3.96 -10.87
CA ILE A 361 -29.49 4.94 -9.85
C ILE A 361 -29.71 4.35 -8.46
N GLY A 362 -30.69 3.43 -8.37
CA GLY A 362 -31.05 2.78 -7.11
C GLY A 362 -30.00 1.77 -6.61
N GLY A 363 -29.05 1.43 -7.47
CA GLY A 363 -27.96 0.57 -7.04
C GLY A 363 -26.86 1.34 -6.32
N ILE A 364 -27.05 2.65 -6.15
CA ILE A 364 -25.95 3.43 -5.58
C ILE A 364 -25.70 2.89 -4.18
N GLY A 365 -24.44 2.60 -3.87
CA GLY A 365 -24.12 2.13 -2.52
C GLY A 365 -22.96 2.91 -1.88
N TYR A 366 -22.87 2.80 -0.55
CA TYR A 366 -21.72 3.20 0.22
C TYR A 366 -20.97 1.94 0.69
N PHE A 367 -19.64 1.94 0.50
CA PHE A 367 -18.80 0.82 0.91
C PHE A 367 -17.60 1.35 1.69
N TYR A 368 -17.08 0.59 2.68
CA TYR A 368 -16.01 1.05 3.56
C TYR A 368 -15.11 -0.10 4.02
N GLY A 369 -13.79 0.08 4.02
CA GLY A 369 -12.94 -0.95 4.60
C GLY A 369 -11.63 -1.18 3.85
N HIS A 370 -11.02 -2.36 4.08
CA HIS A 370 -9.71 -2.63 3.52
C HIS A 370 -9.86 -3.33 2.17
N SER A 371 -8.89 -3.10 1.27
CA SER A 371 -8.80 -3.78 -0.01
C SER A 371 -7.62 -4.74 0.04
N LEU A 372 -7.61 -5.70 -0.92
CA LEU A 372 -6.52 -6.65 -1.10
C LEU A 372 -5.71 -6.29 -2.35
N VAL A 373 -4.46 -5.86 -2.12
CA VAL A 373 -3.54 -5.36 -3.14
C VAL A 373 -2.19 -6.05 -3.00
N ASP A 374 -1.55 -6.29 -4.15
CA ASP A 374 -0.17 -6.76 -4.22
C ASP A 374 0.73 -5.54 -4.39
N ARG A 375 1.43 -5.17 -3.31
CA ARG A 375 2.21 -3.94 -3.31
C ARG A 375 3.68 -4.27 -3.54
N SER A 376 3.97 -5.54 -3.85
CA SER A 376 5.30 -6.02 -4.19
C SER A 376 5.89 -5.27 -5.40
N TYR A 377 5.07 -4.88 -6.39
CA TYR A 377 5.57 -4.25 -7.60
C TYR A 377 6.69 -5.09 -8.24
N ALA A 378 6.51 -6.43 -8.22
CA ALA A 378 7.46 -7.37 -8.80
C ALA A 378 7.94 -6.95 -10.19
N PRO A 379 9.21 -7.30 -10.53
CA PRO A 379 9.71 -7.10 -11.89
C PRO A 379 8.88 -7.82 -12.96
N GLU A 380 8.33 -8.99 -12.65
CA GLU A 380 7.68 -9.83 -13.64
C GLU A 380 6.43 -9.14 -14.19
N TYR A 381 5.91 -8.19 -13.44
CA TYR A 381 4.71 -7.47 -13.83
C TYR A 381 5.07 -6.36 -14.83
N ASP A 382 6.34 -6.29 -15.22
CA ASP A 382 6.78 -5.30 -16.19
C ASP A 382 6.44 -5.80 -17.59
N GLU A 383 6.23 -7.14 -17.66
CA GLU A 383 5.76 -7.87 -18.82
C GLU A 383 6.63 -7.50 -20.01
N GLU A 384 7.95 -7.65 -19.83
CA GLU A 384 8.91 -7.20 -20.83
C GLU A 384 9.35 -8.36 -21.73
N ASN A 385 9.09 -9.58 -21.25
CA ASN A 385 9.54 -10.82 -21.86
C ASN A 385 8.51 -11.44 -22.82
N GLU A 386 9.01 -12.27 -23.72
CA GLU A 386 8.17 -13.30 -24.31
C GLU A 386 7.80 -14.25 -23.18
N GLY A 387 6.52 -14.62 -23.10
CA GLY A 387 6.03 -15.60 -22.12
C GLY A 387 5.75 -14.97 -20.75
N PHE A 388 5.55 -13.64 -20.73
CA PHE A 388 5.51 -12.85 -19.52
C PHE A 388 4.35 -13.27 -18.61
N TRP A 389 3.43 -14.06 -19.18
CA TRP A 389 2.26 -14.43 -18.42
C TRP A 389 2.65 -15.52 -17.43
N GLU A 390 3.70 -16.28 -17.76
CA GLU A 390 4.09 -17.39 -16.89
C GLU A 390 4.89 -16.81 -15.73
N ASP A 391 5.71 -15.81 -16.05
CA ASP A 391 6.43 -15.02 -15.06
C ASP A 391 5.42 -14.42 -14.08
N ALA A 392 4.44 -13.69 -14.63
CA ALA A 392 3.48 -12.96 -13.81
C ALA A 392 2.69 -13.91 -12.90
N ALA A 393 2.45 -15.14 -13.37
CA ALA A 393 1.75 -16.14 -12.58
C ALA A 393 2.58 -16.51 -11.34
N GLU A 394 3.90 -16.58 -11.55
CA GLU A 394 4.83 -16.92 -10.49
C GLU A 394 4.83 -15.82 -9.42
N ALA A 395 4.88 -14.56 -9.85
CA ALA A 395 4.90 -13.41 -8.92
C ALA A 395 3.66 -13.42 -8.02
N ARG A 396 2.51 -13.75 -8.62
CA ARG A 396 1.26 -13.86 -7.89
C ARG A 396 1.37 -15.02 -6.90
N ALA A 397 2.12 -16.06 -7.27
CA ALA A 397 2.22 -17.25 -6.46
C ALA A 397 3.06 -17.00 -5.20
N ARG A 398 3.77 -15.86 -5.15
CA ARG A 398 4.45 -15.45 -3.93
C ARG A 398 3.44 -15.06 -2.85
N HIS A 399 2.31 -14.48 -3.29
CA HIS A 399 1.22 -14.07 -2.42
C HIS A 399 1.66 -12.94 -1.49
N GLN A 400 2.13 -11.85 -2.08
CA GLN A 400 2.63 -10.74 -1.30
C GLN A 400 1.50 -9.75 -0.99
N GLU A 401 0.28 -10.06 -1.45
CA GLU A 401 -0.82 -9.12 -1.28
C GLU A 401 -1.11 -9.01 0.21
N ALA A 402 -1.53 -7.82 0.64
CA ALA A 402 -1.93 -7.57 2.02
C ALA A 402 -3.13 -6.64 2.01
N LEU A 403 -3.86 -6.58 3.14
CA LEU A 403 -4.96 -5.64 3.23
C LEU A 403 -4.40 -4.24 3.45
N GLU A 404 -4.99 -3.24 2.79
CA GLU A 404 -4.62 -1.87 3.07
C GLU A 404 -5.89 -1.03 3.16
N GLY A 405 -5.76 0.22 3.63
CA GLY A 405 -6.89 1.13 3.76
C GLY A 405 -7.04 1.70 5.17
N PRO A 406 -8.29 1.94 5.68
CA PRO A 406 -9.52 1.62 4.98
C PRO A 406 -9.82 2.65 3.90
N TYR A 407 -10.68 2.27 2.96
CA TYR A 407 -11.10 3.15 1.88
C TYR A 407 -12.62 3.24 1.93
N GLU A 408 -13.14 4.27 1.27
CA GLU A 408 -14.58 4.41 1.18
C GLU A 408 -14.92 4.79 -0.26
N LEU A 409 -16.06 4.24 -0.74
CA LEU A 409 -16.51 4.58 -2.07
C LEU A 409 -18.02 4.68 -2.04
N PHE A 410 -18.51 5.76 -2.66
CA PHE A 410 -19.91 5.98 -3.00
C PHE A 410 -20.01 5.89 -4.52
N THR A 411 -20.84 4.96 -4.98
CA THR A 411 -20.81 4.59 -6.39
C THR A 411 -22.00 3.71 -6.74
N SER A 412 -22.39 3.77 -8.01
CA SER A 412 -23.37 2.83 -8.53
C SER A 412 -22.66 1.52 -8.92
N ILE A 413 -23.44 0.48 -9.20
CA ILE A 413 -22.86 -0.85 -9.36
C ILE A 413 -23.45 -1.54 -10.57
N PRO A 414 -22.75 -2.51 -11.17
CA PRO A 414 -23.34 -3.29 -12.26
C PRO A 414 -24.46 -4.26 -11.92
N SER A 415 -24.46 -4.87 -10.72
CA SER A 415 -25.25 -6.07 -10.46
C SER A 415 -25.52 -6.33 -8.96
N ARG A 416 -26.72 -6.00 -8.49
CA ARG A 416 -27.07 -6.21 -7.10
C ARG A 416 -26.83 -7.68 -6.72
N PRO A 417 -27.33 -8.68 -7.48
CA PRO A 417 -27.15 -10.08 -7.10
C PRO A 417 -25.83 -10.79 -7.41
N PHE A 418 -24.95 -10.20 -8.23
CA PHE A 418 -23.72 -10.92 -8.55
C PHE A 418 -22.43 -10.13 -8.31
N PHE A 419 -22.43 -8.81 -8.52
CA PHE A 419 -21.22 -8.02 -8.35
C PHE A 419 -21.58 -6.65 -7.79
N PRO A 420 -22.12 -6.55 -6.57
CA PRO A 420 -22.57 -5.26 -6.06
C PRO A 420 -21.38 -4.44 -5.57
N ARG A 421 -20.58 -3.97 -6.52
CA ARG A 421 -19.40 -3.19 -6.16
C ARG A 421 -18.99 -2.31 -7.32
N GLY A 422 -18.12 -1.33 -7.01
CA GLY A 422 -17.62 -0.37 -7.98
C GLY A 422 -16.75 -1.07 -9.01
N PHE A 423 -17.01 -0.80 -10.29
CA PHE A 423 -16.13 -1.22 -11.38
C PHE A 423 -15.80 0.01 -12.22
N LEU A 424 -14.50 0.20 -12.47
CA LEU A 424 -14.01 1.50 -12.88
C LEU A 424 -14.64 1.95 -14.19
N TRP A 425 -14.43 1.21 -15.30
CA TRP A 425 -14.94 1.71 -16.57
C TRP A 425 -16.45 1.59 -16.64
N ASP A 426 -17.03 0.69 -15.80
CA ASP A 426 -18.48 0.58 -15.71
C ASP A 426 -19.06 1.93 -15.28
N GLU A 427 -18.35 2.64 -14.40
CA GLU A 427 -18.97 3.79 -13.77
C GLU A 427 -19.04 4.92 -14.80
N GLY A 428 -18.10 4.88 -15.76
CA GLY A 428 -18.15 5.77 -16.90
C GLY A 428 -19.53 5.76 -17.55
N PHE A 429 -20.07 4.55 -17.73
CA PHE A 429 -21.38 4.41 -18.35
C PHE A 429 -22.52 4.68 -17.36
N HIS A 430 -22.40 4.20 -16.11
CA HIS A 430 -23.48 4.38 -15.16
C HIS A 430 -23.81 5.86 -15.02
N LEU A 431 -22.77 6.71 -15.05
CA LEU A 431 -22.97 8.09 -14.65
C LEU A 431 -23.51 8.95 -15.79
N LEU A 432 -23.58 8.38 -17.01
CA LEU A 432 -24.01 9.27 -18.08
C LEU A 432 -25.48 9.62 -17.86
N PRO A 433 -26.38 8.64 -17.65
CA PRO A 433 -27.77 8.96 -17.32
C PRO A 433 -27.93 9.64 -15.97
N ILE A 434 -27.07 9.26 -15.01
CA ILE A 434 -27.19 9.79 -13.65
C ILE A 434 -26.90 11.30 -13.68
N ALA A 435 -25.90 11.70 -14.46
CA ALA A 435 -25.50 13.09 -14.58
C ALA A 435 -26.65 13.92 -15.14
N ASP A 436 -27.34 13.37 -16.14
CA ASP A 436 -28.52 14.01 -16.69
C ASP A 436 -29.47 14.32 -15.55
N TRP A 437 -29.69 13.34 -14.66
CA TRP A 437 -30.69 13.43 -13.61
C TRP A 437 -30.29 14.41 -12.52
N ASP A 438 -29.02 14.39 -12.12
CA ASP A 438 -28.52 15.09 -10.96
C ASP A 438 -27.01 15.25 -11.12
N ILE A 439 -26.56 16.29 -11.85
CA ILE A 439 -25.15 16.38 -12.16
C ILE A 439 -24.27 16.42 -10.90
N ASP A 440 -24.80 17.00 -9.81
CA ASP A 440 -24.05 17.16 -8.57
C ASP A 440 -23.93 15.80 -7.90
N LEU A 441 -24.91 14.95 -8.17
CA LEU A 441 -24.78 13.58 -7.70
C LEU A 441 -23.64 12.89 -8.45
N ALA A 442 -23.51 13.13 -9.77
CA ALA A 442 -22.50 12.42 -10.53
C ALA A 442 -21.10 12.88 -10.14
N LEU A 443 -20.94 14.21 -10.01
CA LEU A 443 -19.68 14.81 -9.57
C LEU A 443 -19.25 14.27 -8.22
N GLU A 444 -20.23 14.04 -7.33
CA GLU A 444 -19.93 13.44 -6.04
C GLU A 444 -19.30 12.06 -6.24
N ILE A 445 -19.88 11.27 -7.15
CA ILE A 445 -19.43 9.90 -7.30
C ILE A 445 -18.03 9.93 -7.91
N ILE A 446 -17.83 10.84 -8.87
CA ILE A 446 -16.53 10.93 -9.53
C ILE A 446 -15.49 11.30 -8.49
N LYS A 447 -15.82 12.33 -7.68
CA LYS A 447 -14.95 12.78 -6.61
C LYS A 447 -14.57 11.60 -5.72
N SER A 448 -15.58 10.77 -5.39
CA SER A 448 -15.41 9.62 -4.50
C SER A 448 -14.45 8.62 -5.12
N TRP A 449 -14.52 8.48 -6.44
CA TRP A 449 -13.66 7.54 -7.12
C TRP A 449 -12.23 8.10 -7.17
N TYR A 450 -12.10 9.40 -7.44
CA TYR A 450 -10.76 9.94 -7.61
C TYR A 450 -10.00 10.04 -6.27
N ASN A 451 -10.75 10.08 -5.16
CA ASN A 451 -10.14 10.04 -3.83
C ASN A 451 -9.47 8.69 -3.53
N LEU A 452 -9.59 7.71 -4.44
CA LEU A 452 -9.00 6.41 -4.16
C LEU A 452 -7.59 6.36 -4.73
N MET A 453 -7.30 7.31 -5.64
CA MET A 453 -6.11 7.24 -6.47
C MET A 453 -4.89 7.28 -5.56
N ASP A 454 -3.93 6.35 -5.77
CA ASP A 454 -2.72 6.29 -4.98
C ASP A 454 -1.72 7.33 -5.51
N GLU A 455 -0.55 7.45 -4.85
CA GLU A 455 0.44 8.47 -5.21
C GLU A 455 0.88 8.36 -6.69
N ASP A 456 0.91 7.14 -7.24
CA ASP A 456 1.28 6.87 -8.64
C ASP A 456 0.24 7.29 -9.69
N GLY A 457 -1.04 7.46 -9.31
CA GLY A 457 -2.11 7.65 -10.28
C GLY A 457 -2.92 6.39 -10.61
N TRP A 458 -2.90 5.38 -9.72
CA TRP A 458 -3.61 4.13 -9.94
C TRP A 458 -4.90 4.10 -9.13
N ILE A 459 -5.95 3.59 -9.78
CA ILE A 459 -7.18 3.20 -9.09
C ILE A 459 -7.46 1.74 -9.46
N ALA A 460 -7.68 0.88 -8.47
CA ALA A 460 -8.00 -0.50 -8.79
C ALA A 460 -9.31 -0.51 -9.58
N ARG A 461 -9.42 -1.40 -10.55
CA ARG A 461 -10.53 -1.37 -11.49
C ARG A 461 -11.79 -1.97 -10.86
N GLU A 462 -11.61 -2.74 -9.77
CA GLU A 462 -12.69 -3.37 -9.02
C GLU A 462 -12.50 -3.05 -7.53
N GLN A 463 -13.48 -2.36 -6.91
CA GLN A 463 -13.33 -1.98 -5.51
C GLN A 463 -14.07 -2.93 -4.58
N ILE A 464 -13.32 -3.84 -3.93
CA ILE A 464 -13.87 -4.76 -2.93
C ILE A 464 -13.47 -4.25 -1.53
N LEU A 465 -14.34 -3.44 -0.92
CA LEU A 465 -14.04 -2.73 0.33
C LEU A 465 -14.72 -3.41 1.53
N GLY A 466 -13.92 -3.89 2.47
CA GLY A 466 -14.50 -4.42 3.67
C GLY A 466 -14.81 -5.91 3.53
N ALA A 467 -14.82 -6.59 4.69
CA ALA A 467 -15.18 -7.97 4.88
C ALA A 467 -16.56 -8.27 4.26
N GLU A 468 -17.53 -7.35 4.42
CA GLU A 468 -18.85 -7.64 3.87
C GLU A 468 -18.73 -7.85 2.36
N ALA A 469 -18.09 -6.90 1.67
CA ALA A 469 -17.86 -6.94 0.22
C ALA A 469 -17.04 -8.18 -0.14
N ARG A 470 -16.11 -8.58 0.74
CA ARG A 470 -15.24 -9.70 0.45
C ARG A 470 -16.01 -11.02 0.47
N SER A 471 -17.14 -11.06 1.19
CA SER A 471 -17.88 -12.30 1.41
C SER A 471 -18.42 -12.85 0.09
N LYS A 472 -18.63 -11.94 -0.87
CA LYS A 472 -19.23 -12.19 -2.18
C LYS A 472 -18.20 -12.67 -3.21
N VAL A 473 -16.90 -12.58 -2.90
CA VAL A 473 -15.84 -12.77 -3.88
C VAL A 473 -14.89 -13.88 -3.41
N PRO A 474 -14.52 -14.88 -4.26
CA PRO A 474 -13.60 -15.94 -3.82
C PRO A 474 -12.21 -15.33 -3.57
N LYS A 475 -11.48 -15.87 -2.57
CA LYS A 475 -10.24 -15.26 -2.10
C LYS A 475 -9.34 -15.05 -3.33
N GLU A 476 -9.42 -16.03 -4.25
CA GLU A 476 -8.61 -16.07 -5.46
C GLU A 476 -8.87 -14.86 -6.38
N PHE A 477 -9.95 -14.10 -6.20
CA PHE A 477 -10.12 -13.06 -7.21
C PHE A 477 -10.15 -11.67 -6.59
N GLN A 478 -9.61 -11.51 -5.38
CA GLN A 478 -9.86 -10.29 -4.65
C GLN A 478 -8.78 -9.25 -4.89
N THR A 479 -7.55 -9.77 -5.08
CA THR A 479 -6.31 -9.01 -5.14
C THR A 479 -6.33 -8.08 -6.36
N GLN A 480 -6.09 -6.79 -6.13
CA GLN A 480 -5.87 -5.85 -7.21
C GLN A 480 -4.37 -5.73 -7.44
N TYR A 481 -4.03 -5.23 -8.63
CA TYR A 481 -2.66 -5.13 -9.10
C TYR A 481 -2.42 -3.72 -9.61
N PRO A 482 -1.44 -2.99 -9.00
CA PRO A 482 -1.21 -1.58 -9.36
C PRO A 482 -0.73 -1.37 -10.79
N HIS A 483 -0.50 -2.46 -11.56
CA HIS A 483 -0.25 -2.34 -13.00
C HIS A 483 -1.49 -2.56 -13.87
N TYR A 484 -2.69 -2.68 -13.29
CA TYR A 484 -3.87 -3.00 -14.09
C TYR A 484 -4.73 -1.76 -14.34
N ALA A 485 -4.84 -1.32 -15.60
CA ALA A 485 -5.73 -0.20 -15.92
C ALA A 485 -7.13 -0.69 -16.26
N ASN A 486 -7.90 0.22 -16.84
CA ASN A 486 -9.30 0.00 -17.15
C ASN A 486 -9.73 1.25 -17.92
N PRO A 487 -10.59 1.13 -18.95
CA PRO A 487 -10.87 2.29 -19.80
C PRO A 487 -11.24 3.47 -18.90
N PRO A 488 -10.71 4.68 -19.17
CA PRO A 488 -11.00 5.84 -18.34
C PRO A 488 -12.33 6.49 -18.71
N THR A 489 -13.43 5.73 -18.60
CA THR A 489 -14.72 6.16 -19.13
C THR A 489 -15.30 7.33 -18.32
N LEU A 490 -14.75 7.55 -17.12
CA LEU A 490 -15.23 8.65 -16.31
C LEU A 490 -14.96 9.99 -16.99
N PHE A 491 -13.96 10.04 -17.87
CA PHE A 491 -13.67 11.26 -18.59
C PHE A 491 -14.87 11.64 -19.45
N LEU A 492 -15.57 10.63 -19.98
CA LEU A 492 -16.76 10.86 -20.76
C LEU A 492 -17.80 11.65 -19.96
N VAL A 493 -17.84 11.48 -18.63
CA VAL A 493 -18.85 12.19 -17.85
C VAL A 493 -18.38 13.62 -17.67
N LEU A 494 -17.09 13.74 -17.36
CA LEU A 494 -16.44 15.03 -17.18
C LEU A 494 -16.57 15.86 -18.45
N ASP A 495 -16.43 15.19 -19.61
CA ASP A 495 -16.68 15.75 -20.93
C ASP A 495 -18.05 16.42 -21.02
N ASN A 496 -19.08 15.75 -20.48
CA ASN A 496 -20.45 16.19 -20.64
C ASN A 496 -20.73 17.34 -19.69
N PHE A 497 -20.04 17.30 -18.55
CA PHE A 497 -20.17 18.33 -17.54
C PHE A 497 -19.56 19.63 -18.08
N VAL A 498 -18.40 19.50 -18.73
CA VAL A 498 -17.67 20.60 -19.35
C VAL A 498 -18.50 21.29 -20.43
N GLU A 499 -19.22 20.53 -21.27
CA GLU A 499 -20.09 21.14 -22.28
C GLU A 499 -21.31 21.79 -21.60
N ARG A 500 -21.80 21.19 -20.51
CA ARG A 500 -22.95 21.74 -19.83
C ARG A 500 -22.55 23.08 -19.22
N LEU A 501 -21.29 23.14 -18.76
CA LEU A 501 -20.74 24.29 -18.05
C LEU A 501 -20.53 25.45 -19.02
N ARG A 502 -19.91 25.16 -20.18
CA ARG A 502 -19.60 26.12 -21.22
C ARG A 502 -20.88 26.82 -21.71
N LYS A 503 -22.00 26.09 -21.86
CA LYS A 503 -23.28 26.65 -22.31
C LYS A 503 -24.27 26.83 -21.13
N LEU A 517 -35.11 22.88 -2.96
CA LEU A 517 -33.67 22.89 -2.57
C LEU A 517 -32.98 21.66 -3.16
N ASP A 518 -33.75 20.58 -3.25
CA ASP A 518 -33.30 19.33 -3.85
C ASP A 518 -33.12 19.57 -5.35
N GLU A 519 -34.08 20.31 -5.93
CA GLU A 519 -33.96 20.63 -7.35
C GLU A 519 -32.73 21.52 -7.56
N THR A 520 -32.56 22.53 -6.67
CA THR A 520 -31.46 23.47 -6.77
C THR A 520 -30.11 22.77 -6.70
N LEU A 521 -29.95 21.94 -5.65
CA LEU A 521 -28.69 21.29 -5.34
C LEU A 521 -28.26 20.42 -6.52
N SER A 522 -29.24 19.76 -7.14
CA SER A 522 -28.95 18.83 -8.21
C SER A 522 -28.14 19.49 -9.31
N THR A 523 -28.33 20.80 -9.55
CA THR A 523 -27.67 21.46 -10.66
C THR A 523 -26.74 22.61 -10.24
N ALA A 524 -26.52 22.77 -8.93
CA ALA A 524 -25.76 23.89 -8.40
C ALA A 524 -24.36 24.01 -9.00
N SER A 525 -23.81 22.93 -9.55
CA SER A 525 -22.42 22.94 -9.98
C SER A 525 -22.30 23.35 -11.44
N VAL A 526 -23.43 23.62 -12.08
CA VAL A 526 -23.45 24.14 -13.44
C VAL A 526 -24.09 25.52 -13.41
N ASP A 527 -25.04 25.71 -12.49
CA ASP A 527 -25.78 26.95 -12.40
C ASP A 527 -24.88 28.04 -11.81
N ASN A 528 -23.81 27.62 -11.13
CA ASN A 528 -22.91 28.52 -10.43
C ASN A 528 -21.49 28.33 -10.98
N PRO A 529 -21.16 28.93 -12.14
CA PRO A 529 -19.88 28.68 -12.81
C PRO A 529 -18.64 28.60 -11.92
N GLU A 530 -18.56 29.43 -10.88
CA GLU A 530 -17.36 29.43 -10.05
C GLU A 530 -17.25 28.08 -9.33
N VAL A 531 -18.40 27.51 -8.95
CA VAL A 531 -18.47 26.22 -8.28
C VAL A 531 -17.98 25.11 -9.22
N GLY A 532 -18.57 25.07 -10.43
CA GLY A 532 -18.12 24.16 -11.47
C GLY A 532 -16.60 24.15 -11.58
N LEU A 533 -16.03 25.35 -11.71
CA LEU A 533 -14.63 25.53 -12.01
C LEU A 533 -13.75 25.02 -10.88
N GLU A 534 -14.17 25.29 -9.63
CA GLU A 534 -13.34 25.01 -8.46
C GLU A 534 -13.22 23.49 -8.32
N TYR A 535 -14.35 22.81 -8.56
CA TYR A 535 -14.37 21.35 -8.62
C TYR A 535 -13.31 20.86 -9.61
N LEU A 536 -13.32 21.39 -10.85
CA LEU A 536 -12.38 20.97 -11.88
C LEU A 536 -10.95 21.35 -11.49
N ARG A 537 -10.77 22.51 -10.85
CA ARG A 537 -9.48 22.98 -10.39
C ARG A 537 -8.88 21.94 -9.44
N ARG A 538 -9.74 21.41 -8.56
CA ARG A 538 -9.35 20.46 -7.52
C ARG A 538 -9.10 19.07 -8.10
N LEU A 539 -9.86 18.69 -9.15
CA LEU A 539 -9.82 17.36 -9.73
C LEU A 539 -8.68 17.25 -10.75
N TYR A 540 -8.43 18.39 -11.45
CA TYR A 540 -7.49 18.48 -12.55
C TYR A 540 -6.16 17.79 -12.24
N PRO A 541 -5.49 18.14 -11.12
CA PRO A 541 -4.23 17.49 -10.76
C PRO A 541 -4.30 15.97 -10.85
N LEU A 542 -5.46 15.39 -10.51
CA LEU A 542 -5.57 13.95 -10.41
C LEU A 542 -5.86 13.36 -11.79
N LEU A 543 -6.64 14.10 -12.59
CA LEU A 543 -6.84 13.67 -13.96
C LEU A 543 -5.47 13.53 -14.61
N ARG A 544 -4.66 14.59 -14.53
CA ARG A 544 -3.36 14.61 -15.19
C ARG A 544 -2.54 13.46 -14.63
N ARG A 545 -2.68 13.25 -13.31
CA ARG A 545 -1.80 12.26 -12.70
C ARG A 545 -2.10 10.94 -13.38
N GLN A 546 -3.39 10.67 -13.60
CA GLN A 546 -3.84 9.41 -14.17
C GLN A 546 -3.36 9.31 -15.61
N PHE A 547 -3.55 10.40 -16.36
CA PHE A 547 -3.03 10.48 -17.73
C PHE A 547 -1.58 10.03 -17.74
N ASP A 548 -0.79 10.56 -16.79
CA ASP A 548 0.64 10.31 -16.76
C ASP A 548 0.86 8.85 -16.41
N TRP A 549 -0.06 8.28 -15.61
CA TRP A 549 0.11 6.94 -15.08
C TRP A 549 -0.10 5.93 -16.19
N PHE A 550 -1.06 6.22 -17.08
CA PHE A 550 -1.30 5.42 -18.27
C PHE A 550 -0.04 5.36 -19.12
N ARG A 551 0.58 6.52 -19.37
CA ARG A 551 1.77 6.60 -20.23
C ARG A 551 2.97 5.96 -19.55
N LYS A 552 3.03 6.02 -18.22
CA LYS A 552 4.12 5.38 -17.49
C LYS A 552 3.97 3.86 -17.56
N THR A 553 2.76 3.34 -17.36
CA THR A 553 2.61 1.92 -17.03
C THR A 553 2.10 1.10 -18.23
N GLN A 554 1.43 1.75 -19.19
CA GLN A 554 0.78 1.02 -20.27
C GLN A 554 1.37 1.38 -21.63
N ALA A 555 2.70 1.52 -21.69
CA ALA A 555 3.42 2.01 -22.85
C ALA A 555 3.78 0.88 -23.80
N GLY A 556 3.51 1.10 -25.09
CA GLY A 556 3.98 0.22 -26.14
C GLY A 556 5.41 0.52 -26.53
N ASP A 557 6.06 -0.46 -27.15
CA ASP A 557 7.44 -0.41 -27.62
C ASP A 557 7.46 -0.11 -29.12
N ILE A 558 7.75 1.15 -29.46
CA ILE A 558 8.05 1.53 -30.82
C ILE A 558 9.53 1.30 -31.12
N LYS A 559 10.40 1.89 -30.29
CA LYS A 559 11.80 2.13 -30.66
C LYS A 559 12.61 0.83 -30.70
N SER A 560 12.12 -0.25 -30.10
CA SER A 560 12.97 -1.44 -30.00
C SER A 560 12.79 -2.43 -31.17
N TYR A 561 11.96 -2.07 -32.15
CA TYR A 561 11.64 -2.94 -33.28
C TYR A 561 11.71 -2.13 -34.58
N ASP A 562 11.58 -2.82 -35.72
CA ASP A 562 11.48 -2.18 -37.03
C ASP A 562 10.14 -1.49 -37.16
N ARG A 563 9.95 -0.36 -36.43
CA ARG A 563 8.66 0.32 -36.37
C ARG A 563 8.86 1.79 -36.71
N GLU A 564 8.25 2.23 -37.81
CA GLU A 564 8.30 3.62 -38.21
C GLU A 564 6.91 4.20 -38.04
N ALA A 565 6.86 5.46 -37.63
CA ALA A 565 5.62 6.16 -37.32
C ALA A 565 5.95 7.61 -37.03
N TYR A 566 4.95 8.47 -37.16
CA TYR A 566 5.11 9.92 -37.05
C TYR A 566 5.64 10.32 -35.68
N SER A 567 5.29 9.52 -34.65
CA SER A 567 5.70 9.75 -33.27
C SER A 567 6.38 8.52 -32.69
N THR A 568 7.42 8.74 -31.87
CA THR A 568 8.14 7.66 -31.22
C THR A 568 7.58 7.45 -29.81
N LYS A 569 6.84 8.44 -29.34
CA LYS A 569 6.18 8.41 -28.04
C LYS A 569 4.99 7.44 -28.07
N GLU A 570 3.97 7.71 -28.91
CA GLU A 570 2.62 7.19 -28.72
C GLU A 570 2.44 5.76 -29.24
N ALA A 571 2.37 4.81 -28.32
CA ALA A 571 2.02 3.43 -28.56
C ALA A 571 1.60 2.83 -27.22
N TYR A 572 0.44 2.17 -27.17
CA TYR A 572 0.05 1.62 -25.88
C TYR A 572 -0.21 0.13 -25.92
N ARG A 573 -0.08 -0.51 -24.77
CA ARG A 573 -0.33 -1.93 -24.61
C ARG A 573 -0.83 -2.17 -23.20
N TRP A 574 -2.00 -2.84 -23.10
CA TRP A 574 -2.61 -3.17 -21.81
C TRP A 574 -1.75 -4.17 -21.07
N ARG A 575 -1.37 -3.78 -19.84
CA ARG A 575 -0.76 -4.76 -18.95
C ARG A 575 -1.89 -5.62 -18.43
N GLY A 576 -1.64 -6.94 -18.38
CA GLY A 576 -2.44 -7.87 -17.63
C GLY A 576 -2.88 -9.07 -18.46
N ARG A 577 -2.38 -9.16 -19.70
CA ARG A 577 -3.10 -10.05 -20.58
C ARG A 577 -2.54 -11.47 -20.46
N THR A 578 -3.46 -12.42 -20.54
CA THR A 578 -3.13 -13.83 -20.46
C THR A 578 -3.39 -14.43 -21.85
N VAL A 579 -3.16 -15.74 -21.98
CA VAL A 579 -3.15 -16.36 -23.30
C VAL A 579 -4.48 -16.07 -24.00
N SER A 580 -5.61 -16.20 -23.28
CA SER A 580 -6.91 -16.10 -23.91
C SER A 580 -7.67 -14.84 -23.51
N HIS A 581 -7.15 -14.07 -22.56
CA HIS A 581 -7.88 -12.95 -22.02
C HIS A 581 -7.05 -11.67 -22.02
N CYS A 582 -7.75 -10.53 -21.99
CA CYS A 582 -7.25 -9.21 -21.64
C CYS A 582 -8.30 -8.45 -20.82
N LEU A 583 -8.35 -8.77 -19.51
CA LEU A 583 -9.40 -8.31 -18.62
C LEU A 583 -9.39 -6.79 -18.51
N THR A 584 -8.21 -6.18 -18.63
CA THR A 584 -8.04 -4.82 -18.18
C THR A 584 -8.75 -3.90 -19.18
N SER A 585 -8.96 -4.42 -20.38
CA SER A 585 -9.38 -3.57 -21.48
C SER A 585 -10.89 -3.39 -21.42
N GLY A 586 -11.53 -4.26 -20.62
CA GLY A 586 -12.98 -4.29 -20.49
C GLY A 586 -13.60 -5.48 -21.23
N LEU A 587 -12.92 -5.87 -22.31
CA LEU A 587 -13.53 -6.72 -23.31
C LEU A 587 -12.89 -8.09 -23.15
N ASP A 588 -13.35 -8.82 -22.13
CA ASP A 588 -12.62 -9.92 -21.53
C ASP A 588 -11.91 -10.78 -22.57
N ASP A 589 -12.62 -11.37 -23.54
CA ASP A 589 -12.09 -12.44 -24.38
C ASP A 589 -12.19 -12.06 -25.85
N TYR A 590 -12.28 -10.76 -26.13
CA TYR A 590 -12.22 -10.33 -27.51
C TYR A 590 -10.86 -10.79 -28.04
N PRO A 591 -10.82 -11.37 -29.25
CA PRO A 591 -9.57 -11.89 -29.81
C PRO A 591 -8.46 -10.84 -29.97
N ARG A 592 -7.28 -11.19 -29.43
CA ARG A 592 -6.12 -10.32 -29.48
C ARG A 592 -4.97 -11.07 -30.15
N PRO A 593 -3.85 -10.38 -30.55
CA PRO A 593 -2.69 -11.06 -31.12
C PRO A 593 -2.36 -12.33 -30.33
N GLN A 594 -1.99 -13.43 -31.05
CA GLN A 594 -1.52 -14.67 -30.45
C GLN A 594 -0.11 -14.99 -30.94
N PRO A 595 0.81 -15.39 -30.04
CA PRO A 595 0.57 -15.33 -28.60
C PRO A 595 0.72 -13.88 -28.15
N PRO A 596 0.35 -13.56 -26.89
CA PRO A 596 0.50 -12.21 -26.38
C PRO A 596 2.00 -11.97 -26.34
N HIS A 597 2.38 -10.69 -26.37
CA HIS A 597 3.76 -10.41 -26.68
C HIS A 597 4.02 -8.94 -26.33
N PRO A 598 5.19 -8.62 -25.73
CA PRO A 598 5.50 -7.24 -25.33
C PRO A 598 5.48 -6.27 -26.51
N GLY A 599 5.52 -6.83 -27.73
CA GLY A 599 5.48 -6.04 -28.95
C GLY A 599 4.08 -5.55 -29.29
N GLU A 600 3.06 -6.15 -28.65
CA GLU A 600 1.67 -5.75 -28.86
C GLU A 600 1.50 -4.23 -28.75
N LEU A 601 0.60 -3.72 -29.58
CA LEU A 601 -0.02 -2.42 -29.38
C LEU A 601 -1.52 -2.57 -29.61
N HIS A 602 -2.34 -1.97 -28.73
CA HIS A 602 -3.76 -2.22 -28.73
C HIS A 602 -4.48 -0.94 -29.13
N VAL A 603 -5.34 -1.02 -30.17
CA VAL A 603 -5.84 0.21 -30.75
C VAL A 603 -6.86 0.87 -29.82
N ASP A 604 -7.57 0.04 -29.02
CA ASP A 604 -8.56 0.56 -28.07
C ASP A 604 -7.90 1.43 -27.01
N LEU A 605 -6.77 0.95 -26.45
CA LEU A 605 -6.08 1.66 -25.37
C LEU A 605 -5.65 3.05 -25.85
N MET A 606 -5.07 3.10 -27.06
CA MET A 606 -4.60 4.36 -27.63
C MET A 606 -5.76 5.34 -27.74
N SER A 607 -6.93 4.82 -28.11
CA SER A 607 -8.08 5.68 -28.31
C SER A 607 -8.60 6.19 -26.97
N TRP A 608 -8.37 5.41 -25.90
CA TRP A 608 -8.80 5.88 -24.58
C TRP A 608 -7.91 7.04 -24.14
N VAL A 609 -6.59 6.92 -24.41
CA VAL A 609 -5.62 7.97 -24.14
C VAL A 609 -6.03 9.22 -24.91
N GLY A 610 -6.34 9.03 -26.20
CA GLY A 610 -6.99 10.06 -26.99
C GLY A 610 -8.14 10.72 -26.23
N VAL A 611 -9.02 9.90 -25.64
CA VAL A 611 -10.21 10.39 -24.97
C VAL A 611 -9.76 11.30 -23.83
N MET A 612 -8.67 10.92 -23.15
CA MET A 612 -8.23 11.66 -21.98
C MET A 612 -7.64 13.01 -22.39
N VAL A 613 -6.78 13.02 -23.42
CA VAL A 613 -6.14 14.25 -23.85
C VAL A 613 -7.19 15.27 -24.24
N LYS A 614 -8.16 14.82 -25.04
CA LYS A 614 -9.19 15.74 -25.49
C LYS A 614 -9.82 16.43 -24.29
N SER A 615 -9.95 15.71 -23.16
CA SER A 615 -10.64 16.19 -21.98
C SER A 615 -9.73 17.15 -21.22
N LEU A 616 -8.44 16.79 -21.15
CA LEU A 616 -7.43 17.56 -20.45
C LEU A 616 -7.30 18.93 -21.12
N ILE A 617 -7.27 18.96 -22.46
CA ILE A 617 -7.34 20.18 -23.25
C ILE A 617 -8.55 21.02 -22.82
N SER A 618 -9.75 20.42 -22.78
CA SER A 618 -10.97 21.17 -22.50
C SER A 618 -10.88 21.80 -21.12
N ILE A 619 -10.38 21.02 -20.15
CA ILE A 619 -10.43 21.37 -18.74
C ILE A 619 -9.28 22.34 -18.45
N GLY A 620 -8.09 21.96 -18.92
CA GLY A 620 -6.90 22.80 -18.88
C GLY A 620 -7.17 24.22 -19.36
N SER A 621 -7.76 24.35 -20.54
CA SER A 621 -8.14 25.64 -21.11
C SER A 621 -9.08 26.40 -20.19
N LEU A 622 -9.93 25.70 -19.45
CA LEU A 622 -10.82 26.41 -18.55
C LEU A 622 -10.06 26.88 -17.31
N LEU A 623 -8.94 26.22 -17.01
CA LEU A 623 -8.15 26.64 -15.85
C LEU A 623 -6.97 27.51 -16.31
N GLY A 624 -6.75 27.58 -17.62
CA GLY A 624 -5.65 28.34 -18.21
C GLY A 624 -4.27 27.74 -17.93
N ALA A 625 -4.16 26.40 -17.83
CA ALA A 625 -2.84 25.78 -17.67
C ALA A 625 -2.18 25.65 -19.03
N THR A 626 -1.60 26.77 -19.49
CA THR A 626 -1.24 26.99 -20.89
C THR A 626 -0.04 26.13 -21.24
N GLU A 627 0.90 26.03 -20.30
CA GLU A 627 2.08 25.19 -20.42
C GLU A 627 1.62 23.77 -20.77
N ASP A 628 0.53 23.35 -20.12
CA ASP A 628 -0.02 22.01 -20.18
C ASP A 628 -0.78 21.77 -21.49
N VAL A 629 -1.66 22.71 -21.84
CA VAL A 629 -2.53 22.60 -23.01
C VAL A 629 -1.70 22.49 -24.29
N GLU A 630 -0.50 23.08 -24.29
CA GLU A 630 0.40 22.95 -25.43
C GLU A 630 0.98 21.54 -25.50
N PHE A 631 1.31 20.95 -24.34
CA PHE A 631 1.76 19.57 -24.28
C PHE A 631 0.68 18.64 -24.83
N TYR A 632 -0.54 18.85 -24.35
CA TYR A 632 -1.70 18.03 -24.71
C TYR A 632 -1.88 18.02 -26.22
N THR A 633 -1.76 19.20 -26.85
CA THR A 633 -1.99 19.31 -28.28
C THR A 633 -0.93 18.55 -29.08
N LYS A 634 0.32 18.60 -28.59
CA LYS A 634 1.41 17.92 -29.26
C LYS A 634 1.20 16.41 -29.16
N VAL A 635 0.46 15.96 -28.13
CA VAL A 635 0.24 14.53 -27.91
C VAL A 635 -1.01 14.04 -28.67
N LEU A 636 -2.08 14.84 -28.62
CA LEU A 636 -3.26 14.58 -29.45
C LEU A 636 -2.82 14.38 -30.91
N ASP A 637 -2.05 15.34 -31.44
CA ASP A 637 -1.58 15.33 -32.82
C ASP A 637 -0.89 13.99 -33.10
N ALA A 638 0.04 13.60 -32.22
CA ALA A 638 0.80 12.39 -32.45
C ALA A 638 -0.12 11.16 -32.47
N ILE A 639 -1.13 11.14 -31.58
CA ILE A 639 -1.98 9.96 -31.48
C ILE A 639 -2.72 9.76 -32.80
N GLU A 640 -3.41 10.83 -33.24
CA GLU A 640 -4.13 10.84 -34.50
C GLU A 640 -3.25 10.27 -35.61
N HIS A 641 -2.00 10.77 -35.73
CA HIS A 641 -1.11 10.25 -36.76
C HIS A 641 -0.82 8.79 -36.49
N ASN A 642 -0.52 8.48 -35.22
CA ASN A 642 0.04 7.18 -34.88
C ASN A 642 -1.02 6.09 -34.94
N LEU A 643 -2.28 6.46 -34.69
CA LEU A 643 -3.42 5.58 -34.90
C LEU A 643 -3.37 5.01 -36.32
N ASP A 644 -3.15 5.91 -37.29
CA ASP A 644 -3.02 5.54 -38.70
C ASP A 644 -1.77 4.69 -38.92
N ASP A 645 -0.59 5.17 -38.51
CA ASP A 645 0.66 4.56 -38.94
C ASP A 645 0.77 3.18 -38.30
N LEU A 646 0.23 3.05 -37.07
CA LEU A 646 0.43 1.86 -36.27
C LEU A 646 -0.76 0.89 -36.36
N HIS A 647 -1.97 1.43 -36.57
CA HIS A 647 -3.16 0.62 -36.39
C HIS A 647 -4.04 0.48 -37.64
N TRP A 648 -3.98 1.44 -38.57
CA TRP A 648 -4.82 1.39 -39.76
C TRP A 648 -4.41 0.24 -40.68
N SER A 649 -5.44 -0.47 -41.19
CA SER A 649 -5.25 -1.44 -42.26
C SER A 649 -5.99 -0.97 -43.51
N GLU A 650 -5.23 -0.70 -44.59
CA GLU A 650 -5.82 -0.54 -45.92
C GLU A 650 -6.33 -1.87 -46.48
N LYS A 651 -5.60 -2.99 -46.33
CA LYS A 651 -6.13 -4.28 -46.80
C LYS A 651 -7.57 -4.46 -46.31
N GLU A 652 -7.87 -4.14 -45.04
CA GLU A 652 -9.07 -4.64 -44.40
C GLU A 652 -10.09 -3.52 -44.20
N GLY A 653 -9.63 -2.27 -44.24
CA GLY A 653 -10.54 -1.15 -44.15
C GLY A 653 -11.08 -0.91 -42.74
N CYS A 654 -10.23 -1.15 -41.73
N CYS A 654 -10.23 -1.15 -41.73
CA CYS A 654 -10.55 -0.80 -40.36
CA CYS A 654 -10.56 -0.86 -40.35
C CYS A 654 -9.27 -0.76 -39.53
C CYS A 654 -9.28 -0.78 -39.53
N TYR A 655 -9.43 -0.51 -38.23
CA TYR A 655 -8.30 -0.44 -37.32
C TYR A 655 -7.98 -1.83 -36.77
N CYS A 656 -6.71 -2.02 -36.41
CA CYS A 656 -6.31 -3.31 -35.87
C CYS A 656 -5.33 -3.14 -34.71
N ASP A 657 -5.31 -4.13 -33.83
CA ASP A 657 -4.20 -4.29 -32.91
C ASP A 657 -2.96 -4.67 -33.73
N ALA A 658 -1.77 -4.54 -33.13
CA ALA A 658 -0.51 -5.01 -33.71
C ALA A 658 0.23 -5.94 -32.75
N THR A 659 1.16 -6.73 -33.28
CA THR A 659 2.14 -7.50 -32.52
C THR A 659 3.48 -7.26 -33.21
N ILE A 660 4.45 -8.13 -32.94
CA ILE A 660 5.59 -8.25 -33.82
C ILE A 660 5.80 -9.74 -34.07
N ASP A 661 6.24 -10.03 -35.31
CA ASP A 661 6.30 -11.30 -36.01
C ASP A 661 7.22 -12.31 -35.35
N GLU A 662 7.16 -13.56 -35.86
CA GLU A 662 8.17 -14.59 -35.67
C GLU A 662 9.52 -14.10 -36.22
N PHE A 663 9.48 -13.15 -37.18
CA PHE A 663 10.67 -12.60 -37.80
C PHE A 663 10.84 -11.15 -37.34
N GLU A 664 10.24 -10.81 -36.19
CA GLU A 664 10.52 -9.58 -35.47
C GLU A 664 10.10 -8.29 -36.21
N GLU A 665 9.11 -8.36 -37.12
CA GLU A 665 8.56 -7.15 -37.71
C GLU A 665 7.09 -6.98 -37.27
N HIS A 666 6.60 -5.73 -37.31
CA HIS A 666 5.26 -5.32 -36.92
C HIS A 666 4.19 -5.90 -37.86
N LYS A 667 3.29 -6.72 -37.32
CA LYS A 667 2.18 -7.33 -38.06
C LYS A 667 0.90 -6.72 -37.52
N LEU A 668 0.01 -6.29 -38.41
CA LEU A 668 -1.37 -6.00 -38.04
C LEU A 668 -2.13 -7.29 -37.79
N VAL A 669 -3.04 -7.27 -36.81
CA VAL A 669 -3.84 -8.45 -36.49
C VAL A 669 -5.30 -8.03 -36.45
N CYS A 670 -6.07 -8.41 -37.49
CA CYS A 670 -7.40 -7.86 -37.63
C CYS A 670 -8.46 -8.85 -37.20
N HIS A 671 -9.32 -8.35 -36.32
CA HIS A 671 -10.46 -9.09 -35.85
C HIS A 671 -11.59 -8.09 -35.90
N LYS A 672 -12.41 -8.20 -36.96
CA LYS A 672 -13.42 -7.18 -37.20
C LYS A 672 -14.48 -7.24 -36.10
N GLY A 673 -14.61 -6.11 -35.39
CA GLY A 673 -15.51 -6.07 -34.25
C GLY A 673 -15.39 -4.72 -33.57
N TYR A 674 -15.69 -4.71 -32.26
CA TYR A 674 -15.78 -3.47 -31.50
C TYR A 674 -14.43 -2.75 -31.51
N ILE A 675 -13.37 -3.50 -31.18
CA ILE A 675 -11.98 -3.06 -31.16
C ILE A 675 -11.68 -2.30 -32.45
N SER A 676 -12.20 -2.81 -33.59
CA SER A 676 -11.84 -2.35 -34.92
C SER A 676 -12.37 -0.95 -35.16
N LEU A 677 -13.38 -0.55 -34.37
CA LEU A 677 -14.12 0.68 -34.56
C LEU A 677 -13.66 1.76 -33.58
N PHE A 678 -12.65 1.42 -32.76
CA PHE A 678 -12.42 2.18 -31.55
C PHE A 678 -12.15 3.68 -31.80
N PRO A 679 -11.25 4.07 -32.74
CA PRO A 679 -11.00 5.48 -33.00
C PRO A 679 -12.31 6.22 -33.24
N PHE A 680 -13.27 5.52 -33.85
CA PHE A 680 -14.57 6.11 -34.17
C PHE A 680 -15.43 6.21 -32.90
N LEU A 681 -15.42 5.18 -32.06
CA LEU A 681 -16.35 5.07 -30.94
C LEU A 681 -16.08 6.18 -29.92
N THR A 682 -14.81 6.57 -29.87
CA THR A 682 -14.25 7.45 -28.85
C THR A 682 -14.18 8.87 -29.39
N GLY A 683 -14.71 9.08 -30.60
CA GLY A 683 -14.90 10.41 -31.17
C GLY A 683 -13.61 11.05 -31.70
N LEU A 684 -12.65 10.24 -32.18
CA LEU A 684 -11.33 10.73 -32.53
C LEU A 684 -11.18 11.07 -34.01
N LEU A 685 -12.05 10.52 -34.89
CA LEU A 685 -11.93 10.73 -36.32
C LEU A 685 -12.64 12.00 -36.79
N LYS A 686 -12.05 12.68 -37.80
CA LYS A 686 -12.66 13.87 -38.39
C LYS A 686 -13.87 13.45 -39.22
N PRO A 687 -14.99 14.23 -39.27
CA PRO A 687 -16.23 13.80 -39.93
C PRO A 687 -16.16 13.52 -41.43
N ASP A 688 -15.10 14.00 -42.09
CA ASP A 688 -14.94 13.86 -43.52
C ASP A 688 -13.90 12.78 -43.81
N SER A 689 -13.40 12.12 -42.76
CA SER A 689 -12.34 11.15 -42.97
C SER A 689 -12.81 10.00 -43.85
N PRO A 690 -12.05 9.63 -44.91
CA PRO A 690 -12.24 8.36 -45.61
C PRO A 690 -12.35 7.15 -44.68
N LYS A 691 -11.53 7.14 -43.61
CA LYS A 691 -11.51 6.02 -42.71
C LYS A 691 -12.85 5.88 -42.00
N LEU A 692 -13.45 7.01 -41.61
CA LEU A 692 -14.76 7.02 -40.98
C LEU A 692 -15.77 6.32 -41.89
N GLY A 693 -15.86 6.81 -43.13
CA GLY A 693 -16.68 6.21 -44.17
C GLY A 693 -16.51 4.69 -44.23
N LYS A 694 -15.24 4.23 -44.21
CA LYS A 694 -14.98 2.81 -44.38
C LYS A 694 -15.49 2.05 -43.16
N LEU A 695 -15.40 2.69 -41.98
CA LEU A 695 -15.90 2.08 -40.76
C LEU A 695 -17.42 2.05 -40.82
N LEU A 696 -18.01 3.12 -41.38
CA LEU A 696 -19.46 3.14 -41.46
C LEU A 696 -19.96 1.97 -42.31
N ALA A 697 -19.21 1.65 -43.37
CA ALA A 697 -19.46 0.47 -44.20
C ALA A 697 -19.45 -0.78 -43.33
N LEU A 698 -18.43 -0.93 -42.50
CA LEU A 698 -18.28 -2.12 -41.65
C LEU A 698 -19.37 -2.18 -40.58
N ILE A 699 -19.77 -1.02 -40.02
CA ILE A 699 -20.78 -1.03 -38.98
C ILE A 699 -22.10 -1.45 -39.60
N GLY A 700 -22.32 -1.00 -40.85
CA GLY A 700 -23.59 -1.10 -41.56
C GLY A 700 -23.85 -2.52 -42.05
N ASP A 701 -22.77 -3.30 -42.17
CA ASP A 701 -22.74 -4.48 -43.04
C ASP A 701 -23.23 -5.72 -42.28
N GLU A 702 -24.43 -6.18 -42.61
CA GLU A 702 -25.08 -7.26 -41.90
C GLU A 702 -24.19 -8.50 -41.79
N SER A 703 -23.36 -8.73 -42.80
CA SER A 703 -22.65 -9.98 -42.95
C SER A 703 -21.46 -10.02 -42.01
N GLU A 704 -21.11 -8.81 -41.49
CA GLU A 704 -20.07 -8.57 -40.49
C GLU A 704 -20.67 -8.35 -39.09
N LEU A 705 -21.03 -7.09 -38.79
CA LEU A 705 -21.36 -6.70 -37.42
C LEU A 705 -22.82 -6.36 -37.23
N TRP A 706 -23.60 -6.20 -38.30
CA TRP A 706 -24.91 -5.59 -38.13
C TRP A 706 -26.01 -6.64 -37.98
N SER A 707 -26.49 -6.79 -36.75
CA SER A 707 -27.52 -7.78 -36.49
C SER A 707 -28.81 -7.00 -36.34
N PRO A 708 -29.97 -7.67 -36.40
CA PRO A 708 -31.25 -6.98 -36.31
C PRO A 708 -31.36 -6.43 -34.90
N TYR A 709 -30.52 -6.93 -33.99
CA TYR A 709 -30.65 -6.68 -32.56
C TYR A 709 -29.63 -5.66 -32.04
N GLY A 710 -28.73 -5.17 -32.89
CA GLY A 710 -27.65 -4.29 -32.47
C GLY A 710 -26.33 -4.75 -33.07
N LEU A 711 -25.24 -4.00 -32.81
CA LEU A 711 -23.94 -4.36 -33.35
C LEU A 711 -23.37 -5.53 -32.57
N ARG A 712 -22.91 -6.54 -33.31
CA ARG A 712 -22.20 -7.68 -32.76
C ARG A 712 -20.81 -7.26 -32.26
N SER A 713 -20.42 -7.78 -31.08
CA SER A 713 -19.10 -7.56 -30.49
C SER A 713 -17.99 -7.94 -31.47
N LEU A 714 -18.21 -9.03 -32.22
CA LEU A 714 -17.23 -9.57 -33.18
C LEU A 714 -17.95 -10.02 -34.45
N SER A 715 -17.26 -9.98 -35.60
CA SER A 715 -17.89 -10.26 -36.89
C SER A 715 -18.15 -11.76 -37.06
N LYS A 716 -19.20 -12.07 -37.85
CA LYS A 716 -19.61 -13.45 -38.10
C LYS A 716 -18.58 -14.13 -38.99
N LYS A 717 -17.75 -13.30 -39.64
CA LYS A 717 -16.71 -13.76 -40.55
C LYS A 717 -15.40 -13.90 -39.83
N ASP A 718 -15.27 -13.32 -38.64
CA ASP A 718 -14.05 -13.57 -37.89
C ASP A 718 -14.04 -15.02 -37.45
N GLU A 719 -12.83 -15.60 -37.46
CA GLU A 719 -12.67 -17.03 -37.25
C GLU A 719 -12.92 -17.38 -35.79
N PHE A 720 -13.03 -16.35 -34.95
CA PHE A 720 -13.20 -16.55 -33.52
C PHE A 720 -14.63 -16.28 -33.09
N TYR A 721 -15.50 -16.01 -34.07
CA TYR A 721 -16.90 -15.73 -33.79
C TYR A 721 -17.53 -16.92 -33.09
N GLY A 722 -18.12 -16.65 -31.91
CA GLY A 722 -18.90 -17.63 -31.16
C GLY A 722 -18.05 -18.81 -30.68
N THR A 723 -16.76 -18.57 -30.47
CA THR A 723 -15.85 -19.56 -29.90
C THR A 723 -15.63 -19.34 -28.40
N ALA A 724 -15.21 -20.40 -27.71
CA ALA A 724 -14.76 -20.37 -26.32
C ALA A 724 -15.92 -19.98 -25.42
N GLU A 725 -15.67 -19.02 -24.53
CA GLU A 725 -16.69 -18.57 -23.60
C GLU A 725 -17.65 -17.62 -24.32
N ASN A 726 -17.22 -17.09 -25.46
CA ASN A 726 -18.10 -16.27 -26.27
C ASN A 726 -18.65 -15.09 -25.46
N TYR A 727 -17.77 -14.46 -24.65
CA TYR A 727 -18.22 -13.32 -23.89
C TYR A 727 -18.30 -12.10 -24.80
N TRP A 728 -17.14 -11.67 -25.31
CA TRP A 728 -17.15 -10.54 -26.23
C TRP A 728 -16.91 -11.02 -27.67
N ARG A 729 -17.43 -12.21 -28.01
CA ARG A 729 -16.99 -12.81 -29.26
C ARG A 729 -18.14 -12.98 -30.25
N SER A 730 -19.23 -12.24 -29.99
CA SER A 730 -20.39 -12.16 -30.86
C SER A 730 -21.50 -11.34 -30.19
N PRO A 731 -21.83 -11.54 -28.89
CA PRO A 731 -23.04 -10.93 -28.33
C PRO A 731 -23.11 -9.40 -28.43
N VAL A 732 -24.33 -8.87 -28.25
CA VAL A 732 -24.56 -7.43 -28.37
C VAL A 732 -24.42 -6.85 -26.96
N TRP A 733 -23.57 -5.82 -26.84
CA TRP A 733 -23.29 -5.18 -25.57
C TRP A 733 -23.78 -3.74 -25.59
N ILE A 734 -24.55 -3.31 -24.59
CA ILE A 734 -25.27 -2.06 -24.76
C ILE A 734 -24.32 -0.87 -24.70
N ASN A 735 -23.28 -0.94 -23.85
CA ASN A 735 -22.36 0.16 -23.64
C ASN A 735 -21.60 0.54 -24.91
N ILE A 736 -21.07 -0.46 -25.63
CA ILE A 736 -20.33 -0.16 -26.85
C ILE A 736 -21.29 0.30 -27.96
N ASN A 737 -22.50 -0.29 -27.98
CA ASN A 737 -23.57 0.12 -28.90
C ASN A 737 -23.94 1.58 -28.66
N TYR A 738 -23.89 1.98 -27.38
CA TYR A 738 -24.23 3.33 -26.97
C TYR A 738 -23.20 4.29 -27.55
N LEU A 739 -21.91 3.94 -27.42
CA LEU A 739 -20.92 4.84 -27.98
C LEU A 739 -21.10 4.94 -29.50
N ALA A 740 -21.39 3.82 -30.17
CA ALA A 740 -21.65 3.85 -31.61
C ALA A 740 -22.82 4.79 -31.91
N ILE A 741 -23.90 4.67 -31.14
CA ILE A 741 -25.08 5.46 -31.42
C ILE A 741 -24.80 6.95 -31.28
N VAL A 742 -24.03 7.32 -30.26
CA VAL A 742 -23.73 8.71 -29.94
C VAL A 742 -22.81 9.30 -31.03
N GLN A 743 -21.87 8.51 -31.53
CA GLN A 743 -20.97 8.99 -32.57
C GLN A 743 -21.69 9.10 -33.91
N LEU A 744 -22.60 8.16 -34.24
CA LEU A 744 -23.40 8.24 -35.44
C LEU A 744 -24.21 9.54 -35.47
N TYR A 745 -24.89 9.83 -34.38
CA TYR A 745 -25.73 11.02 -34.28
C TYR A 745 -24.91 12.31 -34.41
N ASN A 746 -23.65 12.25 -33.99
CA ASN A 746 -22.77 13.41 -34.09
C ASN A 746 -22.55 13.70 -35.58
N ILE A 747 -22.20 12.65 -36.33
CA ILE A 747 -21.93 12.74 -37.75
C ILE A 747 -23.21 13.06 -38.53
N ALA A 748 -24.36 12.60 -38.01
CA ALA A 748 -25.65 12.83 -38.65
C ALA A 748 -26.09 14.30 -38.61
N THR A 749 -25.61 15.09 -37.64
CA THR A 749 -26.16 16.42 -37.42
C THR A 749 -25.10 17.49 -37.69
N GLN A 750 -24.35 17.26 -38.77
CA GLN A 750 -23.25 18.12 -39.19
C GLN A 750 -23.17 18.02 -40.71
N ASP A 751 -22.88 19.15 -41.38
CA ASP A 751 -22.57 19.18 -42.80
C ASP A 751 -21.34 18.29 -43.06
N GLY A 752 -21.41 17.35 -44.03
CA GLY A 752 -20.29 16.50 -44.41
C GLY A 752 -20.69 15.33 -45.32
N PRO A 753 -19.75 14.47 -45.79
CA PRO A 753 -20.04 13.41 -46.76
C PRO A 753 -20.89 12.24 -46.28
N TYR A 754 -20.85 11.94 -44.99
CA TYR A 754 -21.44 10.70 -44.53
C TYR A 754 -22.67 11.00 -43.68
N LYS A 755 -23.01 12.29 -43.57
CA LYS A 755 -24.15 12.76 -42.80
C LYS A 755 -25.42 11.91 -43.01
N GLU A 756 -25.76 11.55 -44.25
CA GLU A 756 -27.06 10.92 -44.46
C GLU A 756 -26.95 9.40 -44.25
N THR A 757 -25.77 8.78 -44.49
CA THR A 757 -25.66 7.37 -44.15
C THR A 757 -25.74 7.22 -42.63
N ALA A 758 -24.95 8.07 -41.97
CA ALA A 758 -24.93 8.17 -40.52
C ALA A 758 -26.35 8.35 -39.98
N ARG A 759 -27.12 9.27 -40.55
CA ARG A 759 -28.49 9.45 -40.12
C ARG A 759 -29.27 8.14 -40.28
N ASP A 760 -29.07 7.40 -41.38
CA ASP A 760 -29.84 6.18 -41.51
C ASP A 760 -29.48 5.24 -40.34
N LEU A 761 -28.16 5.05 -40.14
CA LEU A 761 -27.65 4.03 -39.23
C LEU A 761 -28.02 4.33 -37.78
N TYR A 762 -27.85 5.61 -37.38
CA TYR A 762 -28.34 6.11 -36.11
C TYR A 762 -29.80 5.67 -35.90
N THR A 763 -30.68 6.12 -36.81
CA THR A 763 -32.11 5.88 -36.74
C THR A 763 -32.37 4.42 -36.42
N ARG A 764 -31.73 3.53 -37.18
CA ARG A 764 -31.98 2.09 -37.17
C ARG A 764 -31.31 1.43 -35.96
N LEU A 765 -30.08 1.84 -35.62
CA LEU A 765 -29.38 1.22 -34.49
C LEU A 765 -30.13 1.49 -33.20
N ARG A 766 -30.51 2.76 -32.98
CA ARG A 766 -31.20 3.21 -31.78
C ARG A 766 -32.48 2.41 -31.62
N LYS A 767 -33.19 2.23 -32.75
CA LYS A 767 -34.40 1.42 -32.79
C LYS A 767 -34.07 0.00 -32.33
N ASN A 768 -33.08 -0.61 -32.97
CA ASN A 768 -32.75 -2.01 -32.72
C ASN A 768 -32.31 -2.22 -31.27
N ILE A 769 -31.42 -1.36 -30.77
CA ILE A 769 -30.97 -1.48 -29.38
C ILE A 769 -32.11 -1.27 -28.38
N VAL A 770 -32.88 -0.19 -28.53
CA VAL A 770 -33.97 0.04 -27.60
C VAL A 770 -34.98 -1.11 -27.63
N GLU A 771 -35.42 -1.54 -28.82
CA GLU A 771 -36.45 -2.58 -28.91
C GLU A 771 -35.98 -3.87 -28.24
N THR A 772 -34.69 -4.21 -28.46
CA THR A 772 -34.14 -5.47 -28.01
C THR A 772 -34.17 -5.49 -26.48
N VAL A 773 -33.68 -4.40 -25.88
CA VAL A 773 -33.62 -4.31 -24.44
C VAL A 773 -35.05 -4.27 -23.91
N TYR A 774 -35.93 -3.59 -24.64
CA TYR A 774 -37.31 -3.45 -24.21
C TYR A 774 -38.09 -4.77 -24.28
N ARG A 775 -38.09 -5.43 -25.45
CA ARG A 775 -38.79 -6.71 -25.58
C ARG A 775 -38.41 -7.62 -24.42
N ASN A 776 -37.11 -7.66 -24.12
CA ASN A 776 -36.58 -8.58 -23.12
C ASN A 776 -37.10 -8.18 -21.73
N TRP A 777 -37.16 -6.88 -21.48
CA TRP A 777 -37.69 -6.38 -20.22
C TRP A 777 -39.16 -6.77 -20.07
N GLU A 778 -39.90 -6.62 -21.18
CA GLU A 778 -41.32 -6.94 -21.17
C GLU A 778 -41.49 -8.43 -20.83
N GLU A 779 -40.67 -9.29 -21.45
CA GLU A 779 -40.88 -10.73 -21.31
C GLU A 779 -40.37 -11.24 -19.96
N THR A 780 -39.21 -10.73 -19.51
CA THR A 780 -38.49 -11.39 -18.42
C THR A 780 -38.51 -10.55 -17.16
N GLY A 781 -38.81 -9.26 -17.32
CA GLY A 781 -38.72 -8.35 -16.20
C GLY A 781 -37.30 -7.80 -15.97
N PHE A 782 -36.31 -8.24 -16.77
CA PHE A 782 -34.91 -7.99 -16.47
C PHE A 782 -34.18 -7.19 -17.55
N ALA A 783 -33.23 -6.37 -17.07
CA ALA A 783 -32.11 -5.88 -17.87
C ALA A 783 -31.04 -6.96 -17.89
N TRP A 784 -30.51 -7.24 -19.09
CA TRP A 784 -29.53 -8.30 -19.24
C TRP A 784 -28.15 -7.72 -19.60
N GLU A 785 -27.11 -8.52 -19.33
CA GLU A 785 -25.72 -8.12 -19.35
C GLU A 785 -25.28 -7.90 -20.79
N GLN A 786 -25.82 -8.73 -21.70
CA GLN A 786 -25.56 -8.71 -23.13
C GLN A 786 -26.76 -9.36 -23.80
N TYR A 787 -26.84 -9.25 -25.13
CA TYR A 787 -28.01 -9.75 -25.83
C TYR A 787 -27.56 -10.52 -27.07
N ASN A 788 -28.29 -11.62 -27.32
CA ASN A 788 -27.88 -12.66 -28.24
C ASN A 788 -28.09 -12.18 -29.68
N PRO A 789 -27.08 -12.20 -30.57
CA PRO A 789 -27.23 -11.54 -31.88
C PRO A 789 -28.20 -12.24 -32.83
N GLU A 790 -28.34 -13.56 -32.69
CA GLU A 790 -29.17 -14.41 -33.54
C GLU A 790 -30.64 -14.38 -33.10
N THR A 791 -30.90 -14.45 -31.79
CA THR A 791 -32.24 -14.60 -31.28
C THR A 791 -32.74 -13.33 -30.61
N GLY A 792 -31.85 -12.41 -30.26
CA GLY A 792 -32.29 -11.19 -29.62
C GLY A 792 -32.53 -11.42 -28.14
N LYS A 793 -32.28 -12.66 -27.66
CA LYS A 793 -32.57 -12.98 -26.27
C LYS A 793 -31.46 -12.43 -25.37
N GLY A 794 -31.89 -12.00 -24.17
CA GLY A 794 -30.95 -11.59 -23.15
C GLY A 794 -30.27 -12.81 -22.55
N GLN A 795 -28.94 -12.74 -22.43
CA GLN A 795 -28.20 -13.85 -21.88
C GLN A 795 -27.23 -13.36 -20.81
N ARG A 796 -26.64 -14.33 -20.11
CA ARG A 796 -25.75 -14.12 -18.98
C ARG A 796 -26.59 -13.56 -17.84
N THR A 797 -26.00 -12.56 -17.18
CA THR A 797 -26.46 -12.05 -15.91
C THR A 797 -27.72 -11.21 -16.10
N GLN A 798 -28.71 -11.43 -15.21
CA GLN A 798 -29.81 -10.48 -15.07
C GLN A 798 -29.51 -9.41 -14.03
N HIS A 799 -30.46 -8.47 -13.88
CA HIS A 799 -30.35 -7.35 -12.95
C HIS A 799 -29.12 -6.51 -13.27
N PHE A 800 -28.78 -6.46 -14.56
CA PHE A 800 -27.61 -5.75 -15.00
C PHE A 800 -27.95 -4.29 -15.26
N THR A 801 -27.91 -3.51 -14.17
CA THR A 801 -28.17 -2.09 -14.25
C THR A 801 -27.15 -1.32 -13.40
N GLY A 802 -25.88 -1.29 -13.82
CA GLY A 802 -25.41 -1.87 -15.08
C GLY A 802 -25.61 -0.93 -16.26
N TRP A 803 -24.70 -1.02 -17.25
CA TRP A 803 -24.73 -0.11 -18.40
C TRP A 803 -25.87 -0.42 -19.37
N THR A 804 -26.60 -1.50 -19.14
CA THR A 804 -27.75 -1.76 -19.97
C THR A 804 -28.75 -0.61 -19.86
N SER A 805 -28.81 0.04 -18.69
CA SER A 805 -29.66 1.19 -18.46
C SER A 805 -29.37 2.40 -19.37
N LEU A 806 -28.26 2.39 -20.11
CA LEU A 806 -27.93 3.50 -20.99
C LEU A 806 -29.08 3.74 -21.97
N VAL A 807 -29.97 2.76 -22.04
CA VAL A 807 -31.09 2.75 -22.97
CA VAL A 807 -31.10 2.74 -22.96
C VAL A 807 -32.00 3.96 -22.71
N VAL A 808 -32.08 4.42 -21.46
CA VAL A 808 -32.95 5.56 -21.15
CA VAL A 808 -32.94 5.56 -21.16
C VAL A 808 -32.43 6.79 -21.88
N LYS A 809 -31.11 6.93 -21.98
CA LYS A 809 -30.49 8.07 -22.67
C LYS A 809 -30.61 7.89 -24.17
N ILE A 810 -30.51 6.64 -24.66
CA ILE A 810 -30.68 6.33 -26.09
C ILE A 810 -32.06 6.79 -26.55
N MET A 811 -33.11 6.45 -25.79
CA MET A 811 -34.48 6.81 -26.12
C MET A 811 -34.65 8.34 -26.11
N SER A 812 -33.96 9.04 -25.21
CA SER A 812 -34.30 10.43 -24.96
C SER A 812 -33.57 11.40 -25.90
N GLY A 813 -32.48 10.94 -26.53
CA GLY A 813 -31.84 11.59 -27.68
C GLY A 813 -31.33 13.01 -27.40
N HIS A 814 -31.25 13.84 -28.46
CA HIS A 814 -30.76 15.22 -28.44
C HIS A 814 -29.43 15.32 -27.68
N HIS A 815 -28.41 14.58 -28.14
CA HIS A 815 -27.22 14.25 -27.37
C HIS A 815 -26.39 15.49 -26.98
N GLU B 35 42.10 -21.02 3.68
CA GLU B 35 42.82 -22.13 2.97
C GLU B 35 43.95 -22.65 3.88
N SER B 36 44.62 -21.75 4.62
CA SER B 36 45.54 -22.12 5.69
C SER B 36 44.76 -22.52 6.96
N ILE B 37 45.23 -23.60 7.61
CA ILE B 37 44.58 -24.23 8.75
C ILE B 37 44.19 -23.20 9.81
N LEU B 38 45.13 -22.31 10.17
CA LEU B 38 44.87 -21.30 11.20
C LEU B 38 43.73 -20.37 10.80
N HIS B 39 43.81 -19.81 9.59
CA HIS B 39 42.86 -18.82 9.10
C HIS B 39 41.44 -19.40 9.13
N SER B 40 41.24 -20.57 8.52
CA SER B 40 40.00 -21.33 8.66
C SER B 40 39.50 -21.32 10.09
N GLU B 41 40.36 -21.83 11.00
CA GLU B 41 39.95 -22.01 12.37
C GLU B 41 39.49 -20.68 12.97
N ILE B 42 40.25 -19.60 12.77
CA ILE B 42 39.83 -18.33 13.35
C ILE B 42 38.42 -18.00 12.84
N GLY B 43 38.24 -18.16 11.53
CA GLY B 43 36.95 -18.03 10.89
C GLY B 43 35.88 -18.87 11.59
N ARG B 44 36.09 -20.20 11.71
CA ARG B 44 35.10 -21.03 12.37
C ARG B 44 34.69 -20.39 13.70
N LEU B 45 35.68 -19.95 14.48
CA LEU B 45 35.43 -19.45 15.82
C LEU B 45 34.62 -18.15 15.79
N ASN B 46 34.86 -17.34 14.76
CA ASN B 46 34.16 -16.07 14.59
C ASN B 46 32.71 -16.29 14.17
N ASN B 47 32.52 -17.20 13.19
CA ASN B 47 31.22 -17.67 12.75
C ASN B 47 30.38 -17.93 13.99
N GLN B 48 30.90 -18.77 14.89
CA GLN B 48 30.11 -19.25 16.02
C GLN B 48 30.07 -18.20 17.11
N SER B 49 31.07 -17.33 17.17
N SER B 49 31.08 -17.33 17.17
CA SER B 49 30.94 -16.23 18.10
CA SER B 49 30.91 -16.24 18.12
C SER B 49 29.75 -15.37 17.69
C SER B 49 29.73 -15.39 17.69
N LEU B 50 29.62 -15.15 16.37
CA LEU B 50 28.73 -14.10 15.89
C LEU B 50 27.36 -14.60 15.41
N LEU B 51 27.13 -15.92 15.42
CA LEU B 51 26.04 -16.55 14.67
C LEU B 51 24.70 -16.02 15.13
N TRP B 52 24.48 -16.00 16.44
CA TRP B 52 23.22 -15.53 16.99
C TRP B 52 23.31 -14.06 17.38
N GLY B 53 22.20 -13.33 17.25
CA GLY B 53 22.14 -11.94 17.69
C GLY B 53 20.73 -11.39 17.52
N PRO B 54 20.40 -10.19 18.09
CA PRO B 54 19.10 -9.57 17.82
C PRO B 54 19.16 -8.86 16.46
N TYR B 55 19.43 -9.63 15.40
CA TYR B 55 19.98 -9.10 14.17
C TYR B 55 18.88 -8.58 13.21
N ARG B 56 17.80 -8.07 13.81
CA ARG B 56 16.63 -7.66 13.06
C ARG B 56 16.29 -6.24 13.49
N PRO B 57 17.13 -5.25 13.11
CA PRO B 57 16.95 -3.88 13.60
C PRO B 57 15.75 -3.12 13.05
N ASN B 58 15.07 -3.71 12.05
CA ASN B 58 13.92 -3.03 11.47
C ASN B 58 12.74 -3.14 12.43
N ILE B 59 12.77 -4.16 13.31
CA ILE B 59 11.79 -4.29 14.38
C ILE B 59 12.42 -3.93 15.73
N TYR B 60 11.55 -3.56 16.67
CA TYR B 60 11.94 -3.19 18.02
C TYR B 60 12.78 -4.30 18.65
N PHE B 61 12.27 -5.53 18.64
CA PHE B 61 13.02 -6.65 19.19
C PHE B 61 12.65 -7.98 18.52
N GLY B 62 13.67 -8.67 18.05
CA GLY B 62 13.53 -10.04 17.58
C GLY B 62 14.93 -10.61 17.32
N THR B 63 15.03 -11.90 17.03
CA THR B 63 16.36 -12.44 16.84
C THR B 63 16.39 -13.26 15.55
N ARG B 64 17.59 -13.47 14.99
CA ARG B 64 17.83 -14.49 13.97
C ARG B 64 19.33 -14.82 13.88
N PRO B 65 19.70 -16.05 13.46
CA PRO B 65 21.12 -16.34 13.21
C PRO B 65 21.53 -15.76 11.85
N ARG B 66 22.84 -15.74 11.60
CA ARG B 66 23.32 -15.35 10.30
C ARG B 66 23.20 -16.56 9.37
N ILE B 67 21.96 -17.02 9.18
CA ILE B 67 21.66 -18.06 8.22
C ILE B 67 20.44 -17.61 7.41
N GLY B 68 20.50 -17.79 6.09
CA GLY B 68 19.43 -17.37 5.19
C GLY B 68 18.04 -17.91 5.54
N LYS B 69 17.88 -19.24 5.55
CA LYS B 69 16.60 -19.80 5.95
C LYS B 69 16.73 -20.42 7.33
N SER B 70 16.02 -19.86 8.32
CA SER B 70 16.17 -20.48 9.63
C SER B 70 15.17 -19.88 10.62
N LEU B 71 15.54 -19.91 11.90
CA LEU B 71 14.67 -19.52 12.99
C LEU B 71 14.72 -18.01 13.15
N MET B 72 13.55 -17.35 13.17
CA MET B 72 13.46 -15.93 13.46
C MET B 72 12.43 -15.68 14.53
N THR B 73 12.74 -14.76 15.43
CA THR B 73 11.75 -14.40 16.43
C THR B 73 11.36 -12.94 16.27
N GLY B 74 10.26 -12.54 16.92
CA GLY B 74 9.95 -11.14 17.05
C GLY B 74 8.89 -10.87 18.12
N LEU B 75 8.93 -9.67 18.68
CA LEU B 75 8.10 -9.24 19.79
C LEU B 75 7.13 -8.16 19.31
N MET B 76 5.85 -8.34 19.63
CA MET B 76 4.86 -7.28 19.46
C MET B 76 4.15 -7.05 20.80
N TRP B 77 3.62 -5.82 20.98
CA TRP B 77 2.86 -5.45 22.16
C TRP B 77 1.95 -4.29 21.81
N GLY B 78 0.86 -4.15 22.57
CA GLY B 78 -0.06 -3.03 22.45
C GLY B 78 -1.09 -3.10 23.57
N LYS B 79 -1.53 -1.91 24.03
CA LYS B 79 -2.62 -1.80 24.99
C LYS B 79 -3.92 -2.20 24.30
N ILE B 80 -4.86 -2.76 25.07
CA ILE B 80 -6.19 -2.98 24.51
C ILE B 80 -7.26 -2.42 25.45
N GLU B 81 -8.17 -1.65 24.84
CA GLU B 81 -9.17 -0.89 25.57
C GLU B 81 -10.52 -1.00 24.88
N SER B 82 -10.54 -1.42 23.62
CA SER B 82 -11.78 -1.48 22.86
C SER B 82 -11.73 -2.61 21.84
N TYR B 83 -12.87 -2.84 21.20
CA TYR B 83 -12.96 -3.87 20.19
C TYR B 83 -12.16 -3.51 18.93
N THR B 84 -11.56 -2.30 18.87
CA THR B 84 -11.02 -1.88 17.59
C THR B 84 -9.67 -1.17 17.69
N ASP B 85 -9.16 -0.96 18.92
CA ASP B 85 -8.03 -0.06 19.11
C ASP B 85 -6.70 -0.80 18.94
N PHE B 86 -6.69 -2.11 19.17
CA PHE B 86 -5.43 -2.85 19.19
C PHE B 86 -4.67 -2.65 17.88
N GLN B 87 -5.37 -2.76 16.76
CA GLN B 87 -4.74 -2.69 15.46
C GLN B 87 -3.97 -1.37 15.29
N HIS B 88 -4.30 -0.35 16.09
CA HIS B 88 -3.61 0.95 16.05
C HIS B 88 -2.55 1.09 17.13
N THR B 89 -2.61 0.25 18.17
CA THR B 89 -1.72 0.43 19.31
C THR B 89 -0.51 -0.50 19.22
N VAL B 90 -0.64 -1.58 18.44
CA VAL B 90 0.34 -2.65 18.45
C VAL B 90 1.63 -2.16 17.79
N ARG B 91 2.78 -2.58 18.32
CA ARG B 91 4.12 -2.26 17.86
C ARG B 91 4.76 -3.53 17.28
N TYR B 92 5.47 -3.39 16.15
CA TYR B 92 6.28 -4.48 15.62
C TYR B 92 7.54 -3.92 14.96
N THR B 93 7.38 -3.23 13.80
CA THR B 93 8.46 -2.56 13.09
C THR B 93 8.68 -1.16 13.65
N CYS B 94 9.95 -0.70 13.60
CA CYS B 94 10.36 0.56 14.21
C CYS B 94 9.77 1.72 13.42
N GLU B 95 9.23 2.71 14.14
CA GLU B 95 8.78 3.98 13.58
C GLU B 95 9.34 5.08 14.45
N GLN B 96 9.01 6.33 14.15
CA GLN B 96 9.40 7.42 15.04
C GLN B 96 8.44 8.58 14.87
N ASN B 97 7.56 8.75 15.87
CA ASN B 97 6.45 9.69 15.82
C ASN B 97 6.21 10.22 17.23
N GLU B 98 5.25 11.16 17.34
CA GLU B 98 4.80 11.79 18.58
C GLU B 98 4.57 10.73 19.65
N GLY B 99 4.10 9.54 19.23
CA GLY B 99 3.57 8.56 20.15
C GLY B 99 4.64 7.67 20.76
N MET B 100 5.87 7.79 20.27
CA MET B 100 7.05 7.11 20.79
C MET B 100 8.04 8.15 21.29
N LYS B 101 8.40 8.08 22.59
CA LYS B 101 9.32 9.02 23.23
C LYS B 101 10.70 8.86 22.61
N GLY B 102 11.22 7.62 22.68
CA GLY B 102 12.45 7.20 22.06
C GLY B 102 12.67 5.71 22.30
N TYR B 103 13.78 5.16 21.79
CA TYR B 103 14.23 3.81 22.10
C TYR B 103 15.65 3.64 21.56
N GLY B 104 16.35 2.67 22.12
CA GLY B 104 17.67 2.35 21.62
C GLY B 104 18.41 1.42 22.59
N TRP B 105 19.68 1.17 22.28
CA TRP B 105 20.48 0.30 23.10
C TRP B 105 21.30 1.13 24.08
N ASP B 106 21.34 0.70 25.36
CA ASP B 106 22.05 1.42 26.41
C ASP B 106 23.46 0.88 26.43
N GLU B 107 23.56 -0.38 25.98
CA GLU B 107 24.82 -1.09 25.95
C GLU B 107 24.65 -2.30 25.03
N TYR B 108 25.70 -2.65 24.29
CA TYR B 108 25.58 -3.70 23.29
C TYR B 108 26.94 -4.17 22.77
N ASP B 109 27.13 -5.50 22.79
CA ASP B 109 28.23 -6.17 22.14
C ASP B 109 27.69 -7.39 21.38
N PRO B 110 27.87 -7.45 20.03
CA PRO B 110 27.47 -8.61 19.23
C PRO B 110 27.84 -9.99 19.77
N ARG B 111 29.00 -10.09 20.42
CA ARG B 111 29.46 -11.36 20.96
C ARG B 111 28.78 -11.72 22.27
N ARG B 112 28.26 -10.72 23.00
CA ARG B 112 27.92 -10.92 24.38
C ARG B 112 26.44 -10.66 24.55
N GLY B 113 25.95 -9.59 23.91
CA GLY B 113 24.56 -9.17 24.00
C GLY B 113 24.42 -7.76 24.57
N GLY B 114 23.26 -7.43 25.11
CA GLY B 114 23.04 -6.07 25.56
C GLY B 114 21.62 -5.82 26.05
N ILE B 115 21.32 -4.53 26.27
CA ILE B 115 20.09 -4.08 26.88
C ILE B 115 19.55 -2.92 26.04
N GLN B 116 18.25 -3.00 25.72
CA GLN B 116 17.56 -2.03 24.89
C GLN B 116 16.41 -1.49 25.71
N SER B 117 16.15 -0.19 25.50
CA SER B 117 15.12 0.52 26.24
C SER B 117 14.12 1.06 25.23
N ILE B 118 12.82 0.91 25.55
CA ILE B 118 11.80 1.44 24.67
C ILE B 118 10.85 2.30 25.50
N HIS B 119 10.67 3.55 25.09
CA HIS B 119 9.82 4.46 25.83
C HIS B 119 8.61 4.80 24.94
N ASP B 120 7.54 4.00 25.09
CA ASP B 120 6.34 4.02 24.26
C ASP B 120 5.28 4.91 24.90
N ILE B 121 5.03 6.10 24.34
CA ILE B 121 4.10 7.05 24.96
C ILE B 121 2.67 6.57 24.70
N GLN B 122 2.43 6.05 23.49
CA GLN B 122 1.07 5.66 23.13
C GLN B 122 0.53 4.52 24.01
N ASN B 123 1.42 3.61 24.44
CA ASN B 123 1.02 2.41 25.16
C ASN B 123 1.42 2.50 26.63
N GLY B 124 1.82 3.71 27.04
CA GLY B 124 2.10 4.08 28.42
C GLY B 124 3.04 3.08 29.06
N LEU B 125 4.09 2.69 28.34
CA LEU B 125 4.98 1.62 28.79
C LEU B 125 6.44 2.00 28.59
N ASP B 126 7.26 1.63 29.56
CA ASP B 126 8.70 1.60 29.42
C ASP B 126 9.12 0.14 29.40
N ILE B 127 9.88 -0.24 28.37
CA ILE B 127 10.15 -1.64 28.16
C ILE B 127 11.65 -1.85 28.12
N THR B 128 12.06 -2.94 28.71
CA THR B 128 13.45 -3.33 28.67
C THR B 128 13.56 -4.66 27.93
N THR B 129 14.36 -4.69 26.87
CA THR B 129 14.64 -5.98 26.27
C THR B 129 16.13 -6.23 26.46
N SER B 130 16.47 -7.20 27.32
CA SER B 130 17.86 -7.54 27.57
C SER B 130 18.18 -8.88 26.91
N PHE B 131 19.30 -8.91 26.20
CA PHE B 131 19.62 -10.08 25.43
C PHE B 131 21.03 -10.56 25.82
N VAL B 132 21.19 -11.88 26.03
CA VAL B 132 22.50 -12.44 26.36
C VAL B 132 22.73 -13.68 25.51
N LYS B 133 24.02 -13.92 25.18
CA LYS B 133 24.49 -15.07 24.43
C LYS B 133 25.33 -15.97 25.35
N ILE B 134 25.27 -17.28 25.13
CA ILE B 134 25.87 -18.22 26.07
C ILE B 134 26.54 -19.31 25.26
N PRO B 135 27.87 -19.25 25.10
CA PRO B 135 28.59 -20.15 24.21
C PRO B 135 28.51 -21.60 24.69
N GLY B 136 28.71 -22.53 23.75
CA GLY B 136 28.54 -23.95 24.01
C GLY B 136 27.88 -24.67 22.84
N GLY B 137 28.35 -25.89 22.58
CA GLY B 137 27.77 -26.67 21.51
C GLY B 137 28.44 -26.33 20.19
N ALA B 138 27.85 -26.83 19.10
CA ALA B 138 28.48 -26.83 17.78
C ALA B 138 27.75 -25.86 16.86
N HIS B 139 26.67 -25.24 17.34
CA HIS B 139 25.73 -24.60 16.43
C HIS B 139 25.57 -23.13 16.80
N GLY B 140 26.64 -22.53 17.32
CA GLY B 140 26.64 -21.09 17.57
C GLY B 140 25.97 -20.70 18.88
N GLY B 141 25.81 -21.67 19.79
CA GLY B 141 25.57 -21.32 21.18
C GLY B 141 24.08 -21.18 21.51
N SER B 142 23.81 -20.75 22.75
CA SER B 142 22.47 -20.57 23.27
C SER B 142 22.31 -19.09 23.52
N TRP B 143 21.09 -18.68 23.88
CA TRP B 143 20.83 -17.28 24.20
C TRP B 143 19.54 -17.19 25.02
N ALA B 144 19.33 -16.01 25.62
CA ALA B 144 18.17 -15.72 26.44
C ALA B 144 17.88 -14.24 26.33
N ALA B 145 16.63 -13.87 26.67
CA ALA B 145 16.15 -12.50 26.64
C ALA B 145 15.10 -12.31 27.69
N ARG B 146 15.16 -11.19 28.41
CA ARG B 146 14.11 -10.86 29.35
C ARG B 146 13.37 -9.64 28.86
N ILE B 147 12.04 -9.75 28.81
CA ILE B 147 11.18 -8.67 28.35
C ILE B 147 10.42 -8.15 29.57
N LYS B 148 10.77 -6.93 30.04
CA LYS B 148 10.16 -6.32 31.21
C LYS B 148 9.40 -5.05 30.82
N GLY B 149 8.09 -5.03 31.09
CA GLY B 149 7.28 -3.85 30.88
C GLY B 149 6.73 -3.26 32.18
N THR B 150 6.74 -1.91 32.25
CA THR B 150 6.51 -1.10 33.44
C THR B 150 5.74 0.15 33.06
N LEU B 151 4.46 0.25 33.46
CA LEU B 151 3.63 1.37 33.06
C LEU B 151 4.20 2.65 33.63
N ASN B 152 4.17 3.74 32.84
CA ASN B 152 4.54 5.08 33.28
C ASN B 152 3.43 5.63 34.18
N ASP B 153 3.61 6.87 34.65
CA ASP B 153 2.69 7.50 35.59
C ASP B 153 1.31 7.81 34.99
N ASP B 154 1.24 8.01 33.66
CA ASP B 154 0.06 8.54 33.00
C ASP B 154 -0.91 7.42 32.61
N ALA B 155 -0.40 6.18 32.57
CA ALA B 155 -1.17 5.03 32.12
C ALA B 155 -2.10 4.57 33.24
N PRO B 156 -3.31 4.08 32.93
CA PRO B 156 -4.16 3.43 33.91
C PRO B 156 -3.48 2.27 34.66
N LYS B 157 -3.55 2.28 35.99
CA LYS B 157 -2.83 1.30 36.81
C LYS B 157 -3.27 -0.12 36.45
N ASP B 158 -4.42 -0.25 35.77
CA ASP B 158 -5.00 -1.54 35.47
C ASP B 158 -5.03 -1.79 33.95
N GLN B 159 -4.27 -1.01 33.17
CA GLN B 159 -4.19 -1.16 31.72
C GLN B 159 -3.86 -2.60 31.31
N LYS B 160 -4.61 -3.09 30.33
CA LYS B 160 -4.40 -4.43 29.80
C LYS B 160 -3.47 -4.35 28.59
N THR B 161 -2.36 -5.11 28.64
CA THR B 161 -1.41 -5.07 27.54
C THR B 161 -1.34 -6.44 26.90
N ILE B 162 -1.44 -6.48 25.57
CA ILE B 162 -1.25 -7.74 24.87
C ILE B 162 0.22 -7.84 24.48
N VAL B 163 0.81 -9.01 24.69
CA VAL B 163 2.19 -9.23 24.32
C VAL B 163 2.27 -10.53 23.51
N VAL B 164 2.90 -10.43 22.33
CA VAL B 164 3.03 -11.57 21.46
C VAL B 164 4.51 -11.81 21.20
N PHE B 165 4.91 -13.06 21.36
CA PHE B 165 6.18 -13.52 20.84
C PHE B 165 5.91 -14.42 19.64
N TYR B 166 6.42 -14.02 18.46
CA TYR B 166 6.23 -14.66 17.16
C TYR B 166 7.49 -15.41 16.74
N VAL B 167 7.33 -16.69 16.42
CA VAL B 167 8.47 -17.52 16.03
C VAL B 167 8.20 -18.16 14.68
N SER B 168 9.20 -18.09 13.79
CA SER B 168 9.02 -18.67 12.47
C SER B 168 10.30 -19.38 12.08
N GLN B 169 10.17 -20.43 11.27
CA GLN B 169 11.33 -21.21 10.85
C GLN B 169 11.16 -21.65 9.40
N GLU B 170 12.07 -21.16 8.57
CA GLU B 170 12.09 -21.46 7.16
C GLU B 170 13.21 -22.47 6.99
N GLY B 171 13.08 -23.34 5.97
CA GLY B 171 14.18 -24.22 5.63
C GLY B 171 13.73 -25.66 5.37
N GLU B 172 14.47 -26.37 4.51
CA GLU B 172 14.19 -27.77 4.20
C GLU B 172 14.55 -28.59 5.44
N ASN B 173 13.83 -29.70 5.62
CA ASN B 173 14.12 -30.68 6.67
C ASN B 173 14.46 -29.94 7.95
N SER B 174 13.45 -29.23 8.44
CA SER B 174 13.53 -28.53 9.71
C SER B 174 12.15 -28.55 10.36
N GLU B 175 12.10 -28.80 11.66
CA GLU B 175 10.84 -29.03 12.37
C GLU B 175 10.75 -28.06 13.55
N LEU B 176 9.52 -27.75 13.95
CA LEU B 176 9.34 -26.97 15.16
C LEU B 176 7.95 -27.28 15.72
N GLU B 177 7.90 -27.54 17.03
CA GLU B 177 6.75 -28.19 17.63
C GLU B 177 6.53 -27.61 19.01
N ALA B 178 5.34 -27.01 19.24
CA ALA B 178 4.95 -26.58 20.57
C ALA B 178 4.48 -27.79 21.39
N VAL B 179 4.87 -27.82 22.66
CA VAL B 179 4.50 -28.92 23.55
C VAL B 179 3.16 -28.57 24.20
N PRO B 180 2.11 -29.41 24.03
CA PRO B 180 0.77 -29.12 24.57
C PRO B 180 0.80 -28.91 26.09
N SER B 181 -0.06 -28.02 26.61
CA SER B 181 -0.15 -27.87 28.06
C SER B 181 -0.89 -29.04 28.70
N GLU B 182 -0.98 -29.04 30.04
CA GLU B 182 -1.82 -29.98 30.78
C GLU B 182 -3.27 -29.49 30.80
N ASN B 183 -3.47 -28.15 30.78
CA ASN B 183 -4.76 -27.52 31.00
C ASN B 183 -5.56 -27.35 29.71
N GLU B 184 -6.85 -27.00 29.88
CA GLU B 184 -7.80 -27.12 28.77
C GLU B 184 -7.49 -26.04 27.74
N PHE B 185 -7.44 -24.79 28.22
CA PHE B 185 -7.61 -23.64 27.34
C PHE B 185 -6.29 -22.93 27.06
N GLY B 186 -5.17 -23.50 27.52
CA GLY B 186 -3.88 -22.83 27.40
C GLY B 186 -2.93 -23.17 28.55
N TYR B 187 -1.98 -22.27 28.82
CA TYR B 187 -0.84 -22.54 29.68
C TYR B 187 -0.90 -21.67 30.95
N GLU B 188 -0.51 -22.31 32.06
CA GLU B 188 -0.24 -21.65 33.33
C GLU B 188 1.26 -21.43 33.42
N GLY B 189 2.00 -22.37 32.82
CA GLY B 189 3.43 -22.45 33.01
C GLY B 189 4.19 -21.83 31.84
N ASP B 190 5.32 -22.46 31.54
CA ASP B 190 6.16 -22.14 30.40
C ASP B 190 5.55 -22.79 29.17
N VAL B 191 5.79 -22.17 28.00
CA VAL B 191 5.57 -22.80 26.71
C VAL B 191 6.91 -23.35 26.24
N ILE B 192 6.90 -24.60 25.75
CA ILE B 192 8.12 -25.18 25.22
C ILE B 192 7.94 -25.47 23.73
N LEU B 193 8.86 -24.95 22.90
CA LEU B 193 8.99 -25.34 21.50
C LEU B 193 10.26 -26.17 21.33
N LYS B 194 10.13 -27.36 20.71
CA LYS B 194 11.26 -28.21 20.36
C LYS B 194 11.42 -28.23 18.84
N GLY B 195 12.62 -27.88 18.38
CA GLY B 195 12.90 -27.77 16.97
C GLY B 195 14.19 -28.48 16.60
N ARG B 196 14.33 -28.76 15.31
CA ARG B 196 15.54 -29.30 14.74
C ARG B 196 15.69 -28.64 13.37
N SER B 197 16.91 -28.24 13.00
CA SER B 197 17.26 -27.89 11.62
C SER B 197 18.69 -28.35 11.37
N GLU B 198 19.08 -28.52 10.10
CA GLU B 198 20.46 -28.89 9.78
C GLU B 198 21.40 -27.89 10.46
N ALA B 199 21.06 -26.59 10.38
CA ALA B 199 21.98 -25.54 10.80
C ALA B 199 22.04 -25.43 12.32
N LEU B 200 20.89 -25.62 12.98
CA LEU B 200 20.81 -25.31 14.39
C LEU B 200 20.99 -26.53 15.28
N GLY B 201 20.98 -27.73 14.67
CA GLY B 201 20.87 -28.97 15.41
C GLY B 201 19.52 -29.06 16.12
N ASN B 202 19.47 -29.76 17.26
CA ASN B 202 18.26 -29.77 18.08
C ASN B 202 18.33 -28.61 19.05
N TYR B 203 17.18 -28.05 19.37
CA TYR B 203 17.15 -26.93 20.30
C TYR B 203 15.78 -26.86 20.93
N LYS B 204 15.70 -25.95 21.90
CA LYS B 204 14.54 -25.80 22.74
C LYS B 204 14.42 -24.30 22.92
N LEU B 205 13.25 -23.77 22.56
CA LEU B 205 12.93 -22.37 22.82
C LEU B 205 11.77 -22.35 23.80
N VAL B 206 11.96 -21.62 24.91
CA VAL B 206 10.98 -21.60 25.97
C VAL B 206 10.52 -20.16 26.15
N VAL B 207 9.19 -19.96 26.23
CA VAL B 207 8.67 -18.70 26.71
C VAL B 207 8.17 -18.91 28.13
N THR B 208 8.84 -18.25 29.09
CA THR B 208 8.63 -18.52 30.50
C THR B 208 7.28 -17.96 30.94
N LYS B 209 6.79 -18.45 32.10
CA LYS B 209 5.49 -18.05 32.64
C LYS B 209 5.45 -16.53 32.76
N GLY B 210 6.48 -15.97 33.40
CA GLY B 210 6.59 -14.53 33.60
C GLY B 210 6.02 -14.13 34.94
N LYS B 211 5.93 -12.82 35.15
CA LYS B 211 5.58 -12.24 36.44
C LYS B 211 4.66 -11.08 36.11
N GLY B 212 3.49 -11.02 36.76
CA GLY B 212 2.49 -10.00 36.50
C GLY B 212 1.08 -10.58 36.51
N VAL B 213 0.10 -9.71 36.82
CA VAL B 213 -1.29 -10.10 36.90
C VAL B 213 -1.79 -10.50 35.51
N ILE B 214 -2.43 -11.68 35.44
CA ILE B 214 -3.11 -12.14 34.24
C ILE B 214 -4.62 -11.89 34.42
N PRO B 215 -5.28 -10.95 33.69
CA PRO B 215 -6.68 -10.63 33.98
C PRO B 215 -7.60 -11.80 33.66
N GLN B 216 -8.65 -11.97 34.47
CA GLN B 216 -9.51 -13.14 34.38
C GLN B 216 -10.87 -12.70 33.88
N SER B 217 -11.55 -13.60 33.13
CA SER B 217 -12.90 -13.32 32.64
C SER B 217 -13.93 -14.24 33.29
N ASP B 218 -15.04 -13.63 33.72
CA ASP B 218 -16.19 -14.34 34.23
C ASP B 218 -17.38 -14.21 33.27
N HIS B 219 -17.14 -13.78 32.02
CA HIS B 219 -18.13 -13.78 30.96
C HIS B 219 -18.34 -15.21 30.46
N ASP B 220 -19.50 -15.42 29.82
CA ASP B 220 -19.91 -16.75 29.41
C ASP B 220 -18.95 -17.30 28.36
N LEU B 221 -18.28 -16.38 27.63
CA LEU B 221 -17.27 -16.73 26.65
C LEU B 221 -16.20 -17.67 27.20
N SER B 222 -15.97 -17.59 28.53
CA SER B 222 -14.94 -18.35 29.24
C SER B 222 -15.13 -19.86 29.08
N ARG B 223 -16.39 -20.29 28.97
CA ARG B 223 -16.69 -21.71 28.86
C ARG B 223 -15.94 -22.29 27.67
N LEU B 224 -15.66 -21.42 26.69
CA LEU B 224 -15.19 -21.87 25.38
C LEU B 224 -13.73 -21.48 25.20
N ARG B 225 -13.29 -20.40 25.88
CA ARG B 225 -12.01 -19.77 25.59
C ARG B 225 -11.12 -19.73 26.83
N GLY B 226 -11.62 -20.27 27.96
CA GLY B 226 -10.87 -20.19 29.20
C GLY B 226 -11.06 -18.84 29.90
N PRO B 227 -10.71 -18.70 31.20
CA PRO B 227 -10.92 -17.44 31.91
C PRO B 227 -9.89 -16.36 31.55
N GLY B 228 -8.87 -16.76 30.78
CA GLY B 228 -7.72 -15.93 30.51
C GLY B 228 -6.42 -16.64 30.90
N GLN B 229 -5.58 -16.91 29.90
CA GLN B 229 -4.30 -17.57 30.08
C GLN B 229 -3.41 -17.39 28.84
N THR B 230 -2.15 -17.85 28.95
CA THR B 230 -1.21 -17.89 27.85
C THR B 230 -1.70 -18.90 26.82
N VAL B 231 -1.58 -18.54 25.55
CA VAL B 231 -2.03 -19.44 24.51
C VAL B 231 -0.96 -19.47 23.41
N VAL B 232 -0.98 -20.53 22.62
CA VAL B 232 -0.06 -20.71 21.52
C VAL B 232 -0.86 -21.23 20.32
N GLN B 233 -0.66 -20.60 19.16
CA GLN B 233 -1.11 -21.17 17.90
C GLN B 233 0.07 -21.60 17.06
N SER B 234 0.10 -22.88 16.71
CA SER B 234 1.10 -23.37 15.80
C SER B 234 0.47 -23.49 14.42
N LEU B 235 1.08 -22.87 13.41
CA LEU B 235 0.47 -22.77 12.10
C LEU B 235 1.50 -23.13 11.02
N THR B 236 1.05 -23.15 9.77
CA THR B 236 1.92 -23.42 8.63
C THR B 236 1.58 -22.43 7.51
N TYR B 237 2.48 -21.49 7.20
CA TYR B 237 2.26 -20.60 6.07
C TYR B 237 3.25 -20.93 4.96
N PRO B 238 3.12 -20.31 3.76
CA PRO B 238 4.15 -20.41 2.73
C PRO B 238 5.37 -19.58 3.15
N ASP B 239 6.55 -20.16 2.84
CA ASP B 239 7.84 -19.58 3.19
C ASP B 239 7.89 -18.07 2.90
N GLU B 240 7.25 -17.64 1.79
CA GLU B 240 7.43 -16.30 1.27
C GLU B 240 6.69 -15.27 2.12
N VAL B 241 5.93 -15.73 3.11
CA VAL B 241 5.13 -14.76 3.84
C VAL B 241 5.46 -14.78 5.33
N LEU B 242 6.40 -15.65 5.74
CA LEU B 242 6.72 -15.78 7.16
C LEU B 242 7.16 -14.46 7.78
N TRP B 243 7.67 -13.53 6.95
CA TRP B 243 8.15 -12.26 7.50
C TRP B 243 7.00 -11.33 7.88
N GLN B 244 5.82 -11.54 7.26
CA GLN B 244 4.68 -10.66 7.45
C GLN B 244 3.99 -11.00 8.77
N ALA B 245 4.70 -10.79 9.89
CA ALA B 245 4.21 -11.21 11.19
C ALA B 245 2.88 -10.53 11.54
N LYS B 246 2.83 -9.19 11.52
CA LYS B 246 1.64 -8.44 11.89
C LYS B 246 0.42 -8.89 11.06
N PRO B 247 0.46 -8.84 9.72
CA PRO B 247 -0.64 -9.39 8.92
C PRO B 247 -1.07 -10.79 9.37
N ILE B 248 -0.10 -11.64 9.70
CA ILE B 248 -0.42 -13.00 10.13
C ILE B 248 -1.13 -12.99 11.49
N LEU B 249 -0.60 -12.24 12.46
CA LEU B 249 -1.23 -12.14 13.77
C LEU B 249 -2.67 -11.68 13.59
N PHE B 250 -2.87 -10.65 12.76
CA PHE B 250 -4.15 -10.00 12.63
C PHE B 250 -5.17 -10.88 11.91
N GLN B 251 -4.66 -11.73 11.00
CA GLN B 251 -5.50 -12.70 10.34
C GLN B 251 -6.02 -13.71 11.35
N GLN B 252 -5.13 -14.18 12.24
CA GLN B 252 -5.54 -15.09 13.30
C GLN B 252 -6.53 -14.41 14.25
N LEU B 253 -6.32 -13.12 14.55
CA LEU B 253 -7.22 -12.46 15.46
C LEU B 253 -8.60 -12.32 14.84
N LYS B 254 -8.64 -12.03 13.53
CA LYS B 254 -9.89 -11.87 12.79
C LYS B 254 -10.61 -13.20 12.70
N ALA B 255 -9.86 -14.30 12.52
CA ALA B 255 -10.45 -15.63 12.49
C ALA B 255 -11.15 -15.90 13.81
N GLY B 256 -10.53 -15.44 14.91
CA GLY B 256 -11.01 -15.73 16.26
C GLY B 256 -12.23 -14.88 16.58
N ILE B 257 -12.39 -13.81 15.81
CA ILE B 257 -13.52 -12.92 16.03
C ILE B 257 -14.72 -13.43 15.24
N ASP B 258 -14.47 -13.94 14.02
CA ASP B 258 -15.52 -14.52 13.20
C ASP B 258 -16.14 -15.74 13.88
N TRP B 259 -15.30 -16.50 14.58
CA TRP B 259 -15.69 -17.75 15.23
C TRP B 259 -16.78 -17.49 16.25
N LEU B 260 -16.84 -16.26 16.78
CA LEU B 260 -17.77 -15.91 17.83
C LEU B 260 -19.21 -16.07 17.35
N VAL B 261 -19.49 -15.63 16.12
CA VAL B 261 -20.84 -15.61 15.59
C VAL B 261 -21.26 -17.00 15.09
N GLU B 262 -20.37 -18.01 15.18
CA GLU B 262 -20.73 -19.39 14.83
C GLU B 262 -20.71 -20.30 16.07
N ASN B 263 -20.65 -19.74 17.29
CA ASN B 263 -20.53 -20.60 18.46
C ASN B 263 -21.39 -20.11 19.62
N LYS B 264 -21.72 -21.04 20.52
CA LYS B 264 -22.80 -20.91 21.48
C LYS B 264 -22.27 -20.31 22.78
N TYR B 265 -22.56 -19.02 22.99
CA TYR B 265 -22.22 -18.34 24.24
C TYR B 265 -23.16 -17.14 24.38
N ASP B 266 -23.28 -16.61 25.59
CA ASP B 266 -24.24 -15.56 25.87
C ASP B 266 -23.67 -14.21 25.42
N VAL B 267 -24.37 -13.56 24.50
CA VAL B 267 -23.82 -12.39 23.86
C VAL B 267 -24.58 -11.15 24.31
N ALA B 268 -25.19 -11.21 25.51
CA ALA B 268 -26.04 -10.11 25.97
C ALA B 268 -25.21 -9.02 26.64
N ASP B 269 -24.18 -9.43 27.41
CA ASP B 269 -23.22 -8.48 27.96
C ASP B 269 -21.98 -8.40 27.06
N PRO B 270 -21.37 -7.20 26.91
CA PRO B 270 -20.06 -7.08 26.24
C PRO B 270 -18.99 -7.94 26.90
N PRO B 271 -18.29 -8.83 26.15
CA PRO B 271 -17.10 -9.53 26.66
C PRO B 271 -15.95 -8.53 26.76
N PRO B 272 -14.90 -8.81 27.55
CA PRO B 272 -13.80 -7.84 27.70
C PRO B 272 -12.94 -7.79 26.43
N PRO B 273 -12.65 -6.58 25.88
CA PRO B 273 -11.82 -6.46 24.67
C PRO B 273 -10.64 -7.43 24.61
N TRP B 274 -9.91 -7.55 25.71
CA TRP B 274 -8.73 -8.39 25.69
C TRP B 274 -9.10 -9.86 25.52
N GLN B 275 -10.32 -10.26 25.86
CA GLN B 275 -10.58 -11.70 25.81
C GLN B 275 -11.03 -12.06 24.40
N VAL B 276 -11.60 -11.07 23.72
CA VAL B 276 -12.10 -11.19 22.37
C VAL B 276 -10.92 -11.27 21.39
N TYR B 277 -9.76 -10.76 21.86
CA TYR B 277 -8.51 -10.67 21.11
C TYR B 277 -7.47 -11.67 21.63
N LEU B 278 -7.91 -12.63 22.46
CA LEU B 278 -7.05 -13.68 22.98
C LEU B 278 -7.21 -14.88 22.06
N LEU B 279 -6.13 -15.36 21.47
CA LEU B 279 -6.28 -16.44 20.50
C LEU B 279 -6.72 -17.72 21.19
N ALA B 280 -7.40 -18.58 20.44
CA ALA B 280 -7.67 -19.94 20.87
C ALA B 280 -6.36 -20.74 20.92
N ASN B 281 -6.15 -21.46 22.02
CA ASN B 281 -5.01 -22.35 22.14
C ASN B 281 -5.03 -23.44 21.07
N LYS B 282 -3.99 -23.52 20.22
CA LYS B 282 -3.87 -24.59 19.24
C LYS B 282 -2.41 -24.99 19.09
N PRO B 283 -1.74 -25.46 20.18
CA PRO B 283 -0.34 -25.90 20.09
C PRO B 283 -0.18 -27.08 19.15
N GLY B 284 1.05 -27.24 18.63
CA GLY B 284 1.47 -28.39 17.85
C GLY B 284 2.53 -28.00 16.83
N SER B 285 2.50 -28.70 15.69
CA SER B 285 3.55 -28.64 14.70
C SER B 285 3.34 -27.45 13.80
N GLY B 286 4.44 -26.81 13.36
CA GLY B 286 4.41 -25.96 12.17
C GLY B 286 5.58 -25.00 12.07
N ASN B 287 5.53 -24.06 11.12
CA ASN B 287 6.62 -23.14 10.87
C ASN B 287 6.30 -21.73 11.38
N VAL B 288 5.11 -21.53 11.96
CA VAL B 288 4.85 -20.30 12.66
C VAL B 288 4.26 -20.67 14.00
N HIS B 289 4.74 -20.03 15.07
CA HIS B 289 4.17 -20.19 16.39
C HIS B 289 3.91 -18.81 17.01
N ILE B 290 2.63 -18.51 17.27
CA ILE B 290 2.29 -17.31 17.99
C ILE B 290 2.05 -17.68 19.46
N VAL B 291 2.85 -17.07 20.34
CA VAL B 291 2.70 -17.16 21.78
C VAL B 291 2.14 -15.82 22.26
N GLN B 292 0.98 -15.87 22.91
CA GLN B 292 0.28 -14.67 23.34
C GLN B 292 0.09 -14.68 24.86
N LYS B 293 0.15 -13.48 25.46
CA LYS B 293 -0.01 -13.23 26.89
C LYS B 293 -0.77 -11.91 27.09
N VAL B 294 -1.71 -11.92 28.01
CA VAL B 294 -2.33 -10.66 28.36
C VAL B 294 -1.95 -10.36 29.81
N PHE B 295 -1.53 -9.13 30.06
CA PHE B 295 -1.11 -8.74 31.38
C PHE B 295 -1.95 -7.56 31.85
N GLU B 296 -2.18 -7.53 33.16
CA GLU B 296 -2.74 -6.36 33.82
C GLU B 296 -1.66 -5.69 34.66
N GLY B 297 -1.50 -4.37 34.49
CA GLY B 297 -0.39 -3.62 35.04
C GLY B 297 0.96 -4.07 34.46
N ASP B 298 2.00 -4.08 35.31
CA ASP B 298 3.39 -4.36 34.95
C ASP B 298 3.56 -5.84 34.69
N PHE B 299 4.61 -6.18 33.94
CA PHE B 299 4.86 -7.55 33.55
C PHE B 299 6.31 -7.73 33.15
N GLU B 300 6.71 -8.99 33.14
CA GLU B 300 8.00 -9.40 32.61
C GLU B 300 7.91 -10.89 32.33
N PHE B 301 8.62 -11.33 31.28
CA PHE B 301 8.79 -12.74 31.00
C PHE B 301 10.12 -12.91 30.27
N ASP B 302 10.54 -14.17 30.11
CA ASP B 302 11.84 -14.52 29.55
C ASP B 302 11.64 -15.47 28.37
N ILE B 303 12.63 -15.45 27.47
CA ILE B 303 12.74 -16.37 26.36
C ILE B 303 14.07 -17.10 26.51
N LEU B 304 14.02 -18.43 26.42
CA LEU B 304 15.20 -19.21 26.73
C LEU B 304 15.48 -20.14 25.55
N PHE B 305 16.63 -19.94 24.91
CA PHE B 305 17.01 -20.74 23.77
C PHE B 305 18.20 -21.61 24.15
N SER B 306 17.99 -22.93 24.20
CA SER B 306 19.07 -23.83 24.53
C SER B 306 19.42 -24.68 23.31
N SER B 307 20.67 -24.52 22.84
CA SER B 307 21.30 -25.36 21.83
C SER B 307 21.53 -26.73 22.48
N GLU B 308 20.97 -27.80 21.91
CA GLU B 308 21.02 -29.07 22.60
C GLU B 308 22.47 -29.55 22.73
N SER B 309 23.29 -29.29 21.70
CA SER B 309 24.68 -29.70 21.67
C SER B 309 25.50 -28.97 22.74
N ALA B 310 24.97 -27.88 23.31
CA ALA B 310 25.69 -27.18 24.36
C ALA B 310 25.62 -27.95 25.69
N GLY B 311 24.98 -29.12 25.64
CA GLY B 311 24.92 -30.10 26.72
C GLY B 311 24.27 -29.59 28.00
N LYS B 312 23.51 -28.48 27.91
CA LYS B 312 23.14 -27.72 29.09
C LYS B 312 21.96 -26.81 28.76
N GLU B 313 20.97 -26.79 29.65
CA GLU B 313 19.77 -25.99 29.44
C GLU B 313 19.99 -24.60 30.02
N VAL B 314 19.48 -23.59 29.32
CA VAL B 314 19.59 -22.21 29.76
C VAL B 314 18.42 -21.93 30.70
N THR B 315 18.74 -21.33 31.84
CA THR B 315 17.73 -21.07 32.87
C THR B 315 17.59 -19.57 33.07
N SER B 316 16.53 -19.15 33.77
CA SER B 316 16.44 -17.72 34.04
C SER B 316 17.56 -17.29 35.00
N LYS B 317 18.09 -18.22 35.80
CA LYS B 317 19.19 -17.85 36.69
C LYS B 317 20.42 -17.55 35.82
N ASP B 318 20.74 -18.51 34.94
CA ASP B 318 21.72 -18.36 33.89
C ASP B 318 21.62 -17.01 33.16
N LEU B 319 20.40 -16.63 32.74
CA LEU B 319 20.12 -15.37 32.09
C LEU B 319 20.53 -14.19 32.96
N GLU B 320 19.99 -14.12 34.19
CA GLU B 320 20.14 -12.96 35.05
C GLU B 320 21.62 -12.77 35.32
N ARG B 321 22.30 -13.89 35.57
CA ARG B 321 23.70 -13.89 35.96
C ARG B 321 24.54 -13.30 34.82
N GLU B 322 24.27 -13.78 33.59
CA GLU B 322 24.99 -13.41 32.39
C GLU B 322 24.69 -11.98 31.94
N VAL B 323 23.50 -11.47 32.23
CA VAL B 323 23.22 -10.07 31.93
C VAL B 323 24.22 -9.20 32.71
N LYS B 324 24.38 -9.50 34.01
CA LYS B 324 25.11 -8.65 34.96
C LYS B 324 26.59 -8.70 34.61
N GLN B 325 27.07 -9.89 34.21
CA GLN B 325 28.47 -10.08 33.88
C GLN B 325 28.79 -9.41 32.55
N ALA B 326 27.84 -9.46 31.60
CA ALA B 326 27.98 -8.75 30.34
C ALA B 326 28.14 -7.25 30.59
N THR B 327 27.32 -6.70 31.50
CA THR B 327 27.36 -5.26 31.77
C THR B 327 28.70 -4.85 32.36
N GLU B 328 29.26 -5.65 33.28
CA GLU B 328 30.60 -5.34 33.78
C GLU B 328 31.57 -5.26 32.58
N VAL B 329 31.71 -6.37 31.85
CA VAL B 329 32.67 -6.47 30.76
C VAL B 329 32.56 -5.28 29.81
N PHE B 330 31.32 -4.90 29.44
CA PHE B 330 31.10 -3.79 28.54
C PHE B 330 31.72 -2.50 29.09
N GLY B 331 31.46 -2.21 30.37
CA GLY B 331 31.88 -0.95 30.97
C GLY B 331 33.40 -0.81 30.94
N GLU B 332 34.06 -1.90 31.37
CA GLU B 332 35.52 -1.97 31.45
C GLU B 332 36.07 -1.75 30.04
N ARG B 333 35.55 -2.48 29.06
CA ARG B 333 36.00 -2.39 27.67
C ARG B 333 35.80 -0.99 27.09
N PHE B 334 34.69 -0.32 27.43
CA PHE B 334 34.42 1.00 26.90
C PHE B 334 35.45 2.00 27.40
N ALA B 335 35.77 1.93 28.70
CA ALA B 335 36.76 2.81 29.28
C ALA B 335 38.13 2.58 28.62
N ARG B 336 38.50 1.30 28.38
CA ARG B 336 39.73 0.94 27.68
C ARG B 336 39.69 1.46 26.23
N VAL B 337 38.60 1.21 25.49
CA VAL B 337 38.62 1.41 24.04
C VAL B 337 38.27 2.84 23.68
N PHE B 338 37.43 3.50 24.46
CA PHE B 338 37.10 4.89 24.19
C PHE B 338 37.44 5.71 25.42
N ASP B 339 38.74 5.92 25.70
CA ASP B 339 39.23 6.79 26.77
C ASP B 339 38.95 8.25 26.37
N LEU B 340 37.83 8.81 26.84
CA LEU B 340 37.48 10.16 26.43
C LEU B 340 38.53 11.14 26.98
N LYS B 341 38.85 12.16 26.18
CA LYS B 341 39.88 13.15 26.51
C LYS B 341 39.22 14.46 26.91
N ALA B 342 40.02 15.38 27.47
CA ALA B 342 39.58 16.71 27.91
C ALA B 342 38.91 17.44 26.75
N PRO B 343 37.81 18.20 26.96
CA PRO B 343 37.18 18.38 28.27
C PRO B 343 35.96 17.48 28.46
N PHE B 344 36.03 16.29 27.88
CA PHE B 344 34.84 15.46 27.78
C PHE B 344 34.98 14.23 28.67
N GLN B 345 35.67 14.39 29.80
CA GLN B 345 35.84 13.27 30.71
C GLN B 345 34.68 13.18 31.71
N GLY B 346 33.79 14.18 31.73
CA GLY B 346 32.57 14.14 32.53
C GLY B 346 31.75 12.86 32.38
N ASP B 347 31.06 12.50 33.46
CA ASP B 347 30.13 11.38 33.51
C ASP B 347 29.06 11.48 32.43
N ASN B 348 28.47 12.66 32.24
CA ASN B 348 27.44 12.92 31.24
C ASN B 348 27.98 12.58 29.84
N TYR B 349 29.23 12.96 29.57
CA TYR B 349 29.88 12.70 28.29
C TYR B 349 30.03 11.19 28.07
N LYS B 350 30.57 10.50 29.07
CA LYS B 350 30.68 9.05 29.06
C LYS B 350 29.32 8.39 28.81
N LYS B 351 28.25 8.85 29.50
CA LYS B 351 26.92 8.27 29.35
C LYS B 351 26.44 8.42 27.91
N PHE B 352 26.77 9.57 27.29
CA PHE B 352 26.38 9.92 25.94
C PHE B 352 27.16 9.11 24.90
N GLY B 353 28.46 8.93 25.13
CA GLY B 353 29.28 8.10 24.27
C GLY B 353 28.84 6.65 24.32
N LYS B 354 28.47 6.16 25.50
CA LYS B 354 28.01 4.79 25.59
C LYS B 354 26.71 4.64 24.81
N SER B 355 25.91 5.70 24.80
CA SER B 355 24.67 5.64 24.06
C SER B 355 24.97 5.59 22.55
N MET B 356 25.77 6.55 22.08
CA MET B 356 25.94 6.72 20.65
C MET B 356 26.57 5.46 20.07
N PHE B 357 27.49 4.86 20.83
CA PHE B 357 28.20 3.72 20.28
C PHE B 357 27.33 2.45 20.34
N SER B 358 26.66 2.24 21.47
CA SER B 358 25.77 1.10 21.61
C SER B 358 24.74 1.08 20.48
N ASN B 359 24.14 2.24 20.20
CA ASN B 359 23.17 2.34 19.14
C ASN B 359 23.78 1.95 17.79
N LEU B 360 25.00 2.43 17.52
CA LEU B 360 25.68 2.21 16.25
C LEU B 360 25.94 0.72 16.08
N ILE B 361 26.58 0.08 17.06
CA ILE B 361 26.96 -1.31 16.91
C ILE B 361 25.73 -2.19 17.03
N GLY B 362 24.69 -1.64 17.67
CA GLY B 362 23.43 -2.33 17.91
C GLY B 362 22.58 -2.37 16.65
N GLY B 363 22.99 -1.58 15.66
CA GLY B 363 22.34 -1.55 14.37
C GLY B 363 22.59 -2.81 13.57
N ILE B 364 23.56 -3.64 13.98
CA ILE B 364 24.04 -4.65 13.06
C ILE B 364 22.88 -5.57 12.68
N GLY B 365 22.65 -5.74 11.38
CA GLY B 365 21.62 -6.65 10.91
C GLY B 365 22.21 -7.84 10.13
N TYR B 366 21.48 -8.96 10.14
CA TYR B 366 21.70 -9.95 9.11
C TYR B 366 20.56 -9.91 8.08
N PHE B 367 20.93 -9.70 6.82
CA PHE B 367 19.94 -9.52 5.75
C PHE B 367 20.14 -10.56 4.66
N TYR B 368 19.03 -11.14 4.18
CA TYR B 368 19.15 -12.23 3.22
C TYR B 368 18.04 -12.19 2.17
N GLY B 369 18.41 -12.45 0.92
CA GLY B 369 17.43 -12.66 -0.13
C GLY B 369 17.88 -12.13 -1.47
N HIS B 370 16.93 -12.02 -2.39
CA HIS B 370 17.18 -11.54 -3.73
C HIS B 370 17.20 -10.01 -3.72
N SER B 371 17.87 -9.45 -4.73
CA SER B 371 18.13 -8.03 -4.87
C SER B 371 17.73 -7.66 -6.29
N LEU B 372 17.35 -6.39 -6.53
CA LEU B 372 16.87 -6.00 -7.84
C LEU B 372 17.92 -5.16 -8.61
N VAL B 373 18.46 -5.74 -9.68
CA VAL B 373 19.48 -5.12 -10.51
C VAL B 373 18.98 -5.05 -11.95
N ASP B 374 19.45 -4.05 -12.69
CA ASP B 374 19.25 -3.92 -14.12
C ASP B 374 20.54 -4.37 -14.82
N ARG B 375 20.49 -5.53 -15.48
CA ARG B 375 21.70 -6.13 -16.05
C ARG B 375 21.74 -5.91 -17.56
N SER B 376 21.03 -4.89 -18.03
CA SER B 376 20.90 -4.67 -19.46
C SER B 376 22.22 -4.19 -20.06
N TYR B 377 22.97 -3.38 -19.28
CA TYR B 377 24.15 -2.65 -19.74
C TYR B 377 23.78 -1.80 -20.97
N ALA B 378 22.59 -1.21 -20.90
CA ALA B 378 22.13 -0.28 -21.92
C ALA B 378 23.24 0.70 -22.33
N PRO B 379 23.55 0.84 -23.65
CA PRO B 379 24.42 1.91 -24.14
C PRO B 379 24.13 3.31 -23.64
N GLU B 380 22.88 3.58 -23.24
CA GLU B 380 22.54 4.90 -22.71
C GLU B 380 23.23 5.11 -21.37
N TYR B 381 23.65 4.01 -20.72
CA TYR B 381 24.24 4.09 -19.40
C TYR B 381 25.68 4.61 -19.46
N ASP B 382 26.30 4.54 -20.65
CA ASP B 382 27.66 5.00 -20.91
C ASP B 382 27.76 6.51 -20.72
N GLU B 383 26.64 7.21 -20.86
CA GLU B 383 26.53 8.63 -20.53
C GLU B 383 27.43 9.49 -21.42
N GLU B 384 27.51 9.18 -22.72
CA GLU B 384 28.41 9.88 -23.63
C GLU B 384 27.81 11.20 -24.12
N ASN B 385 26.50 11.22 -24.45
CA ASN B 385 25.91 12.37 -25.12
C ASN B 385 25.52 13.41 -24.06
N GLU B 386 25.37 14.67 -24.46
CA GLU B 386 24.73 15.64 -23.59
C GLU B 386 23.29 15.17 -23.36
N GLY B 387 22.63 15.75 -22.34
CA GLY B 387 21.35 15.25 -21.88
C GLY B 387 21.33 13.72 -21.68
N PHE B 388 22.44 13.14 -21.18
CA PHE B 388 22.58 11.70 -21.00
C PHE B 388 21.54 11.22 -19.99
N TRP B 389 20.98 12.17 -19.21
CA TRP B 389 19.96 11.77 -18.24
C TRP B 389 18.68 11.31 -18.94
N GLU B 390 18.17 12.12 -19.89
CA GLU B 390 17.06 11.75 -20.75
C GLU B 390 17.28 10.36 -21.35
N ASP B 391 18.52 10.06 -21.81
CA ASP B 391 18.80 8.79 -22.44
C ASP B 391 18.68 7.67 -21.40
N ALA B 392 18.95 8.02 -20.14
CA ALA B 392 19.00 7.06 -19.05
C ALA B 392 17.56 6.74 -18.66
N ALA B 393 16.72 7.79 -18.65
CA ALA B 393 15.29 7.69 -18.33
C ALA B 393 14.59 6.73 -19.28
N GLU B 394 15.01 6.80 -20.55
CA GLU B 394 14.50 5.97 -21.64
C GLU B 394 14.90 4.51 -21.42
N ALA B 395 16.15 4.30 -21.03
CA ALA B 395 16.66 2.95 -20.90
C ALA B 395 16.01 2.29 -19.69
N ARG B 396 15.84 3.07 -18.62
CA ARG B 396 15.14 2.66 -17.41
C ARG B 396 13.74 2.22 -17.81
N ALA B 397 13.12 2.99 -18.72
CA ALA B 397 11.72 2.83 -19.10
C ALA B 397 11.48 1.51 -19.83
N ARG B 398 12.55 0.76 -20.12
CA ARG B 398 12.41 -0.48 -20.87
C ARG B 398 12.38 -1.67 -19.92
N HIS B 399 12.42 -1.34 -18.61
CA HIS B 399 12.21 -2.23 -17.47
C HIS B 399 12.93 -3.58 -17.59
N GLN B 400 14.28 -3.55 -17.68
CA GLN B 400 15.07 -4.77 -17.85
C GLN B 400 15.38 -5.43 -16.51
N GLU B 401 15.21 -4.69 -15.40
CA GLU B 401 15.61 -5.14 -14.08
C GLU B 401 14.93 -6.46 -13.72
N ALA B 402 15.67 -7.29 -12.98
CA ALA B 402 15.24 -8.62 -12.55
C ALA B 402 15.84 -8.92 -11.18
N LEU B 403 15.15 -9.78 -10.40
CA LEU B 403 15.69 -10.16 -9.11
C LEU B 403 16.87 -11.11 -9.33
N GLU B 404 17.97 -10.93 -8.59
CA GLU B 404 19.08 -11.87 -8.64
C GLU B 404 19.55 -12.14 -7.21
N GLY B 405 20.26 -13.27 -7.05
CA GLY B 405 20.65 -13.74 -5.73
C GLY B 405 20.31 -15.22 -5.51
N PRO B 406 19.97 -15.66 -4.27
CA PRO B 406 19.97 -14.78 -3.09
C PRO B 406 21.38 -14.27 -2.77
N TYR B 407 21.43 -13.20 -1.97
CA TYR B 407 22.65 -12.65 -1.41
C TYR B 407 22.45 -12.54 0.10
N GLU B 408 23.54 -12.31 0.85
CA GLU B 408 23.48 -12.10 2.30
C GLU B 408 24.41 -10.95 2.66
N LEU B 409 24.08 -10.28 3.77
CA LEU B 409 24.85 -9.13 4.21
C LEU B 409 24.74 -8.98 5.73
N PHE B 410 25.91 -9.07 6.36
CA PHE B 410 26.08 -8.76 7.76
C PHE B 410 26.69 -7.36 7.88
N THR B 411 25.88 -6.35 8.22
CA THR B 411 26.30 -4.95 8.17
C THR B 411 25.66 -4.11 9.28
N SER B 412 26.26 -2.99 9.61
CA SER B 412 25.48 -2.08 10.42
C SER B 412 24.69 -1.17 9.50
N ILE B 413 23.83 -0.31 10.08
CA ILE B 413 22.83 0.42 9.31
C ILE B 413 22.71 1.86 9.78
N PRO B 414 22.33 2.78 8.88
CA PRO B 414 22.12 4.17 9.26
C PRO B 414 21.01 4.46 10.26
N SER B 415 19.87 3.75 10.13
CA SER B 415 18.63 4.15 10.78
C SER B 415 17.63 2.99 10.84
N ARG B 416 17.29 2.60 12.08
CA ARG B 416 16.34 1.52 12.30
C ARG B 416 14.97 1.92 11.74
N PRO B 417 14.41 3.13 12.05
CA PRO B 417 13.09 3.50 11.58
C PRO B 417 12.94 3.79 10.08
N PHE B 418 14.01 4.26 9.43
CA PHE B 418 13.83 4.86 8.12
C PHE B 418 14.60 4.12 7.02
N PHE B 419 15.82 3.66 7.29
CA PHE B 419 16.58 2.99 6.25
C PHE B 419 17.35 1.80 6.84
N PRO B 420 16.67 0.76 7.37
CA PRO B 420 17.38 -0.33 8.06
C PRO B 420 18.03 -1.28 7.05
N ARG B 421 19.09 -0.79 6.38
CA ARG B 421 19.72 -1.56 5.32
C ARG B 421 21.11 -1.00 5.04
N GLY B 422 21.96 -1.82 4.40
CA GLY B 422 23.34 -1.43 4.14
C GLY B 422 23.44 -0.29 3.13
N PHE B 423 24.20 0.76 3.46
CA PHE B 423 24.54 1.79 2.49
C PHE B 423 26.05 1.86 2.33
N LEU B 424 26.52 1.75 1.08
CA LEU B 424 27.91 1.44 0.80
C LEU B 424 28.90 2.39 1.51
N TRP B 425 28.74 3.72 1.42
CA TRP B 425 29.79 4.58 1.97
C TRP B 425 29.58 4.81 3.47
N ASP B 426 28.31 4.68 3.90
CA ASP B 426 27.95 4.83 5.30
C ASP B 426 28.73 3.83 6.14
N GLU B 427 28.88 2.60 5.63
CA GLU B 427 29.50 1.51 6.39
C GLU B 427 30.96 1.81 6.70
N GLY B 428 31.64 2.48 5.75
CA GLY B 428 33.00 2.93 5.95
C GLY B 428 33.13 3.75 7.23
N PHE B 429 32.23 4.72 7.42
CA PHE B 429 32.21 5.52 8.64
C PHE B 429 31.80 4.70 9.85
N HIS B 430 30.71 3.93 9.71
CA HIS B 430 30.17 3.07 10.74
C HIS B 430 31.28 2.22 11.37
N LEU B 431 32.14 1.68 10.52
CA LEU B 431 33.09 0.66 10.97
C LEU B 431 34.33 1.28 11.62
N LEU B 432 34.51 2.61 11.53
CA LEU B 432 35.63 3.24 12.20
C LEU B 432 35.54 3.06 13.71
N PRO B 433 34.43 3.46 14.39
CA PRO B 433 34.22 3.12 15.80
C PRO B 433 34.09 1.63 16.09
N ILE B 434 33.41 0.88 15.22
CA ILE B 434 33.26 -0.54 15.50
C ILE B 434 34.62 -1.25 15.49
N ALA B 435 35.50 -0.90 14.52
CA ALA B 435 36.82 -1.51 14.38
C ALA B 435 37.62 -1.37 15.66
N ASP B 436 37.55 -0.18 16.29
CA ASP B 436 38.22 0.12 17.55
C ASP B 436 37.78 -0.88 18.61
N TRP B 437 36.47 -1.10 18.67
CA TRP B 437 35.85 -1.99 19.63
C TRP B 437 36.22 -3.44 19.36
N ASP B 438 36.15 -3.87 18.09
CA ASP B 438 36.23 -5.28 17.75
C ASP B 438 36.69 -5.39 16.30
N ILE B 439 38.01 -5.50 16.07
CA ILE B 439 38.56 -5.38 14.72
C ILE B 439 38.04 -6.53 13.87
N ASP B 440 37.83 -7.68 14.53
CA ASP B 440 37.43 -8.91 13.87
C ASP B 440 35.97 -8.78 13.40
N LEU B 441 35.16 -8.11 14.22
CA LEU B 441 33.77 -7.86 13.86
C LEU B 441 33.71 -6.96 12.62
N ALA B 442 34.65 -6.01 12.54
CA ALA B 442 34.68 -5.07 11.43
C ALA B 442 35.12 -5.82 10.17
N LEU B 443 36.07 -6.74 10.33
CA LEU B 443 36.61 -7.44 9.17
C LEU B 443 35.54 -8.35 8.56
N GLU B 444 34.67 -8.95 9.41
CA GLU B 444 33.58 -9.79 8.94
C GLU B 444 32.65 -8.96 8.07
N ILE B 445 32.27 -7.78 8.57
CA ILE B 445 31.34 -6.90 7.89
C ILE B 445 31.96 -6.47 6.56
N ILE B 446 33.28 -6.31 6.52
CA ILE B 446 33.93 -5.90 5.30
C ILE B 446 33.92 -7.07 4.32
N LYS B 447 34.13 -8.28 4.84
CA LYS B 447 34.15 -9.46 3.99
C LYS B 447 32.74 -9.63 3.41
N SER B 448 31.73 -9.41 4.27
CA SER B 448 30.34 -9.56 3.89
C SER B 448 30.07 -8.73 2.64
N TRP B 449 30.39 -7.44 2.74
CA TRP B 449 30.19 -6.47 1.67
C TRP B 449 30.95 -6.86 0.41
N TYR B 450 32.26 -7.09 0.54
CA TYR B 450 33.09 -7.45 -0.60
C TYR B 450 32.63 -8.77 -1.23
N ASN B 451 31.87 -9.55 -0.47
CA ASN B 451 31.30 -10.76 -1.07
C ASN B 451 30.13 -10.47 -2.02
N LEU B 452 29.63 -9.24 -2.03
CA LEU B 452 28.53 -8.92 -2.92
C LEU B 452 29.07 -8.51 -4.28
N MET B 453 30.37 -8.23 -4.31
CA MET B 453 30.94 -7.66 -5.50
C MET B 453 30.82 -8.65 -6.65
N ASP B 454 30.31 -8.16 -7.79
CA ASP B 454 30.21 -8.93 -9.02
C ASP B 454 31.58 -9.09 -9.67
N GLU B 455 31.61 -9.74 -10.83
CA GLU B 455 32.84 -10.09 -11.52
C GLU B 455 33.51 -8.85 -12.10
N ASP B 456 32.79 -7.72 -12.20
CA ASP B 456 33.43 -6.56 -12.80
C ASP B 456 34.00 -5.62 -11.74
N GLY B 457 33.61 -5.88 -10.47
CA GLY B 457 34.05 -5.13 -9.32
C GLY B 457 33.06 -4.07 -8.86
N TRP B 458 31.77 -4.30 -9.15
CA TRP B 458 30.68 -3.45 -8.67
C TRP B 458 30.03 -4.02 -7.41
N ILE B 459 29.75 -3.11 -6.47
CA ILE B 459 28.88 -3.33 -5.32
C ILE B 459 27.82 -2.22 -5.32
N ALA B 460 26.55 -2.65 -5.38
CA ALA B 460 25.41 -1.73 -5.40
C ALA B 460 25.47 -0.92 -4.13
N ARG B 461 25.17 0.38 -4.22
CA ARG B 461 25.39 1.31 -3.11
C ARG B 461 24.32 1.17 -2.04
N GLU B 462 23.26 0.40 -2.32
CA GLU B 462 22.17 0.20 -1.36
C GLU B 462 21.69 -1.24 -1.46
N GLN B 463 21.94 -2.01 -0.39
CA GLN B 463 21.57 -3.41 -0.38
C GLN B 463 20.19 -3.59 0.23
N ILE B 464 19.24 -3.96 -0.64
CA ILE B 464 17.87 -4.28 -0.26
C ILE B 464 17.67 -5.77 -0.53
N LEU B 465 18.02 -6.62 0.44
CA LEU B 465 17.92 -8.06 0.24
C LEU B 465 16.64 -8.62 0.86
N GLY B 466 15.85 -9.32 0.03
CA GLY B 466 14.62 -9.97 0.48
C GLY B 466 13.36 -9.08 0.45
N ALA B 467 12.23 -9.78 0.32
CA ALA B 467 10.89 -9.24 0.35
C ALA B 467 10.69 -8.33 1.55
N GLU B 468 11.20 -8.76 2.71
CA GLU B 468 11.00 -8.02 3.95
C GLU B 468 11.68 -6.66 3.84
N ALA B 469 12.92 -6.64 3.35
CA ALA B 469 13.74 -5.44 3.22
C ALA B 469 13.03 -4.48 2.28
N ARG B 470 12.48 -5.09 1.24
CA ARG B 470 12.01 -4.46 0.03
C ARG B 470 10.70 -3.72 0.34
N SER B 471 9.92 -4.28 1.25
CA SER B 471 8.64 -3.74 1.65
C SER B 471 8.82 -2.41 2.38
N LYS B 472 10.06 -2.02 2.67
CA LYS B 472 10.20 -0.74 3.35
C LYS B 472 10.48 0.37 2.33
N VAL B 473 10.64 0.01 1.05
CA VAL B 473 11.34 0.85 0.08
C VAL B 473 10.46 1.07 -1.15
N PRO B 474 10.11 2.34 -1.45
CA PRO B 474 9.27 2.65 -2.62
C PRO B 474 9.93 2.04 -3.86
N LYS B 475 9.11 1.49 -4.75
CA LYS B 475 9.64 0.74 -5.90
C LYS B 475 10.56 1.58 -6.79
N GLU B 476 10.31 2.90 -6.92
CA GLU B 476 11.20 3.72 -7.74
C GLU B 476 12.65 3.69 -7.22
N PHE B 477 12.87 3.17 -6.01
CA PHE B 477 14.23 3.20 -5.47
C PHE B 477 14.92 1.83 -5.40
N GLN B 478 14.27 0.74 -5.82
CA GLN B 478 14.79 -0.57 -5.48
C GLN B 478 15.80 -1.04 -6.51
N THR B 479 15.68 -0.56 -7.75
CA THR B 479 16.54 -1.09 -8.79
C THR B 479 17.96 -0.57 -8.56
N GLN B 480 18.95 -1.46 -8.66
CA GLN B 480 20.36 -1.11 -8.57
C GLN B 480 21.03 -1.09 -9.95
N TYR B 481 21.93 -0.13 -10.18
CA TYR B 481 22.50 0.06 -11.51
C TYR B 481 24.01 -0.17 -11.48
N PRO B 482 24.47 -1.18 -12.24
CA PRO B 482 25.88 -1.62 -12.24
C PRO B 482 26.92 -0.58 -12.66
N HIS B 483 26.45 0.64 -12.94
CA HIS B 483 27.33 1.71 -13.36
C HIS B 483 27.32 2.82 -12.31
N TYR B 484 26.62 2.56 -11.19
CA TYR B 484 26.49 3.55 -10.13
C TYR B 484 27.52 3.29 -9.02
N ALA B 485 28.31 4.31 -8.67
CA ALA B 485 29.35 4.11 -7.66
C ALA B 485 28.92 4.70 -6.32
N ASN B 486 29.85 4.70 -5.37
CA ASN B 486 29.64 5.28 -4.05
C ASN B 486 31.02 5.40 -3.39
N PRO B 487 31.31 6.49 -2.62
CA PRO B 487 32.65 6.73 -2.10
C PRO B 487 33.18 5.48 -1.42
N PRO B 488 34.41 5.04 -1.76
CA PRO B 488 34.94 3.78 -1.23
C PRO B 488 35.44 3.92 0.21
N THR B 489 34.57 4.37 1.12
CA THR B 489 35.03 4.72 2.45
C THR B 489 35.53 3.49 3.20
N LEU B 490 35.16 2.28 2.76
CA LEU B 490 35.59 1.09 3.49
C LEU B 490 37.11 0.98 3.48
N PHE B 491 37.76 1.64 2.52
CA PHE B 491 39.21 1.67 2.47
C PHE B 491 39.76 2.32 3.75
N LEU B 492 39.15 3.43 4.20
CA LEU B 492 39.52 4.04 5.47
C LEU B 492 39.58 2.99 6.58
N VAL B 493 38.61 2.08 6.66
CA VAL B 493 38.70 1.14 7.78
C VAL B 493 39.94 0.29 7.56
N LEU B 494 40.14 -0.11 6.29
CA LEU B 494 41.24 -0.99 5.97
C LEU B 494 42.56 -0.33 6.37
N ASP B 495 42.69 0.96 6.04
CA ASP B 495 43.84 1.81 6.35
C ASP B 495 44.18 1.69 7.84
N ASN B 496 43.15 1.79 8.70
CA ASN B 496 43.33 1.67 10.15
C ASN B 496 43.68 0.25 10.55
N PHE B 497 43.17 -0.73 9.82
CA PHE B 497 43.60 -2.07 10.15
C PHE B 497 45.08 -2.24 9.82
N VAL B 498 45.55 -1.66 8.70
CA VAL B 498 46.93 -1.81 8.26
C VAL B 498 47.87 -1.18 9.30
N GLU B 499 47.57 0.08 9.67
CA GLU B 499 48.21 0.79 10.77
C GLU B 499 48.41 -0.14 11.96
N ARG B 500 47.30 -0.74 12.42
CA ARG B 500 47.29 -1.67 13.53
C ARG B 500 48.21 -2.87 13.32
N LEU B 501 48.18 -3.51 12.14
CA LEU B 501 49.04 -4.63 11.84
C LEU B 501 50.52 -4.26 11.89
N ARG B 502 50.85 -2.97 11.65
CA ARG B 502 52.23 -2.51 11.69
C ARG B 502 52.71 -2.54 13.14
N LYS B 503 51.86 -2.12 14.10
CA LYS B 503 52.21 -2.03 15.50
C LYS B 503 52.37 -3.41 16.22
N THR B 520 40.73 -14.14 23.38
CA THR B 520 39.67 -13.17 23.03
C THR B 520 39.60 -12.98 21.51
N LEU B 521 38.40 -13.21 20.95
CA LEU B 521 38.23 -13.35 19.51
C LEU B 521 38.16 -12.00 18.81
N SER B 522 37.90 -10.95 19.59
CA SER B 522 37.83 -9.59 19.10
C SER B 522 39.06 -9.19 18.30
N THR B 523 40.23 -9.77 18.61
CA THR B 523 41.49 -9.25 18.12
C THR B 523 42.37 -10.36 17.56
N ALA B 524 41.81 -11.56 17.33
CA ALA B 524 42.63 -12.68 16.89
C ALA B 524 43.51 -12.23 15.74
N SER B 525 42.99 -11.30 14.94
CA SER B 525 43.51 -10.99 13.61
C SER B 525 44.68 -10.02 13.71
N VAL B 526 44.84 -9.36 14.87
CA VAL B 526 46.05 -8.57 15.08
C VAL B 526 46.98 -9.28 16.06
N ASP B 527 46.42 -9.87 17.13
CA ASP B 527 47.15 -10.67 18.10
C ASP B 527 48.16 -11.59 17.41
N ASN B 528 47.73 -12.30 16.37
CA ASN B 528 48.62 -13.03 15.49
C ASN B 528 48.58 -12.38 14.12
N PRO B 529 49.57 -11.55 13.72
CA PRO B 529 49.51 -10.85 12.44
C PRO B 529 49.61 -11.74 11.19
N GLU B 530 50.06 -12.97 11.36
CA GLU B 530 49.95 -13.98 10.30
C GLU B 530 48.51 -14.01 9.79
N VAL B 531 47.57 -13.94 10.73
CA VAL B 531 46.14 -14.10 10.48
C VAL B 531 45.59 -12.89 9.73
N GLY B 532 45.96 -11.68 10.19
CA GLY B 532 45.55 -10.45 9.54
C GLY B 532 46.10 -10.38 8.12
N LEU B 533 47.31 -10.90 7.96
CA LEU B 533 48.00 -10.78 6.68
C LEU B 533 47.31 -11.67 5.65
N GLU B 534 46.75 -12.80 6.11
CA GLU B 534 46.07 -13.69 5.17
C GLU B 534 44.69 -13.15 4.83
N TYR B 535 44.04 -12.52 5.81
CA TYR B 535 42.80 -11.81 5.55
C TYR B 535 42.99 -10.81 4.40
N LEU B 536 44.04 -9.97 4.50
CA LEU B 536 44.37 -8.99 3.48
C LEU B 536 44.70 -9.67 2.16
N ARG B 537 45.51 -10.75 2.21
CA ARG B 537 45.93 -11.44 1.00
C ARG B 537 44.71 -11.89 0.20
N ARG B 538 43.67 -12.37 0.89
CA ARG B 538 42.48 -12.88 0.22
C ARG B 538 41.53 -11.75 -0.19
N LEU B 539 41.62 -10.57 0.44
CA LEU B 539 40.74 -9.45 0.10
C LEU B 539 41.33 -8.57 -1.02
N TYR B 540 42.66 -8.45 -1.05
CA TYR B 540 43.39 -7.57 -1.98
C TYR B 540 42.86 -7.64 -3.41
N PRO B 541 42.73 -8.84 -4.04
CA PRO B 541 42.31 -8.91 -5.45
C PRO B 541 40.97 -8.21 -5.64
N LEU B 542 40.06 -8.30 -4.63
CA LEU B 542 38.78 -7.63 -4.76
C LEU B 542 38.94 -6.11 -4.67
N LEU B 543 39.79 -5.64 -3.77
CA LEU B 543 40.14 -4.22 -3.74
C LEU B 543 40.74 -3.78 -5.07
N ARG B 544 41.68 -4.57 -5.61
CA ARG B 544 42.26 -4.27 -6.92
C ARG B 544 41.14 -4.19 -7.94
N ARG B 545 40.22 -5.16 -7.89
CA ARG B 545 39.14 -5.22 -8.87
C ARG B 545 38.26 -3.97 -8.81
N GLN B 546 37.95 -3.52 -7.59
CA GLN B 546 37.08 -2.38 -7.43
C GLN B 546 37.78 -1.12 -7.93
N PHE B 547 39.11 -1.06 -7.68
CA PHE B 547 39.92 0.07 -8.13
C PHE B 547 39.83 0.15 -9.65
N ASP B 548 40.13 -1.00 -10.29
CA ASP B 548 40.06 -1.16 -11.73
C ASP B 548 38.70 -0.64 -12.20
N TRP B 549 37.62 -1.16 -11.57
CA TRP B 549 36.24 -0.88 -11.91
C TRP B 549 35.97 0.62 -11.86
N PHE B 550 36.52 1.31 -10.87
CA PHE B 550 36.29 2.74 -10.71
C PHE B 550 36.88 3.48 -11.90
N ARG B 551 38.08 3.05 -12.32
CA ARG B 551 38.86 3.80 -13.28
C ARG B 551 38.28 3.57 -14.68
N LYS B 552 37.58 2.44 -14.84
CA LYS B 552 36.96 2.07 -16.11
C LYS B 552 35.60 2.74 -16.28
N THR B 553 34.75 2.67 -15.24
CA THR B 553 33.34 3.03 -15.32
C THR B 553 33.10 4.49 -14.94
N GLN B 554 33.99 5.13 -14.17
CA GLN B 554 33.76 6.51 -13.76
C GLN B 554 34.85 7.42 -14.31
N ALA B 555 35.53 6.92 -15.35
CA ALA B 555 36.53 7.69 -16.09
C ALA B 555 35.92 8.99 -16.63
N GLY B 556 36.65 10.09 -16.52
CA GLY B 556 36.33 11.38 -17.12
C GLY B 556 37.02 11.59 -18.46
N ASP B 557 36.83 12.77 -19.07
CA ASP B 557 37.34 13.00 -20.41
C ASP B 557 38.37 14.13 -20.42
N ILE B 558 39.63 13.78 -20.73
CA ILE B 558 40.67 14.77 -20.95
C ILE B 558 40.94 14.91 -22.46
N LYS B 559 41.07 13.76 -23.16
CA LYS B 559 41.53 13.66 -24.55
C LYS B 559 40.60 14.38 -25.54
N SER B 560 39.29 14.17 -25.46
CA SER B 560 38.41 14.62 -26.53
C SER B 560 37.99 16.09 -26.37
N TYR B 561 38.71 16.85 -25.53
CA TYR B 561 38.41 18.26 -25.40
C TYR B 561 39.68 19.10 -25.41
N ASP B 562 39.49 20.39 -25.16
CA ASP B 562 40.54 21.39 -25.05
C ASP B 562 41.12 21.34 -23.64
N ARG B 563 41.80 20.23 -23.29
CA ARG B 563 42.18 20.01 -21.90
C ARG B 563 43.65 19.65 -21.84
N GLU B 564 44.44 20.59 -21.31
CA GLU B 564 45.85 20.33 -21.05
C GLU B 564 46.01 20.02 -19.56
N ALA B 565 46.75 18.94 -19.28
CA ALA B 565 46.97 18.47 -17.93
C ALA B 565 48.11 17.45 -17.91
N TYR B 566 48.76 17.37 -16.74
CA TYR B 566 49.97 16.62 -16.52
C TYR B 566 49.78 15.15 -16.88
N SER B 567 48.61 14.61 -16.52
CA SER B 567 48.24 13.29 -16.99
C SER B 567 47.04 13.46 -17.90
N THR B 568 46.99 12.66 -18.96
CA THR B 568 45.83 12.71 -19.85
C THR B 568 44.80 11.70 -19.35
N LYS B 569 45.24 10.86 -18.42
CA LYS B 569 44.64 9.58 -18.08
C LYS B 569 43.84 9.66 -16.76
N GLU B 570 44.14 10.66 -15.91
CA GLU B 570 43.51 10.73 -14.59
C GLU B 570 42.43 11.79 -14.58
N ALA B 571 41.19 11.42 -14.88
CA ALA B 571 40.08 12.30 -14.54
C ALA B 571 38.81 11.49 -14.31
N TYR B 572 37.86 12.08 -13.57
CA TYR B 572 36.77 11.25 -13.06
C TYR B 572 35.45 12.01 -13.03
N ARG B 573 34.41 11.31 -13.51
CA ARG B 573 33.05 11.82 -13.52
C ARG B 573 32.08 10.79 -12.97
N TRP B 574 31.35 11.20 -11.91
CA TRP B 574 30.36 10.35 -11.27
C TRP B 574 29.29 10.00 -12.30
N ARG B 575 29.27 8.75 -12.74
CA ARG B 575 28.09 8.31 -13.47
C ARG B 575 26.85 8.49 -12.58
N GLY B 576 25.73 8.73 -13.24
CA GLY B 576 24.44 8.54 -12.61
C GLY B 576 23.85 9.85 -12.12
N ARG B 577 24.38 11.00 -12.55
CA ARG B 577 23.66 12.18 -12.11
C ARG B 577 22.43 12.47 -12.97
N THR B 578 21.63 13.35 -12.39
CA THR B 578 20.44 13.91 -13.01
C THR B 578 20.51 15.40 -12.75
N VAL B 579 19.48 16.16 -13.09
CA VAL B 579 19.63 17.60 -13.23
C VAL B 579 19.97 18.26 -11.90
N SER B 580 19.24 17.95 -10.81
CA SER B 580 19.39 18.66 -9.55
C SER B 580 20.26 17.92 -8.52
N HIS B 581 20.83 16.77 -8.90
CA HIS B 581 21.31 15.81 -7.92
C HIS B 581 22.53 15.07 -8.46
N CYS B 582 23.10 14.26 -7.56
CA CYS B 582 24.23 13.37 -7.78
C CYS B 582 24.26 12.42 -6.58
N LEU B 583 23.46 11.36 -6.64
CA LEU B 583 23.22 10.51 -5.48
C LEU B 583 24.40 9.55 -5.26
N THR B 584 24.99 9.10 -6.37
CA THR B 584 26.14 8.21 -6.32
C THR B 584 27.24 8.83 -5.45
N SER B 585 27.37 10.16 -5.52
CA SER B 585 28.48 10.82 -4.88
C SER B 585 28.35 10.80 -3.37
N GLY B 586 27.10 10.58 -2.91
CA GLY B 586 26.78 10.59 -1.48
C GLY B 586 26.32 11.96 -0.97
N LEU B 587 26.61 13.03 -1.72
CA LEU B 587 26.15 14.34 -1.30
C LEU B 587 25.02 14.73 -2.23
N ASP B 588 23.80 14.28 -1.90
CA ASP B 588 22.68 14.16 -2.83
C ASP B 588 22.52 15.40 -3.69
N ASP B 589 22.33 16.56 -3.06
CA ASP B 589 21.92 17.74 -3.82
C ASP B 589 23.00 18.84 -3.79
N TYR B 590 24.25 18.46 -3.49
CA TYR B 590 25.31 19.46 -3.42
C TYR B 590 25.45 20.03 -4.82
N PRO B 591 25.45 21.39 -4.96
CA PRO B 591 25.44 22.05 -6.26
C PRO B 591 26.60 21.63 -7.15
N ARG B 592 26.29 21.12 -8.34
CA ARG B 592 27.28 20.67 -9.30
C ARG B 592 27.20 21.56 -10.54
N PRO B 593 27.84 21.23 -11.68
CA PRO B 593 27.71 22.06 -12.89
C PRO B 593 26.36 21.96 -13.57
N GLN B 594 25.70 23.11 -13.79
CA GLN B 594 24.48 23.17 -14.61
C GLN B 594 24.89 23.44 -16.06
N PRO B 595 24.36 22.70 -17.05
CA PRO B 595 23.65 21.44 -16.81
C PRO B 595 24.65 20.33 -16.53
N PRO B 596 24.20 19.10 -16.20
CA PRO B 596 25.09 17.94 -16.24
C PRO B 596 25.59 17.88 -17.69
N HIS B 597 26.73 17.22 -17.90
CA HIS B 597 27.45 17.19 -19.17
C HIS B 597 28.45 16.05 -19.07
N PRO B 598 28.71 15.31 -20.17
CA PRO B 598 29.64 14.17 -20.14
C PRO B 598 31.13 14.49 -19.99
N GLY B 599 31.46 15.79 -19.98
CA GLY B 599 32.81 16.21 -19.71
C GLY B 599 32.89 16.99 -18.41
N GLU B 600 31.92 16.74 -17.53
CA GLU B 600 32.03 17.11 -16.13
C GLU B 600 33.21 16.35 -15.52
N LEU B 601 33.82 16.96 -14.50
CA LEU B 601 34.86 16.32 -13.72
C LEU B 601 34.65 16.67 -12.25
N HIS B 602 34.56 15.61 -11.42
CA HIS B 602 34.21 15.76 -10.01
C HIS B 602 35.45 15.57 -9.15
N VAL B 603 35.73 16.59 -8.32
CA VAL B 603 37.00 16.66 -7.60
C VAL B 603 36.98 15.66 -6.44
N ASP B 604 35.78 15.46 -5.87
CA ASP B 604 35.56 14.48 -4.82
C ASP B 604 35.84 13.08 -5.35
N LEU B 605 35.36 12.75 -6.55
CA LEU B 605 35.52 11.38 -7.00
C LEU B 605 37.00 11.10 -7.19
N MET B 606 37.75 12.12 -7.65
CA MET B 606 39.17 11.96 -7.93
C MET B 606 39.89 11.74 -6.60
N SER B 607 39.57 12.59 -5.61
CA SER B 607 40.06 12.35 -4.26
C SER B 607 39.83 10.90 -3.79
N TRP B 608 38.64 10.30 -4.04
CA TRP B 608 38.36 8.94 -3.58
C TRP B 608 39.27 7.92 -4.26
N VAL B 609 39.64 8.19 -5.53
CA VAL B 609 40.64 7.36 -6.20
C VAL B 609 41.99 7.56 -5.52
N GLY B 610 42.30 8.82 -5.17
CA GLY B 610 43.39 9.13 -4.25
C GLY B 610 43.43 8.14 -3.09
N VAL B 611 42.35 8.16 -2.29
CA VAL B 611 42.20 7.34 -1.09
C VAL B 611 42.50 5.87 -1.42
N MET B 612 41.90 5.34 -2.51
CA MET B 612 42.03 3.93 -2.84
C MET B 612 43.48 3.57 -3.15
N VAL B 613 44.11 4.40 -4.01
CA VAL B 613 45.45 4.07 -4.46
C VAL B 613 46.44 4.12 -3.29
N LYS B 614 46.29 5.12 -2.41
CA LYS B 614 47.12 5.12 -1.21
C LYS B 614 46.98 3.79 -0.46
N SER B 615 45.73 3.33 -0.26
CA SER B 615 45.47 2.12 0.51
C SER B 615 46.05 0.88 -0.18
N LEU B 616 46.01 0.87 -1.51
CA LEU B 616 46.55 -0.27 -2.26
C LEU B 616 48.08 -0.26 -2.25
N ILE B 617 48.70 0.93 -2.18
CA ILE B 617 50.13 1.01 -1.93
C ILE B 617 50.50 0.29 -0.62
N SER B 618 49.91 0.69 0.53
CA SER B 618 50.21 -0.03 1.77
C SER B 618 49.95 -1.54 1.65
N ILE B 619 48.70 -1.92 1.32
CA ILE B 619 48.30 -3.32 1.35
C ILE B 619 49.19 -4.09 0.37
N GLY B 620 49.34 -3.51 -0.83
CA GLY B 620 50.07 -4.17 -1.89
C GLY B 620 51.50 -4.41 -1.43
N SER B 621 52.06 -3.41 -0.76
CA SER B 621 53.39 -3.48 -0.23
C SER B 621 53.50 -4.54 0.87
N LEU B 622 52.52 -4.58 1.79
CA LEU B 622 52.49 -5.54 2.89
C LEU B 622 52.57 -6.99 2.39
N LEU B 623 52.12 -7.24 1.15
CA LEU B 623 52.02 -8.57 0.56
C LEU B 623 53.15 -8.81 -0.44
N GLY B 624 53.88 -7.75 -0.76
CA GLY B 624 55.00 -7.84 -1.68
C GLY B 624 54.56 -7.88 -3.15
N ALA B 625 53.47 -7.18 -3.49
CA ALA B 625 53.03 -7.03 -4.87
C ALA B 625 53.78 -5.90 -5.57
N THR B 626 55.07 -6.15 -5.86
CA THR B 626 55.99 -5.09 -6.25
C THR B 626 55.68 -4.72 -7.71
N GLU B 627 55.33 -5.75 -8.49
CA GLU B 627 54.63 -5.64 -9.76
C GLU B 627 53.59 -4.50 -9.73
N ASP B 628 52.78 -4.44 -8.67
CA ASP B 628 51.62 -3.55 -8.61
C ASP B 628 52.01 -2.16 -8.08
N VAL B 629 53.00 -2.11 -7.18
CA VAL B 629 53.28 -0.88 -6.47
C VAL B 629 53.77 0.17 -7.46
N GLU B 630 54.55 -0.28 -8.45
CA GLU B 630 55.06 0.61 -9.49
C GLU B 630 53.88 1.32 -10.17
N PHE B 631 52.80 0.58 -10.46
CA PHE B 631 51.64 1.14 -11.17
C PHE B 631 50.85 2.12 -10.28
N TYR B 632 50.62 1.73 -9.02
CA TYR B 632 49.87 2.52 -8.07
C TYR B 632 50.54 3.87 -7.85
N THR B 633 51.85 3.79 -7.60
CA THR B 633 52.77 4.92 -7.53
C THR B 633 52.54 5.92 -8.66
N LYS B 634 52.59 5.44 -9.92
CA LYS B 634 52.41 6.28 -11.09
C LYS B 634 51.05 6.99 -11.03
N VAL B 635 50.04 6.25 -10.56
CA VAL B 635 48.70 6.81 -10.59
C VAL B 635 48.64 7.93 -9.56
N LEU B 636 49.19 7.64 -8.37
CA LEU B 636 49.05 8.58 -7.28
C LEU B 636 49.72 9.90 -7.69
N ASP B 637 50.97 9.81 -8.19
CA ASP B 637 51.65 10.93 -8.82
C ASP B 637 50.76 11.72 -9.77
N ALA B 638 50.05 11.01 -10.66
CA ALA B 638 49.20 11.61 -11.68
C ALA B 638 48.04 12.37 -11.06
N ILE B 639 47.44 11.75 -10.03
CA ILE B 639 46.24 12.31 -9.43
C ILE B 639 46.62 13.62 -8.74
N GLU B 640 47.77 13.58 -8.05
CA GLU B 640 48.32 14.69 -7.27
C GLU B 640 48.49 15.90 -8.17
N HIS B 641 49.02 15.65 -9.38
CA HIS B 641 49.15 16.73 -10.35
C HIS B 641 47.77 17.15 -10.85
N ASN B 642 47.01 16.15 -11.33
CA ASN B 642 45.77 16.41 -12.07
C ASN B 642 44.74 17.15 -11.22
N LEU B 643 44.77 16.95 -9.90
CA LEU B 643 43.98 17.73 -8.96
C LEU B 643 44.28 19.23 -9.13
N ASP B 644 45.58 19.57 -9.25
CA ASP B 644 45.95 20.97 -9.38
C ASP B 644 45.61 21.44 -10.79
N ASP B 645 46.00 20.60 -11.75
CA ASP B 645 45.78 20.83 -13.16
C ASP B 645 44.30 21.12 -13.41
N LEU B 646 43.41 20.15 -13.12
CA LEU B 646 42.00 20.22 -13.53
C LEU B 646 41.06 20.86 -12.49
N HIS B 647 41.45 21.01 -11.21
CA HIS B 647 40.44 21.32 -10.21
C HIS B 647 40.84 22.46 -9.28
N TRP B 648 42.12 22.86 -9.35
CA TRP B 648 42.56 23.95 -8.49
C TRP B 648 42.12 25.29 -9.09
N SER B 649 41.47 26.13 -8.27
CA SER B 649 41.12 27.46 -8.73
C SER B 649 41.94 28.48 -7.95
N GLU B 650 42.84 29.16 -8.68
CA GLU B 650 43.66 30.19 -8.10
C GLU B 650 42.82 31.41 -7.72
N LYS B 651 41.79 31.73 -8.53
CA LYS B 651 40.89 32.83 -8.23
C LYS B 651 40.18 32.60 -6.89
N GLU B 652 39.66 31.38 -6.69
CA GLU B 652 38.68 31.14 -5.63
C GLU B 652 39.40 30.69 -4.36
N GLY B 653 40.59 30.10 -4.52
CA GLY B 653 41.40 29.69 -3.39
C GLY B 653 40.91 28.39 -2.77
N CYS B 654 40.72 27.38 -3.63
N CYS B 654 40.63 27.40 -3.63
CA CYS B 654 40.08 26.12 -3.27
CA CYS B 654 40.06 26.12 -3.25
C CYS B 654 39.92 25.24 -4.50
C CYS B 654 39.78 25.29 -4.50
N TYR B 655 39.34 24.05 -4.30
CA TYR B 655 39.06 23.13 -5.39
C TYR B 655 37.62 23.27 -5.90
N CYS B 656 37.44 22.96 -7.20
CA CYS B 656 36.16 23.06 -7.89
C CYS B 656 35.98 21.88 -8.84
N ASP B 657 34.71 21.55 -9.08
CA ASP B 657 34.37 20.61 -10.14
C ASP B 657 34.61 21.32 -11.48
N ALA B 658 34.68 20.55 -12.58
CA ALA B 658 34.87 21.13 -13.90
C ALA B 658 33.85 20.58 -14.89
N THR B 659 33.47 21.42 -15.88
CA THR B 659 32.63 21.00 -16.99
C THR B 659 33.32 21.39 -18.30
N ILE B 660 32.52 21.36 -19.38
CA ILE B 660 32.70 22.05 -20.63
C ILE B 660 31.51 23.01 -20.76
N ASP B 661 31.79 24.29 -21.01
CA ASP B 661 30.75 25.30 -21.02
C ASP B 661 30.25 25.48 -22.44
N GLU B 662 29.26 26.40 -22.57
CA GLU B 662 28.46 26.61 -23.78
C GLU B 662 29.34 26.88 -25.00
N PHE B 663 30.54 27.39 -24.75
CA PHE B 663 31.46 27.76 -25.83
C PHE B 663 32.50 26.65 -26.05
N GLU B 664 32.29 25.45 -25.50
CA GLU B 664 33.18 24.31 -25.68
C GLU B 664 34.47 24.40 -24.83
N GLU B 665 34.50 25.28 -23.83
CA GLU B 665 35.73 25.52 -23.05
C GLU B 665 35.65 24.94 -21.65
N HIS B 666 36.67 24.16 -21.27
CA HIS B 666 36.94 23.70 -19.92
C HIS B 666 36.81 24.85 -18.93
N LYS B 667 35.85 24.70 -18.01
CA LYS B 667 35.48 25.69 -17.02
C LYS B 667 35.42 25.00 -15.66
N LEU B 668 36.01 25.68 -14.67
CA LEU B 668 35.80 25.33 -13.28
C LEU B 668 34.49 25.96 -12.85
N VAL B 669 33.85 25.33 -11.86
CA VAL B 669 32.57 25.69 -11.28
C VAL B 669 32.72 25.64 -9.77
N CYS B 670 32.89 26.80 -9.12
CA CYS B 670 33.19 26.75 -7.71
C CYS B 670 31.93 27.04 -6.91
N HIS B 671 31.62 26.09 -6.01
CA HIS B 671 30.66 26.34 -4.96
C HIS B 671 31.35 25.98 -3.65
N LYS B 672 31.64 26.99 -2.82
CA LYS B 672 32.53 26.76 -1.69
C LYS B 672 31.75 25.99 -0.62
N GLY B 673 32.18 24.75 -0.39
CA GLY B 673 31.55 23.87 0.56
C GLY B 673 32.38 22.60 0.75
N TYR B 674 31.72 21.50 1.15
CA TYR B 674 32.47 20.31 1.46
C TYR B 674 33.30 19.88 0.25
N ILE B 675 32.70 19.97 -0.95
CA ILE B 675 33.31 19.42 -2.16
C ILE B 675 34.65 20.11 -2.39
N SER B 676 34.72 21.39 -2.02
CA SER B 676 35.86 22.27 -2.23
C SER B 676 37.08 21.81 -1.45
N LEU B 677 36.87 20.99 -0.41
CA LEU B 677 37.89 20.61 0.56
C LEU B 677 38.41 19.21 0.28
N PHE B 678 37.86 18.55 -0.74
CA PHE B 678 37.97 17.11 -0.77
C PHE B 678 39.41 16.60 -0.74
N PRO B 679 40.35 17.09 -1.58
CA PRO B 679 41.75 16.64 -1.52
C PRO B 679 42.33 16.75 -0.11
N PHE B 680 41.88 17.77 0.64
CA PHE B 680 42.22 17.88 2.05
C PHE B 680 41.58 16.79 2.90
N LEU B 681 40.23 16.69 2.87
CA LEU B 681 39.44 15.78 3.67
C LEU B 681 39.95 14.34 3.59
N THR B 682 40.46 13.94 2.42
CA THR B 682 40.83 12.57 2.17
C THR B 682 42.31 12.38 2.46
N GLY B 683 42.96 13.44 2.96
CA GLY B 683 44.38 13.51 3.29
C GLY B 683 45.28 13.22 2.09
N LEU B 684 45.18 14.06 1.05
CA LEU B 684 46.04 13.90 -0.11
C LEU B 684 47.06 15.02 -0.19
N LEU B 685 46.91 16.06 0.65
CA LEU B 685 47.80 17.20 0.58
C LEU B 685 48.96 17.02 1.55
N LYS B 686 50.18 17.32 1.08
CA LYS B 686 51.36 17.33 1.93
C LYS B 686 51.20 18.49 2.96
N PRO B 687 51.79 18.39 4.17
CA PRO B 687 51.55 19.42 5.20
C PRO B 687 52.21 20.78 5.00
N ASP B 688 52.99 20.90 3.92
CA ASP B 688 53.59 22.16 3.51
C ASP B 688 53.01 22.59 2.16
N SER B 689 51.73 22.33 1.93
CA SER B 689 51.16 22.69 0.64
C SER B 689 50.67 24.12 0.76
N PRO B 690 51.04 25.02 -0.17
CA PRO B 690 50.46 26.36 -0.20
C PRO B 690 48.94 26.29 -0.32
N LYS B 691 48.44 25.21 -0.95
CA LYS B 691 47.02 25.07 -1.19
C LYS B 691 46.34 24.65 0.10
N LEU B 692 47.10 23.99 0.97
CA LEU B 692 46.51 23.53 2.22
C LEU B 692 46.21 24.74 3.09
N GLY B 693 47.11 25.72 3.06
CA GLY B 693 46.97 26.96 3.82
C GLY B 693 45.72 27.75 3.43
N LYS B 694 45.41 27.77 2.12
CA LYS B 694 44.27 28.50 1.61
C LYS B 694 42.98 27.79 2.01
N LEU B 695 43.05 26.46 2.11
CA LEU B 695 41.87 25.68 2.45
C LEU B 695 41.58 25.84 3.94
N LEU B 696 42.64 25.84 4.76
CA LEU B 696 42.48 25.98 6.19
C LEU B 696 41.80 27.32 6.45
N ALA B 697 42.10 28.29 5.59
CA ALA B 697 41.67 29.65 5.82
C ALA B 697 40.18 29.75 5.53
N LEU B 698 39.76 28.96 4.53
CA LEU B 698 38.35 28.89 4.15
C LEU B 698 37.53 28.18 5.22
N ILE B 699 38.09 27.09 5.78
CA ILE B 699 37.43 26.25 6.77
C ILE B 699 37.15 27.10 7.99
N GLY B 700 38.09 27.99 8.32
CA GLY B 700 38.06 28.72 9.58
C GLY B 700 37.21 29.99 9.49
N ASP B 701 36.66 30.24 8.28
CA ASP B 701 36.09 31.51 7.88
C ASP B 701 34.62 31.57 8.29
N GLU B 702 34.33 32.37 9.35
CA GLU B 702 33.01 32.52 9.98
C GLU B 702 31.96 32.95 8.95
N SER B 703 32.42 33.53 7.84
CA SER B 703 31.53 34.15 6.89
C SER B 703 31.14 33.15 5.81
N GLU B 704 31.83 32.01 5.79
CA GLU B 704 31.76 31.04 4.70
C GLU B 704 31.33 29.68 5.24
N LEU B 705 32.24 28.96 5.89
CA LEU B 705 32.01 27.56 6.20
C LEU B 705 31.81 27.34 7.70
N TRP B 706 32.28 28.26 8.55
CA TRP B 706 32.53 27.98 9.96
C TRP B 706 31.43 28.52 10.86
N SER B 707 30.49 27.63 11.19
CA SER B 707 29.34 27.88 12.04
C SER B 707 29.78 27.61 13.48
N PRO B 708 28.98 28.06 14.49
CA PRO B 708 29.25 27.69 15.89
C PRO B 708 29.21 26.17 16.12
N TYR B 709 28.65 25.45 15.13
CA TYR B 709 28.11 24.11 15.31
C TYR B 709 28.82 23.08 14.42
N GLY B 710 29.89 23.48 13.72
CA GLY B 710 30.58 22.60 12.80
C GLY B 710 30.67 23.25 11.42
N LEU B 711 31.23 22.53 10.43
CA LEU B 711 31.43 23.10 9.11
C LEU B 711 30.13 23.00 8.32
N ARG B 712 29.61 24.16 7.85
CA ARG B 712 28.52 24.22 6.89
C ARG B 712 28.90 23.39 5.66
N SER B 713 27.95 22.60 5.13
CA SER B 713 28.18 21.78 3.95
C SER B 713 28.43 22.67 2.72
N LEU B 714 27.67 23.77 2.64
CA LEU B 714 27.77 24.79 1.62
C LEU B 714 27.93 26.16 2.26
N SER B 715 28.65 27.04 1.56
CA SER B 715 29.06 28.33 2.10
C SER B 715 27.89 29.33 2.13
N LYS B 716 27.79 30.10 3.22
CA LYS B 716 26.74 31.11 3.37
C LYS B 716 26.67 31.99 2.11
N LYS B 717 27.84 32.26 1.53
CA LYS B 717 27.99 33.19 0.42
C LYS B 717 27.62 32.54 -0.91
N ASP B 718 27.67 31.21 -0.99
CA ASP B 718 27.28 30.55 -2.23
C ASP B 718 25.82 30.86 -2.54
N GLU B 719 25.55 30.97 -3.84
CA GLU B 719 24.24 31.36 -4.32
C GLU B 719 23.18 30.29 -4.04
N PHE B 720 23.61 29.07 -3.65
CA PHE B 720 22.66 27.99 -3.48
C PHE B 720 22.43 27.67 -2.01
N TYR B 721 22.97 28.53 -1.12
CA TYR B 721 22.83 28.31 0.30
C TYR B 721 21.35 28.31 0.68
N GLY B 722 20.92 27.27 1.41
CA GLY B 722 19.56 27.22 1.93
C GLY B 722 18.52 26.74 0.91
N THR B 723 18.94 26.47 -0.34
CA THR B 723 18.02 26.28 -1.46
C THR B 723 17.55 24.83 -1.68
N ALA B 724 16.36 24.67 -2.30
CA ALA B 724 15.63 23.45 -2.62
C ALA B 724 15.43 22.56 -1.40
N GLU B 725 15.72 21.26 -1.57
CA GLU B 725 15.59 20.32 -0.48
C GLU B 725 16.54 20.68 0.66
N ASN B 726 17.55 21.53 0.39
CA ASN B 726 18.48 22.02 1.39
C ASN B 726 19.13 20.88 2.18
N TYR B 727 19.69 19.92 1.44
CA TYR B 727 20.14 18.68 2.05
C TYR B 727 21.64 18.76 2.35
N TRP B 728 22.42 19.05 1.31
CA TRP B 728 23.85 19.25 1.49
C TRP B 728 24.21 20.68 1.10
N ARG B 729 23.29 21.63 1.35
CA ARG B 729 23.40 22.98 0.83
C ARG B 729 23.38 24.00 1.95
N SER B 730 23.81 23.60 3.17
CA SER B 730 24.01 24.46 4.32
C SER B 730 24.30 23.66 5.58
N PRO B 731 23.56 22.56 5.83
CA PRO B 731 23.58 21.91 7.16
C PRO B 731 24.91 21.25 7.51
N VAL B 732 25.07 20.97 8.81
CA VAL B 732 26.26 20.36 9.37
C VAL B 732 26.11 18.85 9.33
N TRP B 733 27.03 18.17 8.64
CA TRP B 733 27.09 16.72 8.63
C TRP B 733 28.32 16.23 9.40
N ILE B 734 28.10 15.24 10.27
CA ILE B 734 29.12 14.72 11.16
C ILE B 734 30.15 13.88 10.41
N ASN B 735 29.77 13.20 9.32
CA ASN B 735 30.74 12.34 8.64
C ASN B 735 31.84 13.18 8.01
N ILE B 736 31.47 14.28 7.33
CA ILE B 736 32.45 15.13 6.67
C ILE B 736 33.24 15.91 7.71
N ASN B 737 32.55 16.34 8.76
CA ASN B 737 33.22 17.02 9.88
C ASN B 737 34.23 16.08 10.53
N TYR B 738 33.85 14.80 10.68
CA TYR B 738 34.80 13.84 11.24
C TYR B 738 36.10 13.87 10.44
N LEU B 739 35.96 13.85 9.11
CA LEU B 739 37.09 13.73 8.23
C LEU B 739 37.97 14.96 8.39
N ALA B 740 37.33 16.14 8.46
CA ALA B 740 38.03 17.42 8.66
C ALA B 740 38.85 17.35 9.94
N ILE B 741 38.19 16.92 11.03
CA ILE B 741 38.83 16.86 12.33
C ILE B 741 40.08 15.96 12.29
N VAL B 742 39.94 14.76 11.72
CA VAL B 742 41.04 13.81 11.64
C VAL B 742 42.22 14.44 10.89
N GLN B 743 41.91 15.22 9.85
CA GLN B 743 42.96 15.78 9.01
C GLN B 743 43.63 16.98 9.69
N LEU B 744 42.84 17.87 10.30
CA LEU B 744 43.36 18.97 11.08
C LEU B 744 44.33 18.42 12.14
N TYR B 745 43.95 17.29 12.74
CA TYR B 745 44.79 16.69 13.76
C TYR B 745 46.14 16.24 13.18
N ASN B 746 46.12 15.77 11.93
CA ASN B 746 47.32 15.22 11.34
C ASN B 746 48.33 16.34 11.04
N ILE B 747 47.81 17.52 10.66
CA ILE B 747 48.66 18.67 10.39
C ILE B 747 49.21 19.24 11.71
N ALA B 748 48.41 19.17 12.77
CA ALA B 748 48.71 19.83 14.03
C ALA B 748 49.81 19.07 14.76
N THR B 749 50.27 17.96 14.18
CA THR B 749 51.16 17.07 14.89
C THR B 749 52.33 16.67 14.01
N GLN B 750 52.64 17.52 13.03
CA GLN B 750 53.95 17.48 12.42
C GLN B 750 54.41 18.91 12.18
N ASP B 751 55.67 19.02 11.74
CA ASP B 751 56.28 20.31 11.48
C ASP B 751 55.76 20.90 10.18
N GLY B 752 55.44 22.20 10.22
CA GLY B 752 55.16 22.95 9.01
C GLY B 752 54.52 24.30 9.32
N PRO B 753 54.25 25.13 8.30
CA PRO B 753 53.83 26.51 8.55
C PRO B 753 52.40 26.56 9.09
N TYR B 754 51.65 25.45 8.93
CA TYR B 754 50.22 25.49 9.25
C TYR B 754 49.90 24.70 10.51
N LYS B 755 50.94 24.12 11.12
CA LYS B 755 50.79 23.31 12.33
C LYS B 755 49.93 24.02 13.37
N GLU B 756 50.25 25.30 13.59
CA GLU B 756 49.61 26.10 14.63
C GLU B 756 48.16 26.38 14.25
N THR B 757 47.92 26.62 12.96
CA THR B 757 46.59 26.90 12.47
C THR B 757 45.70 25.68 12.69
N ALA B 758 46.23 24.51 12.33
CA ALA B 758 45.60 23.21 12.52
C ALA B 758 45.27 22.93 13.99
N ARG B 759 46.25 23.04 14.89
CA ARG B 759 46.01 22.82 16.32
C ARG B 759 44.75 23.59 16.75
N ASP B 760 44.61 24.83 16.26
CA ASP B 760 43.59 25.74 16.75
C ASP B 760 42.24 25.23 16.26
N LEU B 761 42.17 24.97 14.96
CA LEU B 761 40.93 24.61 14.30
C LEU B 761 40.54 23.23 14.78
N TYR B 762 41.53 22.35 14.90
CA TYR B 762 41.26 21.02 15.42
C TYR B 762 40.52 21.14 16.74
N THR B 763 41.09 21.92 17.66
CA THR B 763 40.54 22.07 18.99
C THR B 763 39.13 22.67 18.94
N ARG B 764 38.98 23.71 18.13
CA ARG B 764 37.72 24.43 18.18
C ARG B 764 36.60 23.63 17.51
N LEU B 765 36.92 22.89 16.43
CA LEU B 765 35.93 22.14 15.67
C LEU B 765 35.50 20.89 16.45
N ARG B 766 36.47 20.20 17.07
CA ARG B 766 36.15 19.13 17.98
C ARG B 766 35.08 19.61 18.95
N LYS B 767 35.38 20.69 19.70
CA LYS B 767 34.49 21.26 20.72
C LYS B 767 33.12 21.58 20.13
N ASN B 768 33.08 22.29 19.00
CA ASN B 768 31.80 22.57 18.38
C ASN B 768 31.00 21.28 18.18
N ILE B 769 31.57 20.31 17.45
CA ILE B 769 30.86 19.14 16.96
C ILE B 769 30.37 18.30 18.14
N VAL B 770 31.23 18.05 19.12
CA VAL B 770 30.85 17.20 20.22
C VAL B 770 29.72 17.86 20.98
N GLU B 771 29.80 19.19 21.08
CA GLU B 771 28.82 19.94 21.86
C GLU B 771 27.47 19.89 21.17
N THR B 772 27.47 20.12 19.85
CA THR B 772 26.19 20.24 19.18
C THR B 772 25.44 18.91 19.21
N VAL B 773 26.15 17.79 18.97
CA VAL B 773 25.55 16.46 18.97
C VAL B 773 25.11 16.08 20.38
N TYR B 774 25.97 16.39 21.37
CA TYR B 774 25.65 16.13 22.76
C TYR B 774 24.43 16.94 23.23
N ARG B 775 24.42 18.28 22.99
CA ARG B 775 23.35 19.10 23.53
C ARG B 775 22.00 18.57 23.00
N ASN B 776 21.96 18.15 21.73
CA ASN B 776 20.71 17.69 21.13
C ASN B 776 20.32 16.35 21.73
N TRP B 777 21.33 15.54 22.04
CA TRP B 777 21.06 14.22 22.55
C TRP B 777 20.43 14.32 23.95
N GLU B 778 20.86 15.33 24.73
CA GLU B 778 20.28 15.64 26.02
C GLU B 778 18.83 16.07 25.84
N GLU B 779 18.59 16.98 24.91
CA GLU B 779 17.26 17.57 24.80
C GLU B 779 16.26 16.59 24.18
N THR B 780 16.70 15.71 23.26
CA THR B 780 15.78 14.93 22.43
C THR B 780 15.99 13.42 22.62
N GLY B 781 17.19 13.02 23.07
CA GLY B 781 17.47 11.60 23.20
C GLY B 781 18.05 10.99 21.92
N PHE B 782 18.07 11.74 20.80
CA PHE B 782 18.40 11.23 19.48
C PHE B 782 19.71 11.80 18.93
N ALA B 783 20.46 10.93 18.25
CA ALA B 783 21.43 11.30 17.24
C ALA B 783 20.69 11.71 15.98
N TRP B 784 21.07 12.85 15.40
CA TRP B 784 20.39 13.33 14.21
C TRP B 784 21.23 13.13 12.95
N GLU B 785 20.51 13.09 11.83
CA GLU B 785 21.08 12.88 10.51
C GLU B 785 21.96 14.06 10.12
N GLN B 786 21.50 15.29 10.41
CA GLN B 786 22.31 16.48 10.25
C GLN B 786 21.88 17.55 11.24
N TYR B 787 22.76 18.53 11.46
CA TYR B 787 22.50 19.59 12.43
C TYR B 787 22.39 20.94 11.72
N ASN B 788 21.49 21.79 12.25
CA ASN B 788 21.24 23.14 11.74
C ASN B 788 22.43 24.06 12.02
N PRO B 789 22.96 24.76 10.98
CA PRO B 789 24.13 25.61 11.13
C PRO B 789 23.90 26.95 11.85
N GLU B 790 22.63 27.26 12.16
CA GLU B 790 22.28 28.54 12.76
C GLU B 790 21.84 28.36 14.21
N THR B 791 20.92 27.39 14.40
CA THR B 791 20.28 27.14 15.68
C THR B 791 21.04 26.03 16.39
N GLY B 792 21.57 25.07 15.62
CA GLY B 792 22.27 23.91 16.15
C GLY B 792 21.37 22.68 16.33
N LYS B 793 20.08 22.81 16.02
CA LYS B 793 19.10 21.77 16.30
C LYS B 793 19.23 20.64 15.28
N GLY B 794 19.18 19.40 15.76
CA GLY B 794 19.02 18.24 14.90
C GLY B 794 17.85 18.38 13.92
N GLN B 795 18.14 18.13 12.64
CA GLN B 795 17.17 18.23 11.57
C GLN B 795 17.18 16.95 10.75
N ARG B 796 16.21 16.83 9.84
CA ARG B 796 16.05 15.60 9.08
C ARG B 796 15.73 14.44 10.03
N THR B 797 16.16 13.21 9.70
CA THR B 797 15.67 12.06 10.45
C THR B 797 16.37 11.91 11.81
N GLN B 798 15.64 11.35 12.78
CA GLN B 798 16.16 10.92 14.07
C GLN B 798 16.75 9.53 13.94
N HIS B 799 17.29 9.02 15.05
CA HIS B 799 17.74 7.64 15.18
C HIS B 799 18.91 7.30 14.23
N PHE B 800 19.81 8.25 13.98
CA PHE B 800 20.73 8.12 12.86
C PHE B 800 22.08 7.63 13.35
N THR B 801 22.18 6.33 13.61
CA THR B 801 23.42 5.84 14.18
C THR B 801 23.85 4.62 13.40
N GLY B 802 24.23 4.84 12.13
CA GLY B 802 24.35 6.17 11.54
C GLY B 802 25.71 6.79 11.84
N TRP B 803 26.27 7.56 10.89
CA TRP B 803 27.65 8.01 11.05
C TRP B 803 27.75 9.15 12.07
N THR B 804 26.59 9.58 12.61
CA THR B 804 26.62 10.57 13.67
C THR B 804 27.29 10.01 14.92
N SER B 805 27.25 8.69 15.08
CA SER B 805 27.97 8.03 16.15
C SER B 805 29.49 8.21 16.03
N LEU B 806 29.99 8.84 14.96
CA LEU B 806 31.42 9.08 14.86
C LEU B 806 31.87 9.94 16.06
N VAL B 807 30.93 10.67 16.64
CA VAL B 807 31.24 11.58 17.71
C VAL B 807 32.05 10.87 18.81
N VAL B 808 31.83 9.55 18.98
CA VAL B 808 32.53 8.81 20.02
C VAL B 808 34.04 8.88 19.81
N LYS B 809 34.47 8.72 18.56
CA LYS B 809 35.89 8.70 18.27
C LYS B 809 36.40 10.13 18.29
N ILE B 810 35.52 11.11 18.08
CA ILE B 810 35.97 12.49 18.11
C ILE B 810 36.38 12.86 19.53
N MET B 811 35.61 12.36 20.52
CA MET B 811 35.87 12.57 21.94
C MET B 811 37.11 11.81 22.42
N SER B 812 37.58 10.83 21.66
CA SER B 812 38.58 9.89 22.16
C SER B 812 40.02 10.32 21.88
N GLY B 813 40.23 11.30 20.97
CA GLY B 813 41.55 11.69 20.47
C GLY B 813 42.16 10.68 19.49
N HIS B 814 43.22 11.06 18.75
CA HIS B 814 43.76 10.15 17.74
C HIS B 814 45.12 9.59 18.15
#